data_8R8C
# 
_entry.id   8R8C 
# 
_audit_conform.dict_name       mmcif_pdbx.dic 
_audit_conform.dict_version    5.397 
_audit_conform.dict_location   http://mmcif.pdb.org/dictionaries/ascii/mmcif_pdbx.dic 
# 
loop_
_database_2.database_id 
_database_2.database_code 
_database_2.pdbx_database_accession 
_database_2.pdbx_DOI 
PDB   8R8C         pdb_00008r8c 10.2210/pdb8r8c/pdb 
WWPDB D_1292134908 ?            ?                   
# 
loop_
_pdbx_audit_revision_history.ordinal 
_pdbx_audit_revision_history.data_content_type 
_pdbx_audit_revision_history.major_revision 
_pdbx_audit_revision_history.minor_revision 
_pdbx_audit_revision_history.revision_date 
1 'Structure model' 1 0 2023-12-27 
2 'Structure model' 1 1 2024-03-06 
3 'Structure model' 1 2 2024-10-23 
# 
_pdbx_audit_revision_details.ordinal             1 
_pdbx_audit_revision_details.revision_ordinal    1 
_pdbx_audit_revision_details.data_content_type   'Structure model' 
_pdbx_audit_revision_details.provider            repository 
_pdbx_audit_revision_details.type                'Initial release' 
_pdbx_audit_revision_details.description         ? 
_pdbx_audit_revision_details.details             ? 
# 
loop_
_pdbx_audit_revision_group.ordinal 
_pdbx_audit_revision_group.revision_ordinal 
_pdbx_audit_revision_group.data_content_type 
_pdbx_audit_revision_group.group 
1 2 'Structure model' 'Database references' 
2 3 'Structure model' 'Structure summary'   
# 
loop_
_pdbx_audit_revision_category.ordinal 
_pdbx_audit_revision_category.revision_ordinal 
_pdbx_audit_revision_category.data_content_type 
_pdbx_audit_revision_category.category 
1 2 'Structure model' citation                  
2 2 'Structure model' citation_author           
3 3 'Structure model' pdbx_entry_details        
4 3 'Structure model' pdbx_modification_feature 
# 
loop_
_pdbx_audit_revision_item.ordinal 
_pdbx_audit_revision_item.revision_ordinal 
_pdbx_audit_revision_item.data_content_type 
_pdbx_audit_revision_item.item 
1  2 'Structure model' '_citation.journal_abbrev'                     
2  2 'Structure model' '_citation.journal_id_CSD'                     
3  2 'Structure model' '_citation.journal_id_ISSN'                    
4  2 'Structure model' '_citation.journal_volume'                     
5  2 'Structure model' '_citation.page_first'                         
6  2 'Structure model' '_citation.page_last'                          
7  2 'Structure model' '_citation.pdbx_database_id_DOI'               
8  2 'Structure model' '_citation.pdbx_database_id_PubMed'            
9  2 'Structure model' '_citation.title'                              
10 2 'Structure model' '_citation.year'                               
11 2 'Structure model' '_citation_author.identifier_ORCID'            
12 2 'Structure model' '_citation_author.name'                        
13 3 'Structure model' '_pdbx_entry_details.has_protein_modification' 
# 
_pdbx_database_status.status_code                     REL 
_pdbx_database_status.status_code_sf                  REL 
_pdbx_database_status.status_code_mr                  ? 
_pdbx_database_status.entry_id                        8R8C 
_pdbx_database_status.recvd_initial_deposition_date   2023-11-28 
_pdbx_database_status.SG_entry                        N 
_pdbx_database_status.deposit_site                    PDBE 
_pdbx_database_status.process_site                    PDBE 
_pdbx_database_status.status_code_cs                  ? 
_pdbx_database_status.status_code_nmr_data            ? 
_pdbx_database_status.methods_development_category    ? 
_pdbx_database_status.pdb_format_compatible           Y 
# 
_pdbx_database_related.db_name        PDB 
_pdbx_database_related.details        '8R8A containe the same protein but complexed with LacNAc' 
_pdbx_database_related.db_id          8r8a 
_pdbx_database_related.content_type   unspecified 
# 
_pdbx_contact_author.id                 2 
_pdbx_contact_author.email              daniel.bojar@gu.se 
_pdbx_contact_author.name_first         Daniel 
_pdbx_contact_author.name_last          Bojar 
_pdbx_contact_author.name_mi            ? 
_pdbx_contact_author.role               'principal investigator/group leader' 
_pdbx_contact_author.identifier_ORCID   0000-0002-3008-7851 
# 
_audit_author.name               'Varrot, A.' 
_audit_author.pdbx_ordinal       1 
_audit_author.identifier_ORCID   0000-0001-6667-8162 
# 
_citation.abstract                  ? 
_citation.abstract_id_CAS           ? 
_citation.book_id_ISBN              ? 
_citation.book_publisher            ? 
_citation.book_publisher_city       ? 
_citation.book_title                ? 
_citation.coordinate_linkage        ? 
_citation.country                   ? 
_citation.database_id_Medline       ? 
_citation.details                   ? 
_citation.id                        primary 
_citation.journal_abbrev            'Beilstein J Org Chem' 
_citation.journal_id_ASTM           ? 
_citation.journal_id_CSD            ? 
_citation.journal_id_ISSN           1860-5397 
_citation.journal_full              ? 
_citation.journal_issue             ? 
_citation.journal_volume            20 
_citation.language                  ? 
_citation.page_first                306 
_citation.page_last                 320 
_citation.title                     
'Elucidating the glycan-binding specificity and structure of Cucumis melo agglutinin, a new R-type lectin.' 
_citation.year                      2024 
_citation.database_id_CSD           ? 
_citation.pdbx_database_id_DOI      10.3762/bjoc.20.31 
_citation.pdbx_database_id_PubMed   38410776 
_citation.pdbx_database_id_patent   ? 
_citation.unpublished_flag          ? 
# 
loop_
_citation_author.citation_id 
_citation_author.name 
_citation_author.ordinal 
_citation_author.identifier_ORCID 
primary 'Lundstrom, J.' 1 ?                   
primary 'Gillon, E.'    2 ?                   
primary 'Chazalet, V.'  3 ?                   
primary 'Kerekes, N.'   4 0000-0001-7065-8092 
primary 'Di Maio, A.'   5 0000-0002-2740-9098 
primary 'Feizi, T.'     6 0000-0001-6495-0329 
primary 'Liu, Y.'       7 ?                   
primary 'Varrot, A.'    8 0000-0001-6667-8162 
primary 'Bojar, D.'     9 0000-0002-3008-7851 
# 
loop_
_entity.id 
_entity.type 
_entity.src_method 
_entity.pdbx_description 
_entity.formula_weight 
_entity.pdbx_number_of_molecules 
_entity.pdbx_ec 
_entity.pdbx_mutation 
_entity.pdbx_fragment 
_entity.details 
1 polymer     man 'Nigrin b-like'                             13933.389 1   ? ? ? ? 
2 non-polymer syn 'CADMIUM ION'                               112.411   3   ? ? ? ? 
3 non-polymer syn 2-acetamido-2-deoxy-beta-D-galactopyranose  221.208   1   ? ? ? ? 
4 non-polymer syn 2-acetamido-2-deoxy-alpha-D-galactopyranose 221.208   1   ? ? ? ? 
5 water       nat water                                       18.015    171 ? ? ? ? 
# 
_entity_poly.entity_id                      1 
_entity_poly.type                           'polypeptide(L)' 
_entity_poly.nstd_linkage                   no 
_entity_poly.nstd_monomer                   no 
_entity_poly.pdbx_seq_one_letter_code       
;GAMVSRSTHLVGQDGLCLDVIGGYSDNHVPTQLWPCGPQNNQLWTIQADGTIRTMGKCLVPNGHDPGSYTMIDDCNKADP
NDKTWKLYPDGTLTHVRSSLVLTSQGTGAYAITTIETNTSAPTQSWGTAD
;
_entity_poly.pdbx_seq_one_letter_code_can   
;GAMVSRSTHLVGQDGLCLDVIGGYSDNHVPTQLWPCGPQNNQLWTIQADGTIRTMGKCLVPNGHDPGSYTMIDDCNKADP
NDKTWKLYPDGTLTHVRSSLVLTSQGTGAYAITTIETNTSAPTQSWGTAD
;
_entity_poly.pdbx_strand_id                 A 
_entity_poly.pdbx_target_identifier         ? 
# 
loop_
_pdbx_entity_nonpoly.entity_id 
_pdbx_entity_nonpoly.name 
_pdbx_entity_nonpoly.comp_id 
2 'CADMIUM ION'                               CD  
3 2-acetamido-2-deoxy-beta-D-galactopyranose  NGA 
4 2-acetamido-2-deoxy-alpha-D-galactopyranose A2G 
5 water                                       HOH 
# 
loop_
_entity_poly_seq.entity_id 
_entity_poly_seq.num 
_entity_poly_seq.mon_id 
_entity_poly_seq.hetero 
1 1   GLY n 
1 2   ALA n 
1 3   MET n 
1 4   VAL n 
1 5   SER n 
1 6   ARG n 
1 7   SER n 
1 8   THR n 
1 9   HIS n 
1 10  LEU n 
1 11  VAL n 
1 12  GLY n 
1 13  GLN n 
1 14  ASP n 
1 15  GLY n 
1 16  LEU n 
1 17  CYS n 
1 18  LEU n 
1 19  ASP n 
1 20  VAL n 
1 21  ILE n 
1 22  GLY n 
1 23  GLY n 
1 24  TYR n 
1 25  SER n 
1 26  ASP n 
1 27  ASN n 
1 28  HIS n 
1 29  VAL n 
1 30  PRO n 
1 31  THR n 
1 32  GLN n 
1 33  LEU n 
1 34  TRP n 
1 35  PRO n 
1 36  CYS n 
1 37  GLY n 
1 38  PRO n 
1 39  GLN n 
1 40  ASN n 
1 41  ASN n 
1 42  GLN n 
1 43  LEU n 
1 44  TRP n 
1 45  THR n 
1 46  ILE n 
1 47  GLN n 
1 48  ALA n 
1 49  ASP n 
1 50  GLY n 
1 51  THR n 
1 52  ILE n 
1 53  ARG n 
1 54  THR n 
1 55  MET n 
1 56  GLY n 
1 57  LYS n 
1 58  CYS n 
1 59  LEU n 
1 60  VAL n 
1 61  PRO n 
1 62  ASN n 
1 63  GLY n 
1 64  HIS n 
1 65  ASP n 
1 66  PRO n 
1 67  GLY n 
1 68  SER n 
1 69  TYR n 
1 70  THR n 
1 71  MET n 
1 72  ILE n 
1 73  ASP n 
1 74  ASP n 
1 75  CYS n 
1 76  ASN n 
1 77  LYS n 
1 78  ALA n 
1 79  ASP n 
1 80  PRO n 
1 81  ASN n 
1 82  ASP n 
1 83  LYS n 
1 84  THR n 
1 85  TRP n 
1 86  LYS n 
1 87  LEU n 
1 88  TYR n 
1 89  PRO n 
1 90  ASP n 
1 91  GLY n 
1 92  THR n 
1 93  LEU n 
1 94  THR n 
1 95  HIS n 
1 96  VAL n 
1 97  ARG n 
1 98  SER n 
1 99  SER n 
1 100 LEU n 
1 101 VAL n 
1 102 LEU n 
1 103 THR n 
1 104 SER n 
1 105 GLN n 
1 106 GLY n 
1 107 THR n 
1 108 GLY n 
1 109 ALA n 
1 110 TYR n 
1 111 ALA n 
1 112 ILE n 
1 113 THR n 
1 114 THR n 
1 115 ILE n 
1 116 GLU n 
1 117 THR n 
1 118 ASN n 
1 119 THR n 
1 120 SER n 
1 121 ALA n 
1 122 PRO n 
1 123 THR n 
1 124 GLN n 
1 125 SER n 
1 126 TRP n 
1 127 GLY n 
1 128 THR n 
1 129 ALA n 
1 130 ASP n 
# 
_entity_src_gen.entity_id                          1 
_entity_src_gen.pdbx_src_id                        1 
_entity_src_gen.pdbx_alt_source_flag               sample 
_entity_src_gen.pdbx_seq_type                      'Biological sequence' 
_entity_src_gen.pdbx_beg_seq_num                   1 
_entity_src_gen.pdbx_end_seq_num                   130 
_entity_src_gen.gene_src_common_name               muskmelon 
_entity_src_gen.gene_src_genus                     ? 
_entity_src_gen.pdbx_gene_src_gene                 'LOC107992255, 107992255' 
_entity_src_gen.gene_src_species                   ? 
_entity_src_gen.gene_src_strain                    ? 
_entity_src_gen.gene_src_tissue                    ? 
_entity_src_gen.gene_src_tissue_fraction           ? 
_entity_src_gen.gene_src_details                   ? 
_entity_src_gen.pdbx_gene_src_fragment             ? 
_entity_src_gen.pdbx_gene_src_scientific_name      'Cucumis melo' 
_entity_src_gen.pdbx_gene_src_ncbi_taxonomy_id     3656 
_entity_src_gen.pdbx_gene_src_variant              makuva 
_entity_src_gen.pdbx_gene_src_cell_line            ? 
_entity_src_gen.pdbx_gene_src_atcc                 ? 
_entity_src_gen.pdbx_gene_src_organ                ? 
_entity_src_gen.pdbx_gene_src_organelle            ? 
_entity_src_gen.pdbx_gene_src_cell                 ? 
_entity_src_gen.pdbx_gene_src_cellular_location    ? 
_entity_src_gen.host_org_common_name               ? 
_entity_src_gen.pdbx_host_org_scientific_name      'Escherichia coli' 
_entity_src_gen.pdbx_host_org_ncbi_taxonomy_id     562 
_entity_src_gen.host_org_genus                     ? 
_entity_src_gen.pdbx_host_org_gene                 ? 
_entity_src_gen.pdbx_host_org_organ                ? 
_entity_src_gen.host_org_species                   ? 
_entity_src_gen.pdbx_host_org_tissue               ? 
_entity_src_gen.pdbx_host_org_tissue_fraction      ? 
_entity_src_gen.pdbx_host_org_strain               'Tuner (DE3)' 
_entity_src_gen.pdbx_host_org_variant              ? 
_entity_src_gen.pdbx_host_org_cell_line            ? 
_entity_src_gen.pdbx_host_org_atcc                 ? 
_entity_src_gen.pdbx_host_org_culture_collection   ? 
_entity_src_gen.pdbx_host_org_cell                 ? 
_entity_src_gen.pdbx_host_org_organelle            ? 
_entity_src_gen.pdbx_host_org_cellular_location    ? 
_entity_src_gen.pdbx_host_org_vector_type          pET40b-TEV 
_entity_src_gen.pdbx_host_org_vector               ? 
_entity_src_gen.host_org_details                   ? 
_entity_src_gen.expression_system_id               ? 
_entity_src_gen.plasmid_name                       pET40b-TEV-cma-Nter 
_entity_src_gen.plasmid_details                    ? 
_entity_src_gen.pdbx_description                   ? 
# 
loop_
_chem_comp.id 
_chem_comp.type 
_chem_comp.mon_nstd_flag 
_chem_comp.name 
_chem_comp.pdbx_synonyms 
_chem_comp.formula 
_chem_comp.formula_weight 
A2G 'D-saccharide, alpha linking' . 2-acetamido-2-deoxy-alpha-D-galactopyranose 
;N-acetyl-alpha-D-galactosamine; 2-acetamido-2-deoxy-alpha-D-galactose; 2-acetamido-2-deoxy-D-galactose; 2-acetamido-2-deoxy-galactose; N-ACETYL-2-DEOXY-2-AMINO-GALACTOSE
;
'C8 H15 N O6'    221.208 
ALA 'L-peptide linking'           y ALANINE                                     ? 'C3 H7 N O2'     89.093  
ARG 'L-peptide linking'           y ARGININE                                    ? 'C6 H15 N4 O2 1' 175.209 
ASN 'L-peptide linking'           y ASPARAGINE                                  ? 'C4 H8 N2 O3'    132.118 
ASP 'L-peptide linking'           y 'ASPARTIC ACID'                             ? 'C4 H7 N O4'     133.103 
CD  non-polymer                   . 'CADMIUM ION'                               ? 'Cd 2'           112.411 
CYS 'L-peptide linking'           y CYSTEINE                                    ? 'C3 H7 N O2 S'   121.158 
GLN 'L-peptide linking'           y GLUTAMINE                                   ? 'C5 H10 N2 O3'   146.144 
GLU 'L-peptide linking'           y 'GLUTAMIC ACID'                             ? 'C5 H9 N O4'     147.129 
GLY 'peptide linking'             y GLYCINE                                     ? 'C2 H5 N O2'     75.067  
HIS 'L-peptide linking'           y HISTIDINE                                   ? 'C6 H10 N3 O2 1' 156.162 
HOH non-polymer                   . WATER                                       ? 'H2 O'           18.015  
ILE 'L-peptide linking'           y ISOLEUCINE                                  ? 'C6 H13 N O2'    131.173 
LEU 'L-peptide linking'           y LEUCINE                                     ? 'C6 H13 N O2'    131.173 
LYS 'L-peptide linking'           y LYSINE                                      ? 'C6 H15 N2 O2 1' 147.195 
MET 'L-peptide linking'           y METHIONINE                                  ? 'C5 H11 N O2 S'  149.211 
NGA 'D-saccharide, beta linking'  . 2-acetamido-2-deoxy-beta-D-galactopyranose  
;N-acetyl-beta-D-galactosamine; 2-acetamido-2-deoxy-beta-D-galactose; 2-acetamido-2-deoxy-D-galactose; 2-acetamido-2-deoxy-galactose; N-ACETYL-D-GALACTOSAMINE
;
'C8 H15 N O6'    221.208 
PRO 'L-peptide linking'           y PROLINE                                     ? 'C5 H9 N O2'     115.130 
SER 'L-peptide linking'           y SERINE                                      ? 'C3 H7 N O3'     105.093 
THR 'L-peptide linking'           y THREONINE                                   ? 'C4 H9 N O3'     119.119 
TRP 'L-peptide linking'           y TRYPTOPHAN                                  ? 'C11 H12 N2 O2'  204.225 
TYR 'L-peptide linking'           y TYROSINE                                    ? 'C9 H11 N O3'    181.189 
VAL 'L-peptide linking'           y VALINE                                      ? 'C5 H11 N O2'    117.146 
# 
loop_
_pdbx_chem_comp_identifier.comp_id 
_pdbx_chem_comp_identifier.type 
_pdbx_chem_comp_identifier.program 
_pdbx_chem_comp_identifier.program_version 
_pdbx_chem_comp_identifier.identifier 
A2G 'CONDENSED IUPAC CARBOHYDRATE SYMBOL' GMML     1.0 DGalpNAca                        
A2G 'COMMON NAME'                         GMML     1.0 N-acetyl-a-D-galactopyranosamine 
A2G 'IUPAC CARBOHYDRATE SYMBOL'           PDB-CARE 1.0 a-D-GalpNAc                      
A2G 'SNFG CARBOHYDRATE SYMBOL'            GMML     1.0 GalNAc                           
NGA 'CONDENSED IUPAC CARBOHYDRATE SYMBOL' GMML     1.0 DGalpNAcb                        
NGA 'COMMON NAME'                         GMML     1.0 N-acetyl-b-D-galactopyranosamine 
NGA 'IUPAC CARBOHYDRATE SYMBOL'           PDB-CARE 1.0 b-D-GalpNAc                      
NGA 'SNFG CARBOHYDRATE SYMBOL'            GMML     1.0 GalNAc                           
# 
loop_
_pdbx_poly_seq_scheme.asym_id 
_pdbx_poly_seq_scheme.entity_id 
_pdbx_poly_seq_scheme.seq_id 
_pdbx_poly_seq_scheme.mon_id 
_pdbx_poly_seq_scheme.ndb_seq_num 
_pdbx_poly_seq_scheme.pdb_seq_num 
_pdbx_poly_seq_scheme.auth_seq_num 
_pdbx_poly_seq_scheme.pdb_mon_id 
_pdbx_poly_seq_scheme.auth_mon_id 
_pdbx_poly_seq_scheme.pdb_strand_id 
_pdbx_poly_seq_scheme.pdb_ins_code 
_pdbx_poly_seq_scheme.hetero 
A 1 1   GLY 1   3   ?   ?   ?   A . n 
A 1 2   ALA 2   4   4   ALA ALA A . n 
A 1 3   MET 3   5   5   MET MET A . n 
A 1 4   VAL 4   6   6   VAL VAL A . n 
A 1 5   SER 5   7   7   SER SER A . n 
A 1 6   ARG 6   8   8   ARG ARG A . n 
A 1 7   SER 7   9   9   SER SER A . n 
A 1 8   THR 8   10  10  THR THR A . n 
A 1 9   HIS 9   11  11  HIS HIS A . n 
A 1 10  LEU 10  12  12  LEU LEU A . n 
A 1 11  VAL 11  13  13  VAL VAL A . n 
A 1 12  GLY 12  14  14  GLY GLY A . n 
A 1 13  GLN 13  15  15  GLN GLN A . n 
A 1 14  ASP 14  16  16  ASP ASP A . n 
A 1 15  GLY 15  17  17  GLY GLY A . n 
A 1 16  LEU 16  18  18  LEU LEU A . n 
A 1 17  CYS 17  19  19  CYS CYS A . n 
A 1 18  LEU 18  20  20  LEU LEU A . n 
A 1 19  ASP 19  21  21  ASP ASP A . n 
A 1 20  VAL 20  22  22  VAL VAL A . n 
A 1 21  ILE 21  23  23  ILE ILE A . n 
A 1 22  GLY 22  24  24  GLY GLY A . n 
A 1 23  GLY 23  25  25  GLY GLY A . n 
A 1 24  TYR 24  26  26  TYR TYR A . n 
A 1 25  SER 25  27  27  SER SER A . n 
A 1 26  ASP 26  28  28  ASP ASP A . n 
A 1 27  ASN 27  29  29  ASN ASN A . n 
A 1 28  HIS 28  30  30  HIS HIS A . n 
A 1 29  VAL 29  31  31  VAL VAL A . n 
A 1 30  PRO 30  32  32  PRO PRO A . n 
A 1 31  THR 31  33  33  THR THR A . n 
A 1 32  GLN 32  34  34  GLN GLN A . n 
A 1 33  LEU 33  35  35  LEU LEU A . n 
A 1 34  TRP 34  36  36  TRP TRP A . n 
A 1 35  PRO 35  37  37  PRO PRO A . n 
A 1 36  CYS 36  38  38  CYS CYS A . n 
A 1 37  GLY 37  39  39  GLY GLY A . n 
A 1 38  PRO 38  40  40  PRO PRO A . n 
A 1 39  GLN 39  41  41  GLN GLN A . n 
A 1 40  ASN 40  42  42  ASN ASN A . n 
A 1 41  ASN 41  43  43  ASN ASN A . n 
A 1 42  GLN 42  44  44  GLN GLN A . n 
A 1 43  LEU 43  45  45  LEU LEU A . n 
A 1 44  TRP 44  46  46  TRP TRP A . n 
A 1 45  THR 45  47  47  THR THR A . n 
A 1 46  ILE 46  48  48  ILE ILE A . n 
A 1 47  GLN 47  49  49  GLN GLN A . n 
A 1 48  ALA 48  50  50  ALA ALA A . n 
A 1 49  ASP 49  51  51  ASP ASP A . n 
A 1 50  GLY 50  52  52  GLY GLY A . n 
A 1 51  THR 51  53  53  THR THR A . n 
A 1 52  ILE 52  54  54  ILE ILE A . n 
A 1 53  ARG 53  55  55  ARG ARG A . n 
A 1 54  THR 54  56  56  THR THR A . n 
A 1 55  MET 55  57  57  MET MET A . n 
A 1 56  GLY 56  58  58  GLY GLY A . n 
A 1 57  LYS 57  59  59  LYS LYS A . n 
A 1 58  CYS 58  60  60  CYS CYS A . n 
A 1 59  LEU 59  61  61  LEU LEU A . n 
A 1 60  VAL 60  62  62  VAL VAL A . n 
A 1 61  PRO 61  63  63  PRO PRO A . n 
A 1 62  ASN 62  64  64  ASN ASN A . n 
A 1 63  GLY 63  65  65  GLY GLY A . n 
A 1 64  HIS 64  66  66  HIS HIS A . n 
A 1 65  ASP 65  67  67  ASP ASP A . n 
A 1 66  PRO 66  68  68  PRO PRO A . n 
A 1 67  GLY 67  69  69  GLY GLY A . n 
A 1 68  SER 68  70  70  SER SER A . n 
A 1 69  TYR 69  71  71  TYR TYR A . n 
A 1 70  THR 70  72  72  THR THR A . n 
A 1 71  MET 71  73  73  MET MET A . n 
A 1 72  ILE 72  74  74  ILE ILE A . n 
A 1 73  ASP 73  75  75  ASP ASP A . n 
A 1 74  ASP 74  76  76  ASP ASP A . n 
A 1 75  CYS 75  77  77  CYS CYS A . n 
A 1 76  ASN 76  78  78  ASN ASN A . n 
A 1 77  LYS 77  79  79  LYS LYS A . n 
A 1 78  ALA 78  80  80  ALA ALA A . n 
A 1 79  ASP 79  81  81  ASP ASP A . n 
A 1 80  PRO 80  82  82  PRO PRO A . n 
A 1 81  ASN 81  83  83  ASN ASN A . n 
A 1 82  ASP 82  84  84  ASP ASP A . n 
A 1 83  LYS 83  85  85  LYS LYS A . n 
A 1 84  THR 84  86  86  THR THR A . n 
A 1 85  TRP 85  87  87  TRP TRP A . n 
A 1 86  LYS 86  88  88  LYS LYS A . n 
A 1 87  LEU 87  89  89  LEU LEU A . n 
A 1 88  TYR 88  90  90  TYR TYR A . n 
A 1 89  PRO 89  91  91  PRO PRO A . n 
A 1 90  ASP 90  92  92  ASP ASP A . n 
A 1 91  GLY 91  93  93  GLY GLY A . n 
A 1 92  THR 92  94  94  THR THR A . n 
A 1 93  LEU 93  95  95  LEU LEU A . n 
A 1 94  THR 94  96  96  THR THR A . n 
A 1 95  HIS 95  97  97  HIS HIS A . n 
A 1 96  VAL 96  98  98  VAL VAL A . n 
A 1 97  ARG 97  99  99  ARG ARG A . n 
A 1 98  SER 98  100 100 SER SER A . n 
A 1 99  SER 99  101 101 SER SER A . n 
A 1 100 LEU 100 102 102 LEU LEU A . n 
A 1 101 VAL 101 103 103 VAL VAL A . n 
A 1 102 LEU 102 104 104 LEU LEU A . n 
A 1 103 THR 103 105 105 THR THR A . n 
A 1 104 SER 104 106 106 SER SER A . n 
A 1 105 GLN 105 107 107 GLN GLN A . n 
A 1 106 GLY 106 108 108 GLY GLY A . n 
A 1 107 THR 107 109 109 THR THR A . n 
A 1 108 GLY 108 110 110 GLY GLY A . n 
A 1 109 ALA 109 111 111 ALA ALA A . n 
A 1 110 TYR 110 112 112 TYR TYR A . n 
A 1 111 ALA 111 113 113 ALA ALA A . n 
A 1 112 ILE 112 114 114 ILE ILE A . n 
A 1 113 THR 113 115 115 THR THR A . n 
A 1 114 THR 114 116 116 THR THR A . n 
A 1 115 ILE 115 117 117 ILE ILE A . n 
A 1 116 GLU 116 118 118 GLU GLU A . n 
A 1 117 THR 117 119 119 THR THR A . n 
A 1 118 ASN 118 120 120 ASN ASN A . n 
A 1 119 THR 119 121 121 THR THR A . n 
A 1 120 SER 120 122 122 SER SER A . n 
A 1 121 ALA 121 123 123 ALA ALA A . n 
A 1 122 PRO 122 124 124 PRO PRO A . n 
A 1 123 THR 123 125 125 THR THR A . n 
A 1 124 GLN 124 126 126 GLN GLN A . n 
A 1 125 SER 125 127 127 SER SER A . n 
A 1 126 TRP 126 128 128 TRP TRP A . n 
A 1 127 GLY 127 129 129 GLY GLY A . n 
A 1 128 THR 128 130 130 THR THR A . n 
A 1 129 ALA 129 131 131 ALA ALA A . n 
A 1 130 ASP 130 132 132 ASP ASP A . n 
# 
loop_
_pdbx_entity_instance_feature.ordinal 
_pdbx_entity_instance_feature.comp_id 
_pdbx_entity_instance_feature.asym_id 
_pdbx_entity_instance_feature.seq_num 
_pdbx_entity_instance_feature.auth_comp_id 
_pdbx_entity_instance_feature.auth_asym_id 
_pdbx_entity_instance_feature.auth_seq_num 
_pdbx_entity_instance_feature.feature_type 
_pdbx_entity_instance_feature.details 
1 A2G ? ? A2G ? ? 'SUBJECT OF INVESTIGATION' ? 
2 NGA ? ? NGA ? ? 'SUBJECT OF INVESTIGATION' ? 
3 CD  ? ? CD  ? ? 'SUBJECT OF INVESTIGATION' ? 
# 
loop_
_pdbx_nonpoly_scheme.asym_id 
_pdbx_nonpoly_scheme.entity_id 
_pdbx_nonpoly_scheme.mon_id 
_pdbx_nonpoly_scheme.ndb_seq_num 
_pdbx_nonpoly_scheme.pdb_seq_num 
_pdbx_nonpoly_scheme.auth_seq_num 
_pdbx_nonpoly_scheme.pdb_mon_id 
_pdbx_nonpoly_scheme.auth_mon_id 
_pdbx_nonpoly_scheme.pdb_strand_id 
_pdbx_nonpoly_scheme.pdb_ins_code 
B 2 CD  1   201 201 CD  CD  A . 
C 2 CD  1   202 202 CD  CD  A . 
D 2 CD  1   203 203 CD  CD  A . 
E 3 NGA 1   204 206 NGA NGA A . 
F 4 A2G 1   205 207 A2G A2G A . 
G 5 HOH 1   301 110 HOH HOH A . 
G 5 HOH 2   302 109 HOH HOH A . 
G 5 HOH 3   303 50  HOH HOH A . 
G 5 HOH 4   304 117 HOH HOH A . 
G 5 HOH 5   305 130 HOH HOH A . 
G 5 HOH 6   306 61  HOH HOH A . 
G 5 HOH 7   307 39  HOH HOH A . 
G 5 HOH 8   308 145 HOH HOH A . 
G 5 HOH 9   309 69  HOH HOH A . 
G 5 HOH 10  310 96  HOH HOH A . 
G 5 HOH 11  311 99  HOH HOH A . 
G 5 HOH 12  312 155 HOH HOH A . 
G 5 HOH 13  313 46  HOH HOH A . 
G 5 HOH 14  314 56  HOH HOH A . 
G 5 HOH 15  315 171 HOH HOH A . 
G 5 HOH 16  316 112 HOH HOH A . 
G 5 HOH 17  317 26  HOH HOH A . 
G 5 HOH 18  318 121 HOH HOH A . 
G 5 HOH 19  319 139 HOH HOH A . 
G 5 HOH 20  320 135 HOH HOH A . 
G 5 HOH 21  321 137 HOH HOH A . 
G 5 HOH 22  322 118 HOH HOH A . 
G 5 HOH 23  323 4   HOH HOH A . 
G 5 HOH 24  324 147 HOH HOH A . 
G 5 HOH 25  325 6   HOH HOH A . 
G 5 HOH 26  326 66  HOH HOH A . 
G 5 HOH 27  327 157 HOH HOH A . 
G 5 HOH 28  328 48  HOH HOH A . 
G 5 HOH 29  329 95  HOH HOH A . 
G 5 HOH 30  330 78  HOH HOH A . 
G 5 HOH 31  331 73  HOH HOH A . 
G 5 HOH 32  332 10  HOH HOH A . 
G 5 HOH 33  333 144 HOH HOH A . 
G 5 HOH 34  334 2   HOH HOH A . 
G 5 HOH 35  335 105 HOH HOH A . 
G 5 HOH 36  336 25  HOH HOH A . 
G 5 HOH 37  337 126 HOH HOH A . 
G 5 HOH 38  338 12  HOH HOH A . 
G 5 HOH 39  339 15  HOH HOH A . 
G 5 HOH 40  340 102 HOH HOH A . 
G 5 HOH 41  341 142 HOH HOH A . 
G 5 HOH 42  342 14  HOH HOH A . 
G 5 HOH 43  343 22  HOH HOH A . 
G 5 HOH 44  344 89  HOH HOH A . 
G 5 HOH 45  345 30  HOH HOH A . 
G 5 HOH 46  346 5   HOH HOH A . 
G 5 HOH 47  347 97  HOH HOH A . 
G 5 HOH 48  348 59  HOH HOH A . 
G 5 HOH 49  349 8   HOH HOH A . 
G 5 HOH 50  350 27  HOH HOH A . 
G 5 HOH 51  351 141 HOH HOH A . 
G 5 HOH 52  352 165 HOH HOH A . 
G 5 HOH 53  353 76  HOH HOH A . 
G 5 HOH 54  354 20  HOH HOH A . 
G 5 HOH 55  355 51  HOH HOH A . 
G 5 HOH 56  356 49  HOH HOH A . 
G 5 HOH 57  357 13  HOH HOH A . 
G 5 HOH 58  358 53  HOH HOH A . 
G 5 HOH 59  359 7   HOH HOH A . 
G 5 HOH 60  360 11  HOH HOH A . 
G 5 HOH 61  361 72  HOH HOH A . 
G 5 HOH 62  362 115 HOH HOH A . 
G 5 HOH 63  363 45  HOH HOH A . 
G 5 HOH 64  364 148 HOH HOH A . 
G 5 HOH 65  365 36  HOH HOH A . 
G 5 HOH 66  366 52  HOH HOH A . 
G 5 HOH 67  367 19  HOH HOH A . 
G 5 HOH 68  368 47  HOH HOH A . 
G 5 HOH 69  369 94  HOH HOH A . 
G 5 HOH 70  370 100 HOH HOH A . 
G 5 HOH 71  371 101 HOH HOH A . 
G 5 HOH 72  372 17  HOH HOH A . 
G 5 HOH 73  373 60  HOH HOH A . 
G 5 HOH 74  374 18  HOH HOH A . 
G 5 HOH 75  375 124 HOH HOH A . 
G 5 HOH 76  376 116 HOH HOH A . 
G 5 HOH 77  377 64  HOH HOH A . 
G 5 HOH 78  378 23  HOH HOH A . 
G 5 HOH 79  379 68  HOH HOH A . 
G 5 HOH 80  380 24  HOH HOH A . 
G 5 HOH 81  381 31  HOH HOH A . 
G 5 HOH 82  382 37  HOH HOH A . 
G 5 HOH 83  383 70  HOH HOH A . 
G 5 HOH 84  384 131 HOH HOH A . 
G 5 HOH 85  385 133 HOH HOH A . 
G 5 HOH 86  386 107 HOH HOH A . 
G 5 HOH 87  387 65  HOH HOH A . 
G 5 HOH 88  388 143 HOH HOH A . 
G 5 HOH 89  389 151 HOH HOH A . 
G 5 HOH 90  390 43  HOH HOH A . 
G 5 HOH 91  391 29  HOH HOH A . 
G 5 HOH 92  392 103 HOH HOH A . 
G 5 HOH 93  393 88  HOH HOH A . 
G 5 HOH 94  394 98  HOH HOH A . 
G 5 HOH 95  395 167 HOH HOH A . 
G 5 HOH 96  396 71  HOH HOH A . 
G 5 HOH 97  397 34  HOH HOH A . 
G 5 HOH 98  398 85  HOH HOH A . 
G 5 HOH 99  399 58  HOH HOH A . 
G 5 HOH 100 400 138 HOH HOH A . 
G 5 HOH 101 401 170 HOH HOH A . 
G 5 HOH 102 402 90  HOH HOH A . 
G 5 HOH 103 403 166 HOH HOH A . 
G 5 HOH 104 404 84  HOH HOH A . 
G 5 HOH 105 405 67  HOH HOH A . 
G 5 HOH 106 406 152 HOH HOH A . 
G 5 HOH 107 407 9   HOH HOH A . 
G 5 HOH 108 408 93  HOH HOH A . 
G 5 HOH 109 409 21  HOH HOH A . 
G 5 HOH 110 410 106 HOH HOH A . 
G 5 HOH 111 411 28  HOH HOH A . 
G 5 HOH 112 412 173 HOH HOH A . 
G 5 HOH 113 413 16  HOH HOH A . 
G 5 HOH 114 414 92  HOH HOH A . 
G 5 HOH 115 415 57  HOH HOH A . 
G 5 HOH 116 416 44  HOH HOH A . 
G 5 HOH 117 417 35  HOH HOH A . 
G 5 HOH 118 418 40  HOH HOH A . 
G 5 HOH 119 419 149 HOH HOH A . 
G 5 HOH 120 420 87  HOH HOH A . 
G 5 HOH 121 421 41  HOH HOH A . 
G 5 HOH 122 422 159 HOH HOH A . 
G 5 HOH 123 423 74  HOH HOH A . 
G 5 HOH 124 424 63  HOH HOH A . 
G 5 HOH 125 425 113 HOH HOH A . 
G 5 HOH 126 426 146 HOH HOH A . 
G 5 HOH 127 427 86  HOH HOH A . 
G 5 HOH 128 428 158 HOH HOH A . 
G 5 HOH 129 429 54  HOH HOH A . 
G 5 HOH 130 430 164 HOH HOH A . 
G 5 HOH 131 431 134 HOH HOH A . 
G 5 HOH 132 432 150 HOH HOH A . 
G 5 HOH 133 433 38  HOH HOH A . 
G 5 HOH 134 434 154 HOH HOH A . 
G 5 HOH 135 435 160 HOH HOH A . 
G 5 HOH 136 436 1   HOH HOH A . 
G 5 HOH 137 437 163 HOH HOH A . 
G 5 HOH 138 438 122 HOH HOH A . 
G 5 HOH 139 439 161 HOH HOH A . 
G 5 HOH 140 440 33  HOH HOH A . 
G 5 HOH 141 441 62  HOH HOH A . 
G 5 HOH 142 442 91  HOH HOH A . 
G 5 HOH 143 443 162 HOH HOH A . 
G 5 HOH 144 444 120 HOH HOH A . 
G 5 HOH 145 445 128 HOH HOH A . 
G 5 HOH 146 446 156 HOH HOH A . 
G 5 HOH 147 447 3   HOH HOH A . 
G 5 HOH 148 448 80  HOH HOH A . 
G 5 HOH 149 449 55  HOH HOH A . 
G 5 HOH 150 450 123 HOH HOH A . 
G 5 HOH 151 451 32  HOH HOH A . 
G 5 HOH 152 452 140 HOH HOH A . 
G 5 HOH 153 453 168 HOH HOH A . 
G 5 HOH 154 454 82  HOH HOH A . 
G 5 HOH 155 455 77  HOH HOH A . 
G 5 HOH 156 456 127 HOH HOH A . 
G 5 HOH 157 457 129 HOH HOH A . 
G 5 HOH 158 458 42  HOH HOH A . 
G 5 HOH 159 459 119 HOH HOH A . 
G 5 HOH 160 460 111 HOH HOH A . 
G 5 HOH 161 461 75  HOH HOH A . 
G 5 HOH 162 462 125 HOH HOH A . 
G 5 HOH 163 463 132 HOH HOH A . 
G 5 HOH 164 464 79  HOH HOH A . 
G 5 HOH 165 465 83  HOH HOH A . 
G 5 HOH 166 466 114 HOH HOH A . 
G 5 HOH 167 467 108 HOH HOH A . 
G 5 HOH 168 468 104 HOH HOH A . 
G 5 HOH 169 469 172 HOH HOH A . 
G 5 HOH 170 470 81  HOH HOH A . 
G 5 HOH 171 471 136 HOH HOH A . 
# 
loop_
_pdbx_unobs_or_zero_occ_atoms.id 
_pdbx_unobs_or_zero_occ_atoms.PDB_model_num 
_pdbx_unobs_or_zero_occ_atoms.polymer_flag 
_pdbx_unobs_or_zero_occ_atoms.occupancy_flag 
_pdbx_unobs_or_zero_occ_atoms.auth_asym_id 
_pdbx_unobs_or_zero_occ_atoms.auth_comp_id 
_pdbx_unobs_or_zero_occ_atoms.auth_seq_id 
_pdbx_unobs_or_zero_occ_atoms.PDB_ins_code 
_pdbx_unobs_or_zero_occ_atoms.auth_atom_id 
_pdbx_unobs_or_zero_occ_atoms.label_alt_id 
_pdbx_unobs_or_zero_occ_atoms.label_asym_id 
_pdbx_unobs_or_zero_occ_atoms.label_comp_id 
_pdbx_unobs_or_zero_occ_atoms.label_seq_id 
_pdbx_unobs_or_zero_occ_atoms.label_atom_id 
1 1 Y 1 A MET 5 ? SD  ? A MET 3 SD  
2 1 Y 1 A MET 5 ? CE  ? A MET 3 CE  
3 1 Y 1 A ARG 8 ? CG  ? A ARG 6 CG  
4 1 Y 1 A ARG 8 ? CD  ? A ARG 6 CD  
5 1 Y 1 A ARG 8 ? NE  ? A ARG 6 NE  
6 1 Y 1 A ARG 8 ? CZ  ? A ARG 6 CZ  
7 1 Y 1 A ARG 8 ? NH1 ? A ARG 6 NH1 
8 1 Y 1 A ARG 8 ? NH2 ? A ARG 6 NH2 
# 
loop_
_software.citation_id 
_software.classification 
_software.compiler_name 
_software.compiler_version 
_software.contact_author 
_software.contact_author_email 
_software.date 
_software.description 
_software.dependencies 
_software.hardware 
_software.language 
_software.location 
_software.mods 
_software.name 
_software.os 
_software.os_version 
_software.type 
_software.version 
_software.pdbx_ordinal 
? refinement       ? ? ? ? ? ? ? ? ? ? ? REFMAC  ? ? ? 5.8.0419 1 
? 'data reduction' ? ? ? ? ? ? ? ? ? ? ? XDS     ? ? ? .        2 
? 'data scaling'   ? ? ? ? ? ? ? ? ? ? ? Aimless ? ? ? 0.7.13   3 
? phasing          ? ? ? ? ? ? ? ? ? ? ? PHASER  ? ? ? 2.8.3    4 
# 
_cell.angle_alpha                  90.000 
_cell.angle_alpha_esd              ? 
_cell.angle_beta                   99.166 
_cell.angle_beta_esd               ? 
_cell.angle_gamma                  90.000 
_cell.angle_gamma_esd              ? 
_cell.entry_id                     8R8C 
_cell.details                      ? 
_cell.formula_units_Z              ? 
_cell.length_a                     36.613 
_cell.length_a_esd                 ? 
_cell.length_b                     36.860 
_cell.length_b_esd                 ? 
_cell.length_c                     94.813 
_cell.length_c_esd                 ? 
_cell.volume                       ? 
_cell.volume_esd                   ? 
_cell.Z_PDB                        4 
_cell.reciprocal_angle_alpha       ? 
_cell.reciprocal_angle_beta        ? 
_cell.reciprocal_angle_gamma       ? 
_cell.reciprocal_angle_alpha_esd   ? 
_cell.reciprocal_angle_beta_esd    ? 
_cell.reciprocal_angle_gamma_esd   ? 
_cell.reciprocal_length_a          ? 
_cell.reciprocal_length_b          ? 
_cell.reciprocal_length_c          ? 
_cell.reciprocal_length_a_esd      ? 
_cell.reciprocal_length_b_esd      ? 
_cell.reciprocal_length_c_esd      ? 
_cell.pdbx_unique_axis             ? 
_cell.pdbx_esd_method              ? 
# 
_symmetry.entry_id                         8R8C 
_symmetry.cell_setting                     ? 
_symmetry.Int_Tables_number                5 
_symmetry.space_group_name_Hall            ? 
_symmetry.space_group_name_H-M             'I 1 2 1' 
_symmetry.pdbx_full_space_group_name_H-M   ? 
# 
_exptl.absorpt_coefficient_mu     ? 
_exptl.absorpt_correction_T_max   ? 
_exptl.absorpt_correction_T_min   ? 
_exptl.absorpt_correction_type    ? 
_exptl.absorpt_process_details    ? 
_exptl.entry_id                   8R8C 
_exptl.crystals_number            1 
_exptl.details                    ? 
_exptl.method                     'X-RAY DIFFRACTION' 
_exptl.method_details             ? 
# 
_exptl_crystal.colour                       ? 
_exptl_crystal.density_diffrn               ? 
_exptl_crystal.density_Matthews             2.27 
_exptl_crystal.density_method               ? 
_exptl_crystal.density_percent_sol          45.93 
_exptl_crystal.description                  diamond 
_exptl_crystal.F_000                        ? 
_exptl_crystal.id                           1 
_exptl_crystal.preparation                  ? 
_exptl_crystal.size_max                     ? 
_exptl_crystal.size_mid                     ? 
_exptl_crystal.size_min                     ? 
_exptl_crystal.size_rad                     ? 
_exptl_crystal.colour_lustre                ? 
_exptl_crystal.colour_modifier              ? 
_exptl_crystal.colour_primary               ? 
_exptl_crystal.density_meas                 ? 
_exptl_crystal.density_meas_esd             ? 
_exptl_crystal.density_meas_gt              ? 
_exptl_crystal.density_meas_lt              ? 
_exptl_crystal.density_meas_temp            ? 
_exptl_crystal.density_meas_temp_esd        ? 
_exptl_crystal.density_meas_temp_gt         ? 
_exptl_crystal.density_meas_temp_lt         ? 
_exptl_crystal.pdbx_crystal_image_url       ? 
_exptl_crystal.pdbx_crystal_image_format    ? 
_exptl_crystal.pdbx_mosaicity               ? 
_exptl_crystal.pdbx_mosaicity_esd           ? 
_exptl_crystal.pdbx_mosaic_method           ? 
_exptl_crystal.pdbx_mosaic_block_size       ? 
_exptl_crystal.pdbx_mosaic_block_size_esd   ? 
# 
_exptl_crystal_grow.apparatus       ? 
_exptl_crystal_grow.atmosphere      ? 
_exptl_crystal_grow.crystal_id      1 
_exptl_crystal_grow.details         ? 
_exptl_crystal_grow.method          'VAPOR DIFFUSION, HANGING DROP' 
_exptl_crystal_grow.method_ref      ? 
_exptl_crystal_grow.pH              6.5 
_exptl_crystal_grow.pressure        ? 
_exptl_crystal_grow.pressure_esd    ? 
_exptl_crystal_grow.seeding         ? 
_exptl_crystal_grow.seeding_ref     ? 
_exptl_crystal_grow.temp_details    ? 
_exptl_crystal_grow.temp_esd        ? 
_exptl_crystal_grow.time            ? 
_exptl_crystal_grow.pdbx_details    
'12% Peg Smear Medium 0.1M Mes pH 6.5 5 mM of CaCl2, MgCl2, CsCl2, CdCl2, NiCl2 and Zinc acetate and GalNAc' 
_exptl_crystal_grow.pdbx_pH_range   ? 
_exptl_crystal_grow.temp            293 
# 
_diffrn.ambient_environment              ? 
_diffrn.ambient_temp                     100 
_diffrn.ambient_temp_details             ? 
_diffrn.ambient_temp_esd                 ? 
_diffrn.crystal_id                       1 
_diffrn.crystal_support                  ? 
_diffrn.crystal_treatment                ? 
_diffrn.details                          ? 
_diffrn.id                               1 
_diffrn.ambient_pressure                 ? 
_diffrn.ambient_pressure_esd             ? 
_diffrn.ambient_pressure_gt              ? 
_diffrn.ambient_pressure_lt              ? 
_diffrn.ambient_temp_gt                  ? 
_diffrn.ambient_temp_lt                  ? 
_diffrn.pdbx_serial_crystal_experiment   N 
# 
_diffrn_detector.details                      ? 
_diffrn_detector.detector                     PIXEL 
_diffrn_detector.diffrn_id                    1 
_diffrn_detector.type                         'DECTRIS EIGER X 9M' 
_diffrn_detector.area_resol_mean              ? 
_diffrn_detector.dtime                        ? 
_diffrn_detector.pdbx_frames_total            ? 
_diffrn_detector.pdbx_collection_time_total   ? 
_diffrn_detector.pdbx_collection_date         2023-11-17 
_diffrn_detector.pdbx_frequency               ? 
_diffrn_detector.id                           ? 
_diffrn_detector.number_of_axes               ? 
# 
_diffrn_radiation.collimation                      ? 
_diffrn_radiation.diffrn_id                        1 
_diffrn_radiation.filter_edge                      ? 
_diffrn_radiation.inhomogeneity                    ? 
_diffrn_radiation.monochromator                    ? 
_diffrn_radiation.polarisn_norm                    ? 
_diffrn_radiation.polarisn_ratio                   ? 
_diffrn_radiation.probe                            ? 
_diffrn_radiation.type                             ? 
_diffrn_radiation.xray_symbol                      ? 
_diffrn_radiation.wavelength_id                    1 
_diffrn_radiation.pdbx_monochromatic_or_laue_m_l   M 
_diffrn_radiation.pdbx_wavelength_list             ? 
_diffrn_radiation.pdbx_wavelength                  ? 
_diffrn_radiation.pdbx_diffrn_protocol             'SINGLE WAVELENGTH' 
_diffrn_radiation.pdbx_analyzer                    ? 
_diffrn_radiation.pdbx_scattering_type             x-ray 
# 
_diffrn_radiation_wavelength.id           1 
_diffrn_radiation_wavelength.wavelength   0.98011 
_diffrn_radiation_wavelength.wt           1.0 
# 
_diffrn_source.current                     ? 
_diffrn_source.details                     ? 
_diffrn_source.diffrn_id                   1 
_diffrn_source.power                       ? 
_diffrn_source.size                        ? 
_diffrn_source.source                      SYNCHROTRON 
_diffrn_source.target                      ? 
_diffrn_source.type                        'SOLEIL BEAMLINE PROXIMA 2' 
_diffrn_source.voltage                     ? 
_diffrn_source.take-off_angle              ? 
_diffrn_source.pdbx_wavelength_list        0.98011 
_diffrn_source.pdbx_wavelength             ? 
_diffrn_source.pdbx_synchrotron_beamline   'PROXIMA 2' 
_diffrn_source.pdbx_synchrotron_site       SOLEIL 
# 
_reflns.B_iso_Wilson_estimate                          19 
_reflns.entry_id                                       8R8C 
_reflns.data_reduction_details                         ? 
_reflns.data_reduction_method                          ? 
_reflns.d_resolution_high                              1.55 
_reflns.d_resolution_low                               35.68 
_reflns.details                                        ? 
_reflns.limit_h_max                                    ? 
_reflns.limit_h_min                                    ? 
_reflns.limit_k_max                                    ? 
_reflns.limit_k_min                                    ? 
_reflns.limit_l_max                                    ? 
_reflns.limit_l_min                                    ? 
_reflns.number_all                                     ? 
_reflns.number_obs                                     18279 
_reflns.observed_criterion                             ? 
_reflns.observed_criterion_F_max                       ? 
_reflns.observed_criterion_F_min                       ? 
_reflns.observed_criterion_I_max                       ? 
_reflns.observed_criterion_I_min                       ? 
_reflns.observed_criterion_sigma_F                     ? 
_reflns.observed_criterion_sigma_I                     ? 
_reflns.percent_possible_obs                           99.7 
_reflns.R_free_details                                 ? 
_reflns.Rmerge_F_all                                   ? 
_reflns.Rmerge_F_obs                                   ? 
_reflns.Friedel_coverage                               ? 
_reflns.number_gt                                      ? 
_reflns.threshold_expression                           ? 
_reflns.pdbx_redundancy                                5.2 
_reflns.pdbx_netI_over_av_sigmaI                       ? 
_reflns.pdbx_netI_over_sigmaI                          14.4 
_reflns.pdbx_res_netI_over_av_sigmaI_2                 ? 
_reflns.pdbx_res_netI_over_sigmaI_2                    ? 
_reflns.pdbx_chi_squared                               ? 
_reflns.pdbx_scaling_rejects                           ? 
_reflns.pdbx_d_res_high_opt                            ? 
_reflns.pdbx_d_res_low_opt                             ? 
_reflns.pdbx_d_res_opt_method                          ? 
_reflns.phase_calculation_details                      ? 
_reflns.pdbx_Rrim_I_all                                0.064 
_reflns.pdbx_Rpim_I_all                                0.037 
_reflns.pdbx_d_opt                                     ? 
_reflns.pdbx_number_measured_all                       ? 
_reflns.pdbx_diffrn_id                                 1 
_reflns.pdbx_ordinal                                   1 
_reflns.pdbx_CC_half                                   0.998 
_reflns.pdbx_CC_star                                   ? 
_reflns.pdbx_R_split                                   ? 
_reflns.pdbx_Rmerge_I_obs                              0.052 
_reflns.pdbx_Rmerge_I_all                              ? 
_reflns.pdbx_Rsym_value                                ? 
_reflns.pdbx_CC_split_method                           ? 
_reflns.pdbx_aniso_diffraction_limit_axis_1_ortho[1]   ? 
_reflns.pdbx_aniso_diffraction_limit_axis_1_ortho[2]   ? 
_reflns.pdbx_aniso_diffraction_limit_axis_1_ortho[3]   ? 
_reflns.pdbx_aniso_diffraction_limit_axis_2_ortho[1]   ? 
_reflns.pdbx_aniso_diffraction_limit_axis_2_ortho[2]   ? 
_reflns.pdbx_aniso_diffraction_limit_axis_2_ortho[3]   ? 
_reflns.pdbx_aniso_diffraction_limit_axis_3_ortho[1]   ? 
_reflns.pdbx_aniso_diffraction_limit_axis_3_ortho[2]   ? 
_reflns.pdbx_aniso_diffraction_limit_axis_3_ortho[3]   ? 
_reflns.pdbx_aniso_diffraction_limit_1                 ? 
_reflns.pdbx_aniso_diffraction_limit_2                 ? 
_reflns.pdbx_aniso_diffraction_limit_3                 ? 
_reflns.pdbx_aniso_B_tensor_eigenvector_1_ortho[1]     ? 
_reflns.pdbx_aniso_B_tensor_eigenvector_1_ortho[2]     ? 
_reflns.pdbx_aniso_B_tensor_eigenvector_1_ortho[3]     ? 
_reflns.pdbx_aniso_B_tensor_eigenvector_2_ortho[1]     ? 
_reflns.pdbx_aniso_B_tensor_eigenvector_2_ortho[2]     ? 
_reflns.pdbx_aniso_B_tensor_eigenvector_2_ortho[3]     ? 
_reflns.pdbx_aniso_B_tensor_eigenvector_3_ortho[1]     ? 
_reflns.pdbx_aniso_B_tensor_eigenvector_3_ortho[2]     ? 
_reflns.pdbx_aniso_B_tensor_eigenvector_3_ortho[3]     ? 
_reflns.pdbx_aniso_B_tensor_eigenvalue_1               ? 
_reflns.pdbx_aniso_B_tensor_eigenvalue_2               ? 
_reflns.pdbx_aniso_B_tensor_eigenvalue_3               ? 
_reflns.pdbx_orthogonalization_convention              ? 
_reflns.pdbx_percent_possible_ellipsoidal              ? 
_reflns.pdbx_percent_possible_spherical                ? 
_reflns.pdbx_percent_possible_ellipsoidal_anomalous    ? 
_reflns.pdbx_percent_possible_spherical_anomalous      ? 
_reflns.pdbx_redundancy_anomalous                      ? 
_reflns.pdbx_CC_half_anomalous                         ? 
_reflns.pdbx_absDiff_over_sigma_anomalous              ? 
_reflns.pdbx_percent_possible_anomalous                ? 
_reflns.pdbx_observed_signal_threshold                 ? 
_reflns.pdbx_signal_type                               ? 
_reflns.pdbx_signal_details                            ? 
_reflns.pdbx_signal_software_id                        ? 
# 
_reflns_shell.d_res_high                                    1.55 
_reflns_shell.d_res_low                                     1.58 
_reflns_shell.meanI_over_sigI_all                           ? 
_reflns_shell.meanI_over_sigI_obs                           2.9 
_reflns_shell.number_measured_all                           ? 
_reflns_shell.number_measured_obs                           ? 
_reflns_shell.number_possible                               ? 
_reflns_shell.number_unique_all                             ? 
_reflns_shell.number_unique_obs                             4581 
_reflns_shell.percent_possible_obs                          ? 
_reflns_shell.Rmerge_F_all                                  ? 
_reflns_shell.Rmerge_F_obs                                  ? 
_reflns_shell.meanI_over_sigI_gt                            ? 
_reflns_shell.meanI_over_uI_all                             ? 
_reflns_shell.meanI_over_uI_gt                              ? 
_reflns_shell.number_measured_gt                            ? 
_reflns_shell.number_unique_gt                              ? 
_reflns_shell.percent_possible_gt                           ? 
_reflns_shell.Rmerge_F_gt                                   ? 
_reflns_shell.Rmerge_I_gt                                   ? 
_reflns_shell.pdbx_redundancy                               ? 
_reflns_shell.pdbx_chi_squared                              ? 
_reflns_shell.pdbx_netI_over_sigmaI_all                     ? 
_reflns_shell.pdbx_netI_over_sigmaI_obs                     ? 
_reflns_shell.pdbx_Rrim_I_all                               0.618 
_reflns_shell.pdbx_Rpim_I_all                               0.364 
_reflns_shell.pdbx_rejects                                  ? 
_reflns_shell.pdbx_ordinal                                  1 
_reflns_shell.pdbx_diffrn_id                                1 
_reflns_shell.pdbx_CC_half                                  0.857 
_reflns_shell.pdbx_CC_star                                  ? 
_reflns_shell.pdbx_R_split                                  ? 
_reflns_shell.percent_possible_all                          ? 
_reflns_shell.Rmerge_I_all                                  ? 
_reflns_shell.Rmerge_I_obs                                  0.496 
_reflns_shell.pdbx_Rsym_value                               ? 
_reflns_shell.pdbx_percent_possible_ellipsoidal             ? 
_reflns_shell.pdbx_percent_possible_spherical               ? 
_reflns_shell.pdbx_percent_possible_ellipsoidal_anomalous   ? 
_reflns_shell.pdbx_percent_possible_spherical_anomalous     ? 
_reflns_shell.pdbx_redundancy_anomalous                     ? 
_reflns_shell.pdbx_CC_half_anomalous                        ? 
_reflns_shell.pdbx_absDiff_over_sigma_anomalous             ? 
_reflns_shell.pdbx_percent_possible_anomalous               ? 
# 
_refine.aniso_B[1][1]                            -0.871 
_refine.aniso_B[1][2]                            0.000 
_refine.aniso_B[1][3]                            0.034 
_refine.aniso_B[2][2]                            1.355 
_refine.aniso_B[2][3]                            0.000 
_refine.aniso_B[3][3]                            -0.471 
_refine.B_iso_max                                ? 
_refine.B_iso_mean                               17.550 
_refine.B_iso_min                                ? 
_refine.correlation_coeff_Fo_to_Fc               0.969 
_refine.correlation_coeff_Fo_to_Fc_free          0.947 
_refine.details                                  'Hydrogens have been added in their riding positions' 
_refine.diff_density_max                         ? 
_refine.diff_density_max_esd                     ? 
_refine.diff_density_min                         ? 
_refine.diff_density_min_esd                     ? 
_refine.diff_density_rms                         ? 
_refine.diff_density_rms_esd                     ? 
_refine.entry_id                                 8R8C 
_refine.pdbx_refine_id                           'X-RAY DIFFRACTION' 
_refine.ls_abs_structure_details                 ? 
_refine.ls_abs_structure_Flack                   ? 
_refine.ls_abs_structure_Flack_esd               ? 
_refine.ls_abs_structure_Rogers                  ? 
_refine.ls_abs_structure_Rogers_esd              ? 
_refine.ls_d_res_high                            1.550 
_refine.ls_d_res_low                             35.68 
_refine.ls_extinction_coef                       ? 
_refine.ls_extinction_coef_esd                   ? 
_refine.ls_extinction_expression                 ? 
_refine.ls_extinction_method                     ? 
_refine.ls_goodness_of_fit_all                   ? 
_refine.ls_goodness_of_fit_all_esd               ? 
_refine.ls_goodness_of_fit_obs                   ? 
_refine.ls_goodness_of_fit_obs_esd               ? 
_refine.ls_hydrogen_treatment                    ? 
_refine.ls_matrix_type                           ? 
_refine.ls_number_constraints                    ? 
_refine.ls_number_parameters                     ? 
_refine.ls_number_reflns_all                     ? 
_refine.ls_number_reflns_obs                     18278 
_refine.ls_number_reflns_R_free                  905 
_refine.ls_number_reflns_R_work                  17373 
_refine.ls_number_restraints                     ? 
_refine.ls_percent_reflns_obs                    99.667 
_refine.ls_percent_reflns_R_free                 4.951 
_refine.ls_R_factor_all                          0.165 
_refine.ls_R_factor_obs                          ? 
_refine.ls_R_factor_R_free                       0.2040 
_refine.ls_R_factor_R_free_error                 ? 
_refine.ls_R_factor_R_free_error_details         ? 
_refine.ls_R_factor_R_work                       0.1629 
_refine.ls_R_Fsqd_factor_obs                     ? 
_refine.ls_R_I_factor_obs                        ? 
_refine.ls_redundancy_reflns_all                 ? 
_refine.ls_redundancy_reflns_obs                 ? 
_refine.ls_restrained_S_all                      ? 
_refine.ls_restrained_S_obs                      ? 
_refine.ls_shift_over_esd_max                    ? 
_refine.ls_shift_over_esd_mean                   ? 
_refine.ls_structure_factor_coef                 ? 
_refine.ls_weighting_details                     ? 
_refine.ls_weighting_scheme                      ? 
_refine.ls_wR_factor_all                         ? 
_refine.ls_wR_factor_obs                         ? 
_refine.ls_wR_factor_R_free                      ? 
_refine.ls_wR_factor_R_work                      ? 
_refine.occupancy_max                            ? 
_refine.occupancy_min                            ? 
_refine.solvent_model_details                    'MASK BULK SOLVENT' 
_refine.solvent_model_param_bsol                 ? 
_refine.solvent_model_param_ksol                 ? 
_refine.pdbx_R_complete                          ? 
_refine.ls_R_factor_gt                           ? 
_refine.ls_goodness_of_fit_gt                    ? 
_refine.ls_goodness_of_fit_ref                   ? 
_refine.ls_shift_over_su_max                     ? 
_refine.ls_shift_over_su_max_lt                  ? 
_refine.ls_shift_over_su_mean                    ? 
_refine.ls_shift_over_su_mean_lt                 ? 
_refine.pdbx_ls_sigma_I                          ? 
_refine.pdbx_ls_sigma_F                          ? 
_refine.pdbx_ls_sigma_Fsqd                       ? 
_refine.pdbx_data_cutoff_high_absF               ? 
_refine.pdbx_data_cutoff_high_rms_absF           ? 
_refine.pdbx_data_cutoff_low_absF                ? 
_refine.pdbx_isotropic_thermal_model             ? 
_refine.pdbx_ls_cross_valid_method               'FREE R-VALUE' 
_refine.pdbx_method_to_determine_struct          'MOLECULAR REPLACEMENT' 
_refine.pdbx_starting_model                      ? 
_refine.pdbx_stereochemistry_target_values       ? 
_refine.pdbx_R_Free_selection_details            ? 
_refine.pdbx_stereochem_target_val_spec_case     ? 
_refine.pdbx_overall_ESU_R                       0.079 
_refine.pdbx_overall_ESU_R_Free                  0.084 
_refine.pdbx_solvent_vdw_probe_radii             1.200 
_refine.pdbx_solvent_ion_probe_radii             0.800 
_refine.pdbx_solvent_shrinkage_radii             0.800 
_refine.pdbx_real_space_R                        ? 
_refine.pdbx_density_correlation                 ? 
_refine.pdbx_pd_number_of_powder_patterns        ? 
_refine.pdbx_pd_number_of_points                 ? 
_refine.pdbx_pd_meas_number_of_points            ? 
_refine.pdbx_pd_proc_ls_prof_R_factor            ? 
_refine.pdbx_pd_proc_ls_prof_wR_factor           ? 
_refine.pdbx_pd_Marquardt_correlation_coeff      ? 
_refine.pdbx_pd_Fsqrd_R_factor                   ? 
_refine.pdbx_pd_ls_matrix_band_width             ? 
_refine.pdbx_overall_phase_error                 ? 
_refine.pdbx_overall_SU_R_free_Cruickshank_DPI   ? 
_refine.pdbx_overall_SU_R_free_Blow_DPI          ? 
_refine.pdbx_overall_SU_R_Blow_DPI               ? 
_refine.pdbx_TLS_residual_ADP_flag               ? 
_refine.pdbx_diffrn_id                           1 
_refine.overall_SU_B                             1.527 
_refine.overall_SU_ML                            0.055 
_refine.overall_SU_R_Cruickshank_DPI             ? 
_refine.overall_SU_R_free                        ? 
_refine.overall_FOM_free_R_set                   ? 
_refine.overall_FOM_work_R_set                   ? 
_refine.pdbx_average_fsc_overall                 ? 
_refine.pdbx_average_fsc_work                    ? 
_refine.pdbx_average_fsc_free                    ? 
# 
_refine_hist.pdbx_refine_id                   'X-RAY DIFFRACTION' 
_refine_hist.cycle_id                         LAST 
_refine_hist.pdbx_number_atoms_protein        963 
_refine_hist.pdbx_number_atoms_nucleic_acid   0 
_refine_hist.pdbx_number_atoms_ligand         33 
_refine_hist.number_atoms_solvent             171 
_refine_hist.number_atoms_total               1167 
_refine_hist.d_res_high                       1.550 
_refine_hist.d_res_low                        35.68 
# 
loop_
_refine_ls_restr.pdbx_refine_id 
_refine_ls_restr.criterion 
_refine_ls_restr.dev_ideal 
_refine_ls_restr.dev_ideal_target 
_refine_ls_restr.number 
_refine_ls_restr.rejects 
_refine_ls_restr.type 
_refine_ls_restr.weight 
_refine_ls_restr.pdbx_restraint_function 
'X-RAY DIFFRACTION' ? 0.013  0.012  1043 ? r_bond_refined_d               ? ? 
'X-RAY DIFFRACTION' ? 0.001  0.016  916  ? r_bond_other_d                 ? ? 
'X-RAY DIFFRACTION' ? 1.893  1.775  1439 ? r_angle_refined_deg            ? ? 
'X-RAY DIFFRACTION' ? 0.669  1.746  2128 ? r_angle_other_deg              ? ? 
'X-RAY DIFFRACTION' ? 7.209  5.000  134  ? r_dihedral_angle_1_deg         ? ? 
'X-RAY DIFFRACTION' ? 4.259  5.000  2    ? r_dihedral_angle_2_deg         ? ? 
'X-RAY DIFFRACTION' ? 10.821 10.000 147  ? r_dihedral_angle_3_deg         ? ? 
'X-RAY DIFFRACTION' ? 15.837 10.000 41   ? r_dihedral_angle_6_deg         ? ? 
'X-RAY DIFFRACTION' ? 0.092  0.200  170  ? r_chiral_restr                 ? ? 
'X-RAY DIFFRACTION' ? 0.010  0.020  1244 ? r_gen_planes_refined           ? ? 
'X-RAY DIFFRACTION' ? 0.001  0.020  216  ? r_gen_planes_other             ? ? 
'X-RAY DIFFRACTION' ? 0.207  0.200  185  ? r_nbd_refined                  ? ? 
'X-RAY DIFFRACTION' ? 0.205  0.200  870  ? r_symmetry_nbd_other           ? ? 
'X-RAY DIFFRACTION' ? 0.172  0.200  528  ? r_nbtor_refined                ? ? 
'X-RAY DIFFRACTION' ? 0.091  0.200  537  ? r_symmetry_nbtor_other         ? ? 
'X-RAY DIFFRACTION' ? 0.144  0.200  118  ? r_xyhbond_nbd_refined          ? ? 
'X-RAY DIFFRACTION' ? 0.131  0.200  12   ? r_metal_ion_refined            ? ? 
'X-RAY DIFFRACTION' ? 0.278  0.200  11   ? r_symmetry_nbd_refined         ? ? 
'X-RAY DIFFRACTION' ? 0.180  0.200  40   ? r_nbd_other                    ? ? 
'X-RAY DIFFRACTION' ? 0.216  0.200  22   ? r_symmetry_xyhbond_nbd_refined ? ? 
'X-RAY DIFFRACTION' ? 0.123  0.200  1    ? r_xyhbond_nbd_other            ? ? 
'X-RAY DIFFRACTION' ? 0.103  0.200  2    ? r_symmetry_metal_ion_refined   ? ? 
'X-RAY DIFFRACTION' ? 2.109  1.849  530  ? r_mcbond_it                    ? ? 
'X-RAY DIFFRACTION' ? 2.104  1.849  530  ? r_mcbond_other                 ? ? 
'X-RAY DIFFRACTION' ? 3.025  3.317  666  ? r_mcangle_it                   ? ? 
'X-RAY DIFFRACTION' ? 3.023  3.318  667  ? r_mcangle_other                ? ? 
'X-RAY DIFFRACTION' ? 3.151  2.044  513  ? r_scbond_it                    ? ? 
'X-RAY DIFFRACTION' ? 3.148  2.045  514  ? r_scbond_other                 ? ? 
'X-RAY DIFFRACTION' ? 4.608  3.628  773  ? r_scangle_it                   ? ? 
'X-RAY DIFFRACTION' ? 4.605  3.628  774  ? r_scangle_other                ? ? 
'X-RAY DIFFRACTION' ? 5.658  22.353 1212 ? r_lrange_it                    ? ? 
'X-RAY DIFFRACTION' ? 5.615  21.072 1171 ? r_lrange_other                 ? ? 
# 
loop_
_refine_ls_shell.pdbx_refine_id 
_refine_ls_shell.d_res_high 
_refine_ls_shell.d_res_low 
_refine_ls_shell.number_reflns_all 
_refine_ls_shell.number_reflns_obs 
_refine_ls_shell.number_reflns_R_free 
_refine_ls_shell.number_reflns_R_work 
_refine_ls_shell.percent_reflns_obs 
_refine_ls_shell.percent_reflns_R_free 
_refine_ls_shell.R_factor_all 
_refine_ls_shell.R_factor_obs 
_refine_ls_shell.R_factor_R_free_error 
_refine_ls_shell.R_factor_R_work 
_refine_ls_shell.redundancy_reflns_all 
_refine_ls_shell.redundancy_reflns_obs 
_refine_ls_shell.wR_factor_all 
_refine_ls_shell.wR_factor_obs 
_refine_ls_shell.wR_factor_R_free 
_refine_ls_shell.wR_factor_R_work 
_refine_ls_shell.pdbx_R_complete 
_refine_ls_shell.pdbx_total_number_of_bins_used 
_refine_ls_shell.pdbx_phase_error 
_refine_ls_shell.pdbx_fsc_work 
_refine_ls_shell.pdbx_fsc_free 
_refine_ls_shell.R_factor_R_free 
'X-RAY DIFFRACTION' 1.550 1.590 . . 60 1288 99.7041  . . . . 0.281 . . . . . . . . . . . 0.283 
'X-RAY DIFFRACTION' 1.590 1.634 . . 66 1233 99.8463  . . . . 0.248 . . . . . . . . . . . 0.293 
'X-RAY DIFFRACTION' 1.634 1.681 . . 55 1228 99.8444  . . . . 0.197 . . . . . . . . . . . 0.248 
'X-RAY DIFFRACTION' 1.681 1.733 . . 70 1156 100.0000 . . . . 0.152 . . . . . . . . . . . 0.197 
'X-RAY DIFFRACTION' 1.733 1.789 . . 61 1142 99.9169  . . . . 0.143 . . . . . . . . . . . 0.205 
'X-RAY DIFFRACTION' 1.789 1.852 . . 57 1098 99.8271  . . . . 0.146 . . . . . . . . . . . 0.190 
'X-RAY DIFFRACTION' 1.852 1.922 . . 65 1068 99.9118  . . . . 0.146 . . . . . . . . . . . 0.226 
'X-RAY DIFFRACTION' 1.922 2.000 . . 51 1012 99.8122  . . . . 0.161 . . . . . . . . . . . 0.183 
'X-RAY DIFFRACTION' 2.000 2.088 . . 42 991  99.6143  . . . . 0.157 . . . . . . . . . . . 0.208 
'X-RAY DIFFRACTION' 2.088 2.190 . . 53 927  99.4924  . . . . 0.152 . . . . . . . . . . . 0.198 
'X-RAY DIFFRACTION' 2.190 2.308 . . 52 905  99.7915  . . . . 0.152 . . . . . . . . . . . 0.208 
'X-RAY DIFFRACTION' 2.308 2.447 . . 49 849  99.5565  . . . . 0.142 . . . . . . . . . . . 0.206 
'X-RAY DIFFRACTION' 2.447 2.615 . . 41 792  99.7605  . . . . 0.154 . . . . . . . . . . . 0.157 
'X-RAY DIFFRACTION' 2.615 2.824 . . 38 756  99.2500  . . . . 0.154 . . . . . . . . . . . 0.241 
'X-RAY DIFFRACTION' 2.824 3.091 . . 39 667  98.3287  . . . . 0.156 . . . . . . . . . . . 0.145 
'X-RAY DIFFRACTION' 3.091 3.453 . . 33 634  99.8503  . . . . 0.165 . . . . . . . . . . . 0.221 
'X-RAY DIFFRACTION' 3.453 3.981 . . 29 544  99.3068  . . . . 0.163 . . . . . . . . . . . 0.222 
'X-RAY DIFFRACTION' 3.981 4.860 . . 18 477  99.3976  . . . . 0.143 . . . . . . . . . . . 0.190 
'X-RAY DIFFRACTION' 4.860 6.811 . . 14 380  99.4949  . . . . 0.196 . . . . . . . . . . . 0.198 
'X-RAY DIFFRACTION' 6.811 35.68 . . 12 225  99.5798  . . . . 0.191 . . . . . . . . . . . 0.198 
# 
_struct.entry_id                     8R8C 
_struct.title                        
'Structure of the N-terminal domain of CMA from Cucumis melo in complex with N-acetylgalactosamine' 
_struct.pdbx_model_details           ? 
_struct.pdbx_formula_weight          ? 
_struct.pdbx_formula_weight_method   ? 
_struct.pdbx_model_type_details      ? 
_struct.pdbx_CASP_flag               N 
# 
_struct_keywords.entry_id        8R8C 
_struct_keywords.text            'lectin, beta-trefoil, galactose, N-acetyllactosamine, SUGAR BINDING PROTEIN' 
_struct_keywords.pdbx_keywords   'SUGAR BINDING PROTEIN' 
# 
loop_
_struct_asym.id 
_struct_asym.pdbx_blank_PDB_chainid_flag 
_struct_asym.pdbx_modified 
_struct_asym.entity_id 
_struct_asym.details 
A N N 1 ? 
B N N 2 ? 
C N N 2 ? 
D N N 2 ? 
E N N 3 ? 
F N N 4 ? 
G N N 5 ? 
# 
_struct_ref.id                         1 
_struct_ref.db_name                    UNP 
_struct_ref.db_code                    A0A1S4E5V9_CUCME 
_struct_ref.pdbx_db_accession          A0A1S4E5V9 
_struct_ref.pdbx_db_isoform            ? 
_struct_ref.entity_id                  1 
_struct_ref.pdbx_seq_one_letter_code   
;SRSTHLVGQDGLCLDVIGGYSDNHVPTQLWPCGPQNNQLWTIQADGTIRTMGKCLVPNGHDPGSYTMIDDCNKADPNDKT
WKLYPDGTLTHVRSSLVLTSQGTGAYAITTIETNTSAPTQSWGTAD
;
_struct_ref.pdbx_align_begin           34 
# 
_struct_ref_seq.align_id                      1 
_struct_ref_seq.ref_id                        1 
_struct_ref_seq.pdbx_PDB_id_code              8R8C 
_struct_ref_seq.pdbx_strand_id                A 
_struct_ref_seq.seq_align_beg                 5 
_struct_ref_seq.pdbx_seq_align_beg_ins_code   ? 
_struct_ref_seq.seq_align_end                 130 
_struct_ref_seq.pdbx_seq_align_end_ins_code   ? 
_struct_ref_seq.pdbx_db_accession             A0A1S4E5V9 
_struct_ref_seq.db_align_beg                  34 
_struct_ref_seq.pdbx_db_align_beg_ins_code    ? 
_struct_ref_seq.db_align_end                  159 
_struct_ref_seq.pdbx_db_align_end_ins_code    ? 
_struct_ref_seq.pdbx_auth_seq_align_beg       7 
_struct_ref_seq.pdbx_auth_seq_align_end       132 
# 
loop_
_struct_ref_seq_dif.align_id 
_struct_ref_seq_dif.pdbx_pdb_id_code 
_struct_ref_seq_dif.mon_id 
_struct_ref_seq_dif.pdbx_pdb_strand_id 
_struct_ref_seq_dif.seq_num 
_struct_ref_seq_dif.pdbx_pdb_ins_code 
_struct_ref_seq_dif.pdbx_seq_db_name 
_struct_ref_seq_dif.pdbx_seq_db_accession_code 
_struct_ref_seq_dif.db_mon_id 
_struct_ref_seq_dif.pdbx_seq_db_seq_num 
_struct_ref_seq_dif.details 
_struct_ref_seq_dif.pdbx_auth_seq_num 
_struct_ref_seq_dif.pdbx_ordinal 
1 8R8C GLY A 1 ? UNP A0A1S4E5V9 ? ? 'expression tag' 3 1 
1 8R8C ALA A 2 ? UNP A0A1S4E5V9 ? ? 'expression tag' 4 2 
1 8R8C MET A 3 ? UNP A0A1S4E5V9 ? ? 'expression tag' 5 3 
1 8R8C VAL A 4 ? UNP A0A1S4E5V9 ? ? 'expression tag' 6 4 
# 
_pdbx_struct_assembly.id                   1 
_pdbx_struct_assembly.details              author_and_software_defined_assembly 
_pdbx_struct_assembly.method_details       PISA 
_pdbx_struct_assembly.oligomeric_details   monomeric 
_pdbx_struct_assembly.oligomeric_count     1 
# 
loop_
_pdbx_struct_assembly_prop.biol_id 
_pdbx_struct_assembly_prop.type 
_pdbx_struct_assembly_prop.value 
_pdbx_struct_assembly_prop.details 
1 'ABSA (A^2)' 1210 ? 
1 MORE         -4   ? 
1 'SSA (A^2)'  6200 ? 
# 
_pdbx_struct_assembly_gen.assembly_id       1 
_pdbx_struct_assembly_gen.oper_expression   1 
_pdbx_struct_assembly_gen.asym_id_list      A,B,C,D,E,F,G 
# 
_pdbx_struct_assembly_auth_evidence.id                     1 
_pdbx_struct_assembly_auth_evidence.assembly_id            1 
_pdbx_struct_assembly_auth_evidence.experimental_support   none 
_pdbx_struct_assembly_auth_evidence.details                ? 
# 
_pdbx_struct_oper_list.id                   1 
_pdbx_struct_oper_list.type                 'identity operation' 
_pdbx_struct_oper_list.name                 1_555 
_pdbx_struct_oper_list.symmetry_operation   x,y,z 
_pdbx_struct_oper_list.matrix[1][1]         1.0000000000 
_pdbx_struct_oper_list.matrix[1][2]         0.0000000000 
_pdbx_struct_oper_list.matrix[1][3]         0.0000000000 
_pdbx_struct_oper_list.vector[1]            0.0000000000 
_pdbx_struct_oper_list.matrix[2][1]         0.0000000000 
_pdbx_struct_oper_list.matrix[2][2]         1.0000000000 
_pdbx_struct_oper_list.matrix[2][3]         0.0000000000 
_pdbx_struct_oper_list.vector[2]            0.0000000000 
_pdbx_struct_oper_list.matrix[3][1]         0.0000000000 
_pdbx_struct_oper_list.matrix[3][2]         0.0000000000 
_pdbx_struct_oper_list.matrix[3][3]         1.0000000000 
_pdbx_struct_oper_list.vector[3]            0.0000000000 
# 
loop_
_struct_conf.conf_type_id 
_struct_conf.id 
_struct_conf.pdbx_PDB_helix_id 
_struct_conf.beg_label_comp_id 
_struct_conf.beg_label_asym_id 
_struct_conf.beg_label_seq_id 
_struct_conf.pdbx_beg_PDB_ins_code 
_struct_conf.end_label_comp_id 
_struct_conf.end_label_asym_id 
_struct_conf.end_label_seq_id 
_struct_conf.pdbx_end_PDB_ins_code 
_struct_conf.beg_auth_comp_id 
_struct_conf.beg_auth_asym_id 
_struct_conf.beg_auth_seq_id 
_struct_conf.end_auth_comp_id 
_struct_conf.end_auth_asym_id 
_struct_conf.end_auth_seq_id 
_struct_conf.pdbx_PDB_helix_class 
_struct_conf.details 
_struct_conf.pdbx_PDB_helix_length 
HELX_P HELX_P1 AA1 GLY A 12  ? LEU A 16  ? GLY A 14  LEU A 18  5 ? 5 
HELX_P HELX_P2 AA2 GLY A 22  ? TYR A 24  ? GLY A 24  TYR A 26  5 ? 3 
HELX_P HELX_P3 AA3 GLN A 39  ? LEU A 43  ? GLN A 41  LEU A 45  5 ? 5 
HELX_P HELX_P4 AA4 ASP A 79  ? THR A 84  ? ASP A 81  THR A 86  1 ? 6 
HELX_P HELX_P5 AA5 ALA A 121 ? SER A 125 ? ALA A 123 SER A 127 5 ? 5 
# 
_struct_conf_type.id          HELX_P 
_struct_conf_type.criteria    ? 
_struct_conf_type.reference   ? 
# 
loop_
_struct_conn.id 
_struct_conn.conn_type_id 
_struct_conn.pdbx_leaving_atom_flag 
_struct_conn.pdbx_PDB_id 
_struct_conn.ptnr1_label_asym_id 
_struct_conn.ptnr1_label_comp_id 
_struct_conn.ptnr1_label_seq_id 
_struct_conn.ptnr1_label_atom_id 
_struct_conn.pdbx_ptnr1_label_alt_id 
_struct_conn.pdbx_ptnr1_PDB_ins_code 
_struct_conn.pdbx_ptnr1_standard_comp_id 
_struct_conn.ptnr1_symmetry 
_struct_conn.ptnr2_label_asym_id 
_struct_conn.ptnr2_label_comp_id 
_struct_conn.ptnr2_label_seq_id 
_struct_conn.ptnr2_label_atom_id 
_struct_conn.pdbx_ptnr2_label_alt_id 
_struct_conn.pdbx_ptnr2_PDB_ins_code 
_struct_conn.ptnr1_auth_asym_id 
_struct_conn.ptnr1_auth_comp_id 
_struct_conn.ptnr1_auth_seq_id 
_struct_conn.ptnr2_auth_asym_id 
_struct_conn.ptnr2_auth_comp_id 
_struct_conn.ptnr2_auth_seq_id 
_struct_conn.ptnr2_symmetry 
_struct_conn.pdbx_ptnr3_label_atom_id 
_struct_conn.pdbx_ptnr3_label_seq_id 
_struct_conn.pdbx_ptnr3_label_comp_id 
_struct_conn.pdbx_ptnr3_label_asym_id 
_struct_conn.pdbx_ptnr3_label_alt_id 
_struct_conn.pdbx_ptnr3_PDB_ins_code 
_struct_conn.details 
_struct_conn.pdbx_dist_value 
_struct_conn.pdbx_value_order 
_struct_conn.pdbx_role 
disulf1  disulf ?    ? A CYS 17  SG  ? ? ? 1_555 A CYS 36 SG ? ? A CYS 19  A CYS 38  1_555 ? ? ? ? ? ? ? 2.063 ? ? 
disulf2  disulf ?    ? A CYS 58  SG  ? ? ? 1_555 A CYS 75 SG ? ? A CYS 60  A CYS 77  1_555 ? ? ? ? ? ? ? 2.058 ? ? 
covale1  covale both ? E NGA .   C1  ? ? ? 1_555 F A2G .  O1 ? ? A NGA 204 A A2G 205 1_555 ? ? ? ? ? ? ? 1.263 ? ? 
covale2  covale one  ? E NGA .   C1  ? ? ? 1_555 F A2G .  O5 ? ? A NGA 204 A A2G 205 1_555 ? ? ? ? ? ? ? 1.447 ? ? 
covale3  covale one  ? E NGA .   C3  ? ? ? 1_555 F A2G .  O3 ? ? A NGA 204 A A2G 205 1_555 ? ? ? ? ? ? ? 1.418 ? ? 
covale4  covale one  ? E NGA .   C4  ? ? ? 1_555 F A2G .  O4 ? ? A NGA 204 A A2G 205 1_555 ? ? ? ? ? ? ? 1.406 ? ? 
covale5  covale none ? E NGA .   C5  ? ? ? 1_555 F A2G .  O5 ? ? A NGA 204 A A2G 205 1_555 ? ? ? ? ? ? ? 1.492 ? ? 
covale6  covale one  ? E NGA .   C6  ? ? ? 1_555 F A2G .  O6 ? ? A NGA 204 A A2G 205 1_555 ? ? ? ? ? ? ? 1.491 ? ? 
covale7  covale none ? E NGA .   C7  ? ? ? 1_555 F A2G .  O7 ? ? A NGA 204 A A2G 205 1_555 ? ? ? ? ? ? ? 1.273 ? ? 
covale8  covale both ? E NGA .   O1  ? ? ? 1_555 F A2G .  C1 ? ? A NGA 204 A A2G 205 1_555 ? ? ? ? ? ? ? 1.332 ? ? 
covale9  covale one  ? E NGA .   O3  ? ? ? 1_555 F A2G .  C3 ? ? A NGA 204 A A2G 205 1_555 ? ? ? ? ? ? ? 1.434 ? ? 
covale10 covale one  ? E NGA .   O4  ? ? ? 1_555 F A2G .  C4 ? ? A NGA 204 A A2G 205 1_555 ? ? ? ? ? ? ? 1.450 ? ? 
covale11 covale one  ? E NGA .   O5  ? ? ? 1_555 F A2G .  C1 ? ? A NGA 204 A A2G 205 1_555 ? ? ? ? ? ? ? 1.396 ? ? 
covale12 covale none ? E NGA .   O5  ? ? ? 1_555 F A2G .  C5 ? ? A NGA 204 A A2G 205 1_555 ? ? ? ? ? ? ? 1.399 ? ? 
covale13 covale one  ? E NGA .   O6  ? ? ? 1_555 F A2G .  C6 ? ? A NGA 204 A A2G 205 1_555 ? ? ? ? ? ? ? 1.422 ? ? 
covale14 covale none ? E NGA .   O7  ? ? ? 1_555 F A2G .  C7 ? ? A NGA 204 A A2G 205 1_555 ? ? ? ? ? ? ? 1.225 ? ? 
metalc1  metalc ?    ? A HIS 9   NE2 ? ? ? 1_555 B CD  .  CD ? ? A HIS 11  A CD  201 1_555 ? ? ? ? ? ? ? 2.110 ? ? 
metalc2  metalc ?    ? A HIS 28  NE2 ? ? ? 1_555 C CD  .  CD ? ? A HIS 30  A CD  202 1_555 ? ? ? ? ? ? ? 2.091 ? ? 
metalc3  metalc ?    ? A HIS 64  NE2 ? ? ? 1_555 B CD  .  CD ? ? A HIS 66  A CD  201 1_655 ? ? ? ? ? ? ? 2.107 ? ? 
metalc4  metalc ?    ? A ASP 73  OD2 ? ? ? 1_555 C CD  .  CD ? ? A ASP 75  A CD  202 1_555 ? ? ? ? ? ? ? 2.097 ? ? 
metalc5  metalc ?    ? A ASN 81  OD1 A ? ? 1_555 D CD  .  CD ? ? A ASN 83  A CD  203 1_555 ? ? ? ? ? ? ? 2.161 ? ? 
metalc6  metalc ?    ? A ASN 81  ND2 A ? ? 1_555 D CD  .  CD ? ? A ASN 83  A CD  203 1_555 ? ? ? ? ? ? ? 2.558 ? ? 
metalc7  metalc ?    ? A ASP 90  OD2 ? ? ? 1_555 D CD  .  CD ? ? A ASP 92  A CD  203 4_656 ? ? ? ? ? ? ? 2.139 ? ? 
metalc8  metalc ?    ? A THR 92  OG1 ? ? ? 1_555 D CD  .  CD ? ? A THR 94  A CD  203 4_656 ? ? ? ? ? ? ? 2.308 ? ? 
metalc9  metalc ?    ? A ASP 130 OXT ? ? ? 1_555 B CD  .  CD ? ? A ASP 132 A CD  201 1_555 ? ? ? ? ? ? ? 2.095 ? ? 
metalc10 metalc ?    ? B CD  .   CD  ? ? ? 1_555 G HOH .  O  ? ? A CD  201 A HOH 316 1_455 ? ? ? ? ? ? ? 1.977 ? ? 
metalc11 metalc ?    ? B CD  .   CD  ? ? ? 1_555 G HOH .  O  ? ? A CD  201 A HOH 398 1_555 ? ? ? ? ? ? ? 2.050 ? ? 
metalc12 metalc ?    ? B CD  .   CD  ? ? ? 1_555 G HOH .  O  ? ? A CD  201 A HOH 404 1_455 ? ? ? ? ? ? ? 2.120 ? ? 
metalc13 metalc ?    ? C CD  .   CD  ? ? ? 1_555 G HOH .  O  ? ? A CD  202 A HOH 352 1_555 ? ? ? ? ? ? ? 1.988 ? ? 
metalc14 metalc ?    ? C CD  .   CD  ? ? ? 1_555 G HOH .  O  ? ? A CD  202 A HOH 393 2_656 ? ? ? ? ? ? ? 2.072 ? ? 
metalc15 metalc ?    ? C CD  .   CD  ? ? ? 1_555 G HOH .  O  ? ? A CD  202 A HOH 420 1_555 ? ? ? ? ? ? ? 2.188 ? ? 
metalc16 metalc ?    ? C CD  .   CD  ? ? ? 1_555 G HOH .  O  ? ? A CD  202 A HOH 427 1_555 ? ? ? ? ? ? ? 2.136 ? ? 
metalc17 metalc ?    ? D CD  .   CD  ? ? ? 1_555 G HOH .  O  ? ? A CD  203 A HOH 301 1_555 ? ? ? ? ? ? ? 2.261 ? ? 
metalc18 metalc ?    ? D CD  .   CD  ? ? ? 1_555 G HOH .  O  ? ? A CD  203 A HOH 366 4_646 ? ? ? ? ? ? ? 2.364 ? ? 
metalc19 metalc ?    ? D CD  .   CD  ? ? ? 1_555 G HOH .  O  ? ? A CD  203 A HOH 436 1_555 ? ? ? ? ? ? ? 2.533 ? ? 
# 
loop_
_struct_conn_type.id 
_struct_conn_type.criteria 
_struct_conn_type.reference 
disulf ? ? 
covale ? ? 
metalc ? ? 
# 
loop_
_pdbx_struct_conn_angle.id 
_pdbx_struct_conn_angle.ptnr1_label_atom_id 
_pdbx_struct_conn_angle.ptnr1_label_alt_id 
_pdbx_struct_conn_angle.ptnr1_label_asym_id 
_pdbx_struct_conn_angle.ptnr1_label_comp_id 
_pdbx_struct_conn_angle.ptnr1_label_seq_id 
_pdbx_struct_conn_angle.ptnr1_auth_atom_id 
_pdbx_struct_conn_angle.ptnr1_auth_asym_id 
_pdbx_struct_conn_angle.ptnr1_auth_comp_id 
_pdbx_struct_conn_angle.ptnr1_auth_seq_id 
_pdbx_struct_conn_angle.ptnr1_PDB_ins_code 
_pdbx_struct_conn_angle.ptnr1_symmetry 
_pdbx_struct_conn_angle.ptnr2_label_atom_id 
_pdbx_struct_conn_angle.ptnr2_label_alt_id 
_pdbx_struct_conn_angle.ptnr2_label_asym_id 
_pdbx_struct_conn_angle.ptnr2_label_comp_id 
_pdbx_struct_conn_angle.ptnr2_label_seq_id 
_pdbx_struct_conn_angle.ptnr2_auth_atom_id 
_pdbx_struct_conn_angle.ptnr2_auth_asym_id 
_pdbx_struct_conn_angle.ptnr2_auth_comp_id 
_pdbx_struct_conn_angle.ptnr2_auth_seq_id 
_pdbx_struct_conn_angle.ptnr2_PDB_ins_code 
_pdbx_struct_conn_angle.ptnr2_symmetry 
_pdbx_struct_conn_angle.ptnr3_label_atom_id 
_pdbx_struct_conn_angle.ptnr3_label_alt_id 
_pdbx_struct_conn_angle.ptnr3_label_asym_id 
_pdbx_struct_conn_angle.ptnr3_label_comp_id 
_pdbx_struct_conn_angle.ptnr3_label_seq_id 
_pdbx_struct_conn_angle.ptnr3_auth_atom_id 
_pdbx_struct_conn_angle.ptnr3_auth_asym_id 
_pdbx_struct_conn_angle.ptnr3_auth_comp_id 
_pdbx_struct_conn_angle.ptnr3_auth_seq_id 
_pdbx_struct_conn_angle.ptnr3_PDB_ins_code 
_pdbx_struct_conn_angle.ptnr3_symmetry 
_pdbx_struct_conn_angle.value 
_pdbx_struct_conn_angle.value_esd 
1  NE2 ? A HIS 9   ? A HIS 11  ? 1_555 CD ? B CD . ? A CD 201 ? 1_555 NE2 ? A HIS 64  ? A HIS 66  ? 1_555 13.2  ? 
2  NE2 ? A HIS 9   ? A HIS 11  ? 1_555 CD ? B CD . ? A CD 201 ? 1_555 OXT ? A ASP 130 ? A ASP 132 ? 1_555 90.9  ? 
3  NE2 ? A HIS 64  ? A HIS 66  ? 1_555 CD ? B CD . ? A CD 201 ? 1_555 OXT ? A ASP 130 ? A ASP 132 ? 1_555 83.4  ? 
4  NE2 ? A HIS 9   ? A HIS 11  ? 1_555 CD ? B CD . ? A CD 201 ? 1_555 O   ? G HOH .   ? A HOH 316 ? 1_455 88.1  ? 
5  NE2 ? A HIS 64  ? A HIS 66  ? 1_555 CD ? B CD . ? A CD 201 ? 1_555 O   ? G HOH .   ? A HOH 316 ? 1_455 99.6  ? 
6  OXT ? A ASP 130 ? A ASP 132 ? 1_555 CD ? B CD . ? A CD 201 ? 1_555 O   ? G HOH .   ? A HOH 316 ? 1_455 96.3  ? 
7  NE2 ? A HIS 9   ? A HIS 11  ? 1_555 CD ? B CD . ? A CD 201 ? 1_555 O   ? G HOH .   ? A HOH 398 ? 1_555 89.8  ? 
8  NE2 ? A HIS 64  ? A HIS 66  ? 1_555 CD ? B CD . ? A CD 201 ? 1_555 O   ? G HOH .   ? A HOH 398 ? 1_555 79.0  ? 
9  OXT ? A ASP 130 ? A ASP 132 ? 1_555 CD ? B CD . ? A CD 201 ? 1_555 O   ? G HOH .   ? A HOH 398 ? 1_555 89.4  ? 
10 O   ? G HOH .   ? A HOH 316 ? 1_455 CD ? B CD . ? A CD 201 ? 1_555 O   ? G HOH .   ? A HOH 398 ? 1_555 174.0 ? 
11 NE2 ? A HIS 9   ? A HIS 11  ? 1_555 CD ? B CD . ? A CD 201 ? 1_555 O   ? G HOH .   ? A HOH 404 ? 1_455 91.8  ? 
12 NE2 ? A HIS 64  ? A HIS 66  ? 1_555 CD ? B CD . ? A CD 201 ? 1_555 O   ? G HOH .   ? A HOH 404 ? 1_455 99.2  ? 
13 OXT ? A ASP 130 ? A ASP 132 ? 1_555 CD ? B CD . ? A CD 201 ? 1_555 O   ? G HOH .   ? A HOH 404 ? 1_455 177.2 ? 
14 O   ? G HOH .   ? A HOH 316 ? 1_455 CD ? B CD . ? A CD 201 ? 1_555 O   ? G HOH .   ? A HOH 404 ? 1_455 84.2  ? 
15 O   ? G HOH .   ? A HOH 398 ? 1_555 CD ? B CD . ? A CD 201 ? 1_555 O   ? G HOH .   ? A HOH 404 ? 1_455 90.3  ? 
16 NE2 ? A HIS 28  ? A HIS 30  ? 1_555 CD ? C CD . ? A CD 202 ? 1_555 OD2 ? A ASP 73  ? A ASP 75  ? 1_555 91.5  ? 
17 NE2 ? A HIS 28  ? A HIS 30  ? 1_555 CD ? C CD . ? A CD 202 ? 1_555 O   ? G HOH .   ? A HOH 352 ? 1_555 92.3  ? 
18 OD2 ? A ASP 73  ? A ASP 75  ? 1_555 CD ? C CD . ? A CD 202 ? 1_555 O   ? G HOH .   ? A HOH 352 ? 1_555 92.2  ? 
19 NE2 ? A HIS 28  ? A HIS 30  ? 1_555 CD ? C CD . ? A CD 202 ? 1_555 O   ? G HOH .   ? A HOH 393 ? 2_656 92.5  ? 
20 OD2 ? A ASP 73  ? A ASP 75  ? 1_555 CD ? C CD . ? A CD 202 ? 1_555 O   ? G HOH .   ? A HOH 393 ? 2_656 88.3  ? 
21 O   ? G HOH .   ? A HOH 352 ? 1_555 CD ? C CD . ? A CD 202 ? 1_555 O   ? G HOH .   ? A HOH 393 ? 2_656 175.2 ? 
22 NE2 ? A HIS 28  ? A HIS 30  ? 1_555 CD ? C CD . ? A CD 202 ? 1_555 O   ? G HOH .   ? A HOH 420 ? 1_555 178.2 ? 
23 OD2 ? A ASP 73  ? A ASP 75  ? 1_555 CD ? C CD . ? A CD 202 ? 1_555 O   ? G HOH .   ? A HOH 420 ? 1_555 90.2  ? 
24 O   ? G HOH .   ? A HOH 352 ? 1_555 CD ? C CD . ? A CD 202 ? 1_555 O   ? G HOH .   ? A HOH 420 ? 1_555 88.1  ? 
25 O   ? G HOH .   ? A HOH 393 ? 2_656 CD ? C CD . ? A CD 202 ? 1_555 O   ? G HOH .   ? A HOH 420 ? 1_555 87.1  ? 
26 NE2 ? A HIS 28  ? A HIS 30  ? 1_555 CD ? C CD . ? A CD 202 ? 1_555 O   ? G HOH .   ? A HOH 427 ? 1_555 94.3  ? 
27 OD2 ? A ASP 73  ? A ASP 75  ? 1_555 CD ? C CD . ? A CD 202 ? 1_555 O   ? G HOH .   ? A HOH 427 ? 1_555 174.1 ? 
28 O   ? G HOH .   ? A HOH 352 ? 1_555 CD ? C CD . ? A CD 202 ? 1_555 O   ? G HOH .   ? A HOH 427 ? 1_555 86.2  ? 
29 O   ? G HOH .   ? A HOH 393 ? 2_656 CD ? C CD . ? A CD 202 ? 1_555 O   ? G HOH .   ? A HOH 427 ? 1_555 92.9  ? 
30 O   ? G HOH .   ? A HOH 420 ? 1_555 CD ? C CD . ? A CD 202 ? 1_555 O   ? G HOH .   ? A HOH 427 ? 1_555 84.0  ? 
31 OD1 A A ASN 81  ? A ASN 83  ? 1_555 CD ? D CD . ? A CD 203 ? 1_555 ND2 A A ASN 81  ? A ASN 83  ? 1_555 56.3  ? 
32 OD1 A A ASN 81  ? A ASN 83  ? 1_555 CD ? D CD . ? A CD 203 ? 1_555 OD2 ? A ASP 90  ? A ASP 92  ? 1_555 38.1  ? 
33 ND2 A A ASN 81  ? A ASN 83  ? 1_555 CD ? D CD . ? A CD 203 ? 1_555 OD2 ? A ASP 90  ? A ASP 92  ? 1_555 86.6  ? 
34 OD1 A A ASN 81  ? A ASN 83  ? 1_555 CD ? D CD . ? A CD 203 ? 1_555 OG1 ? A THR 92  ? A THR 94  ? 1_555 32.4  ? 
35 ND2 A A ASN 81  ? A ASN 83  ? 1_555 CD ? D CD . ? A CD 203 ? 1_555 OG1 ? A THR 92  ? A THR 94  ? 1_555 81.3  ? 
36 OD2 ? A ASP 90  ? A ASP 92  ? 1_555 CD ? D CD . ? A CD 203 ? 1_555 OG1 ? A THR 92  ? A THR 94  ? 1_555 5.8   ? 
37 OD1 A A ASN 81  ? A ASN 83  ? 1_555 CD ? D CD . ? A CD 203 ? 1_555 O   ? G HOH .   ? A HOH 301 ? 1_555 47.1  ? 
38 ND2 A A ASN 81  ? A ASN 83  ? 1_555 CD ? D CD . ? A CD 203 ? 1_555 O   ? G HOH .   ? A HOH 301 ? 1_555 103.2 ? 
39 OD2 ? A ASP 90  ? A ASP 92  ? 1_555 CD ? D CD . ? A CD 203 ? 1_555 O   ? G HOH .   ? A HOH 301 ? 1_555 32.9  ? 
40 OG1 ? A THR 92  ? A THR 94  ? 1_555 CD ? D CD . ? A CD 203 ? 1_555 O   ? G HOH .   ? A HOH 301 ? 1_555 34.1  ? 
41 OD1 A A ASN 81  ? A ASN 83  ? 1_555 CD ? D CD . ? A CD 203 ? 1_555 O   ? G HOH .   ? A HOH 366 ? 4_646 85.2  ? 
42 ND2 A A ASN 81  ? A ASN 83  ? 1_555 CD ? D CD . ? A CD 203 ? 1_555 O   ? G HOH .   ? A HOH 366 ? 4_646 94.3  ? 
43 OD2 ? A ASP 90  ? A ASP 92  ? 1_555 CD ? D CD . ? A CD 203 ? 1_555 O   ? G HOH .   ? A HOH 366 ? 4_646 57.1  ? 
44 OG1 ? A THR 92  ? A THR 94  ? 1_555 CD ? D CD . ? A CD 203 ? 1_555 O   ? G HOH .   ? A HOH 366 ? 4_646 60.2  ? 
45 O   ? G HOH .   ? A HOH 301 ? 1_555 CD ? D CD . ? A CD 203 ? 1_555 O   ? G HOH .   ? A HOH 366 ? 4_646 84.4  ? 
46 OD1 A A ASN 81  ? A ASN 83  ? 1_555 CD ? D CD . ? A CD 203 ? 1_555 O   ? G HOH .   ? A HOH 436 ? 1_555 92.2  ? 
47 ND2 A A ASN 81  ? A ASN 83  ? 1_555 CD ? D CD . ? A CD 203 ? 1_555 O   ? G HOH .   ? A HOH 436 ? 1_555 80.7  ? 
48 OD2 ? A ASP 90  ? A ASP 92  ? 1_555 CD ? D CD . ? A CD 203 ? 1_555 O   ? G HOH .   ? A HOH 436 ? 1_555 122.5 ? 
49 OG1 ? A THR 92  ? A THR 94  ? 1_555 CD ? D CD . ? A CD 203 ? 1_555 O   ? G HOH .   ? A HOH 436 ? 1_555 118.9 ? 
50 O   ? G HOH .   ? A HOH 301 ? 1_555 CD ? D CD . ? A CD 203 ? 1_555 O   ? G HOH .   ? A HOH 436 ? 1_555 96.9  ? 
51 O   ? G HOH .   ? A HOH 366 ? 4_646 CD ? D CD . ? A CD 203 ? 1_555 O   ? G HOH .   ? A HOH 436 ? 1_555 175.0 ? 
# 
loop_
_pdbx_modification_feature.ordinal 
_pdbx_modification_feature.label_comp_id 
_pdbx_modification_feature.label_asym_id 
_pdbx_modification_feature.label_seq_id 
_pdbx_modification_feature.label_alt_id 
_pdbx_modification_feature.modified_residue_label_comp_id 
_pdbx_modification_feature.modified_residue_label_asym_id 
_pdbx_modification_feature.modified_residue_label_seq_id 
_pdbx_modification_feature.modified_residue_label_alt_id 
_pdbx_modification_feature.auth_comp_id 
_pdbx_modification_feature.auth_asym_id 
_pdbx_modification_feature.auth_seq_id 
_pdbx_modification_feature.PDB_ins_code 
_pdbx_modification_feature.symmetry 
_pdbx_modification_feature.modified_residue_auth_comp_id 
_pdbx_modification_feature.modified_residue_auth_asym_id 
_pdbx_modification_feature.modified_residue_auth_seq_id 
_pdbx_modification_feature.modified_residue_PDB_ins_code 
_pdbx_modification_feature.modified_residue_symmetry 
_pdbx_modification_feature.comp_id_linking_atom 
_pdbx_modification_feature.modified_residue_id_linking_atom 
_pdbx_modification_feature.modified_residue_id 
_pdbx_modification_feature.ref_pcm_id 
_pdbx_modification_feature.ref_comp_id 
_pdbx_modification_feature.type 
_pdbx_modification_feature.category 
1 CYS A 17 ? CYS A 36 ? CYS A 19 ? 1_555 CYS A 38 ? 1_555 SG SG . . . None 'Disulfide bridge' 
2 CYS A 58 ? CYS A 75 ? CYS A 60 ? 1_555 CYS A 77 ? 1_555 SG SG . . . None 'Disulfide bridge' 
# 
loop_
_struct_sheet.id 
_struct_sheet.type 
_struct_sheet.number_strands 
_struct_sheet.details 
AA1 ? 6 ? 
AA2 ? 2 ? 
AA3 ? 2 ? 
AA4 ? 2 ? 
# 
loop_
_struct_sheet_order.sheet_id 
_struct_sheet_order.range_id_1 
_struct_sheet_order.range_id_2 
_struct_sheet_order.offset 
_struct_sheet_order.sense 
AA1 1 2 ? anti-parallel 
AA1 2 3 ? anti-parallel 
AA1 3 4 ? anti-parallel 
AA1 4 5 ? anti-parallel 
AA1 5 6 ? anti-parallel 
AA2 1 2 ? anti-parallel 
AA3 1 2 ? anti-parallel 
AA4 1 2 ? anti-parallel 
# 
loop_
_struct_sheet_range.sheet_id 
_struct_sheet_range.id 
_struct_sheet_range.beg_label_comp_id 
_struct_sheet_range.beg_label_asym_id 
_struct_sheet_range.beg_label_seq_id 
_struct_sheet_range.pdbx_beg_PDB_ins_code 
_struct_sheet_range.end_label_comp_id 
_struct_sheet_range.end_label_asym_id 
_struct_sheet_range.end_label_seq_id 
_struct_sheet_range.pdbx_end_PDB_ins_code 
_struct_sheet_range.beg_auth_comp_id 
_struct_sheet_range.beg_auth_asym_id 
_struct_sheet_range.beg_auth_seq_id 
_struct_sheet_range.end_auth_comp_id 
_struct_sheet_range.end_auth_asym_id 
_struct_sheet_range.end_auth_seq_id 
AA1 1 THR A 70  ? ASP A 73  ? THR A 72  ASP A 75  
AA1 2 LYS A 57  ? PRO A 61  ? LYS A 59  PRO A 63  
AA1 3 ILE A 52  ? THR A 54  ? ILE A 54  THR A 56  
AA1 4 TRP A 44  ? ILE A 46  ? TRP A 46  ILE A 48  
AA1 5 ARG A 6   ? VAL A 11  ? ARG A 8   VAL A 13  
AA1 6 GLY A 127 ? ALA A 129 ? GLY A 129 ALA A 131 
AA2 1 CYS A 17  ? VAL A 20  ? CYS A 19  VAL A 22  
AA2 2 THR A 31  ? TRP A 34  ? THR A 33  TRP A 36  
AA3 1 TRP A 85  ? LEU A 87  ? TRP A 87  LEU A 89  
AA3 2 LEU A 93  ? HIS A 95  ? LEU A 95  HIS A 97  
AA4 1 VAL A 101 ? THR A 103 ? VAL A 103 THR A 105 
AA4 2 THR A 114 ? GLU A 116 ? THR A 116 GLU A 118 
# 
loop_
_pdbx_struct_sheet_hbond.sheet_id 
_pdbx_struct_sheet_hbond.range_id_1 
_pdbx_struct_sheet_hbond.range_id_2 
_pdbx_struct_sheet_hbond.range_1_label_atom_id 
_pdbx_struct_sheet_hbond.range_1_label_comp_id 
_pdbx_struct_sheet_hbond.range_1_label_asym_id 
_pdbx_struct_sheet_hbond.range_1_label_seq_id 
_pdbx_struct_sheet_hbond.range_1_PDB_ins_code 
_pdbx_struct_sheet_hbond.range_1_auth_atom_id 
_pdbx_struct_sheet_hbond.range_1_auth_comp_id 
_pdbx_struct_sheet_hbond.range_1_auth_asym_id 
_pdbx_struct_sheet_hbond.range_1_auth_seq_id 
_pdbx_struct_sheet_hbond.range_2_label_atom_id 
_pdbx_struct_sheet_hbond.range_2_label_comp_id 
_pdbx_struct_sheet_hbond.range_2_label_asym_id 
_pdbx_struct_sheet_hbond.range_2_label_seq_id 
_pdbx_struct_sheet_hbond.range_2_PDB_ins_code 
_pdbx_struct_sheet_hbond.range_2_auth_atom_id 
_pdbx_struct_sheet_hbond.range_2_auth_comp_id 
_pdbx_struct_sheet_hbond.range_2_auth_asym_id 
_pdbx_struct_sheet_hbond.range_2_auth_seq_id 
AA1 1 2 O ASP A 73  ? O ASP A 75  N CYS A 58  ? N CYS A 60  
AA1 2 3 O LEU A 59  ? O LEU A 61  N ILE A 52  ? N ILE A 54  
AA1 3 4 O ARG A 53  ? O ARG A 55  N THR A 45  ? N THR A 47  
AA1 4 5 O TRP A 44  ? O TRP A 46  N THR A 8   ? N THR A 10  
AA1 5 6 N VAL A 11  ? N VAL A 13  O GLY A 127 ? O GLY A 129 
AA2 1 2 N CYS A 17  ? N CYS A 19  O TRP A 34  ? O TRP A 36  
AA3 1 2 N LYS A 86  ? N LYS A 88  O THR A 94  ? O THR A 96  
AA4 1 2 N THR A 103 ? N THR A 105 O THR A 114 ? O THR A 116 
# 
_pdbx_entry_details.entry_id                   8R8C 
_pdbx_entry_details.has_ligand_of_interest     Y 
_pdbx_entry_details.compound_details           ? 
_pdbx_entry_details.source_details             ? 
_pdbx_entry_details.nonpolymer_details         ? 
_pdbx_entry_details.sequence_details           ? 
_pdbx_entry_details.has_protein_modification   Y 
# 
_pdbx_validate_symm_contact.id                1 
_pdbx_validate_symm_contact.PDB_model_num     1 
_pdbx_validate_symm_contact.auth_atom_id_1    ND2 
_pdbx_validate_symm_contact.auth_asym_id_1    A 
_pdbx_validate_symm_contact.auth_comp_id_1    ASN 
_pdbx_validate_symm_contact.auth_seq_id_1     83 
_pdbx_validate_symm_contact.PDB_ins_code_1    ? 
_pdbx_validate_symm_contact.label_alt_id_1    A 
_pdbx_validate_symm_contact.site_symmetry_1   1_555 
_pdbx_validate_symm_contact.auth_atom_id_2    OD2 
_pdbx_validate_symm_contact.auth_asym_id_2    A 
_pdbx_validate_symm_contact.auth_comp_id_2    ASP 
_pdbx_validate_symm_contact.auth_seq_id_2     92 
_pdbx_validate_symm_contact.PDB_ins_code_2    ? 
_pdbx_validate_symm_contact.label_alt_id_2    ? 
_pdbx_validate_symm_contact.site_symmetry_2   4_646 
_pdbx_validate_symm_contact.dist              1.93 
# 
_pdbx_validate_torsion.id              1 
_pdbx_validate_torsion.PDB_model_num   1 
_pdbx_validate_torsion.auth_comp_id    TYR 
_pdbx_validate_torsion.auth_asym_id    A 
_pdbx_validate_torsion.auth_seq_id     112 
_pdbx_validate_torsion.PDB_ins_code    ? 
_pdbx_validate_torsion.label_alt_id    ? 
_pdbx_validate_torsion.phi             70.47 
_pdbx_validate_torsion.psi             31.09 
# 
_pdbx_struct_special_symmetry.id              1 
_pdbx_struct_special_symmetry.PDB_model_num   1 
_pdbx_struct_special_symmetry.auth_asym_id    A 
_pdbx_struct_special_symmetry.auth_comp_id    HOH 
_pdbx_struct_special_symmetry.auth_seq_id     456 
_pdbx_struct_special_symmetry.PDB_ins_code    ? 
_pdbx_struct_special_symmetry.label_asym_id   G 
_pdbx_struct_special_symmetry.label_comp_id   HOH 
_pdbx_struct_special_symmetry.label_seq_id    . 
# 
_pdbx_unobs_or_zero_occ_residues.id               1 
_pdbx_unobs_or_zero_occ_residues.PDB_model_num    1 
_pdbx_unobs_or_zero_occ_residues.polymer_flag     Y 
_pdbx_unobs_or_zero_occ_residues.occupancy_flag   1 
_pdbx_unobs_or_zero_occ_residues.auth_asym_id     A 
_pdbx_unobs_or_zero_occ_residues.auth_comp_id     GLY 
_pdbx_unobs_or_zero_occ_residues.auth_seq_id      3 
_pdbx_unobs_or_zero_occ_residues.PDB_ins_code     ? 
_pdbx_unobs_or_zero_occ_residues.label_asym_id    A 
_pdbx_unobs_or_zero_occ_residues.label_comp_id    GLY 
_pdbx_unobs_or_zero_occ_residues.label_seq_id     1 
# 
loop_
_chem_comp_atom.comp_id 
_chem_comp_atom.atom_id 
_chem_comp_atom.type_symbol 
_chem_comp_atom.pdbx_aromatic_flag 
_chem_comp_atom.pdbx_stereo_config 
_chem_comp_atom.pdbx_ordinal 
A2G O5   O  N N 1   
A2G C1   C  N S 2   
A2G O1   O  N N 3   
A2G C2   C  N R 4   
A2G N2   N  N N 5   
A2G C3   C  N R 6   
A2G O3   O  N N 7   
A2G C4   C  N R 8   
A2G O4   O  N N 9   
A2G C5   C  N R 10  
A2G C6   C  N N 11  
A2G O6   O  N N 12  
A2G C7   C  N N 13  
A2G O7   O  N N 14  
A2G C8   C  N N 15  
A2G H1   H  N N 16  
A2G HO1  H  N N 17  
A2G H2   H  N N 18  
A2G HN2  H  N N 19  
A2G H3   H  N N 20  
A2G HO3  H  N N 21  
A2G H4   H  N N 22  
A2G HO4  H  N N 23  
A2G H5   H  N N 24  
A2G H61  H  N N 25  
A2G H81  H  N N 26  
A2G H82  H  N N 27  
A2G H83  H  N N 28  
A2G H62  H  N N 29  
A2G HO6  H  N N 30  
ALA N    N  N N 31  
ALA CA   C  N S 32  
ALA C    C  N N 33  
ALA O    O  N N 34  
ALA CB   C  N N 35  
ALA OXT  O  N N 36  
ALA H    H  N N 37  
ALA H2   H  N N 38  
ALA HA   H  N N 39  
ALA HB1  H  N N 40  
ALA HB2  H  N N 41  
ALA HB3  H  N N 42  
ALA HXT  H  N N 43  
ARG N    N  N N 44  
ARG CA   C  N S 45  
ARG C    C  N N 46  
ARG O    O  N N 47  
ARG CB   C  N N 48  
ARG CG   C  N N 49  
ARG CD   C  N N 50  
ARG NE   N  N N 51  
ARG CZ   C  N N 52  
ARG NH1  N  N N 53  
ARG NH2  N  N N 54  
ARG OXT  O  N N 55  
ARG H    H  N N 56  
ARG H2   H  N N 57  
ARG HA   H  N N 58  
ARG HB2  H  N N 59  
ARG HB3  H  N N 60  
ARG HG2  H  N N 61  
ARG HG3  H  N N 62  
ARG HD2  H  N N 63  
ARG HD3  H  N N 64  
ARG HE   H  N N 65  
ARG HH11 H  N N 66  
ARG HH12 H  N N 67  
ARG HH21 H  N N 68  
ARG HH22 H  N N 69  
ARG HXT  H  N N 70  
ASN N    N  N N 71  
ASN CA   C  N S 72  
ASN C    C  N N 73  
ASN O    O  N N 74  
ASN CB   C  N N 75  
ASN CG   C  N N 76  
ASN OD1  O  N N 77  
ASN ND2  N  N N 78  
ASN OXT  O  N N 79  
ASN H    H  N N 80  
ASN H2   H  N N 81  
ASN HA   H  N N 82  
ASN HB2  H  N N 83  
ASN HB3  H  N N 84  
ASN HD21 H  N N 85  
ASN HD22 H  N N 86  
ASN HXT  H  N N 87  
ASP N    N  N N 88  
ASP CA   C  N S 89  
ASP C    C  N N 90  
ASP O    O  N N 91  
ASP CB   C  N N 92  
ASP CG   C  N N 93  
ASP OD1  O  N N 94  
ASP OD2  O  N N 95  
ASP OXT  O  N N 96  
ASP H    H  N N 97  
ASP H2   H  N N 98  
ASP HA   H  N N 99  
ASP HB2  H  N N 100 
ASP HB3  H  N N 101 
ASP HD2  H  N N 102 
ASP HXT  H  N N 103 
CD  CD   CD N N 104 
CYS N    N  N N 105 
CYS CA   C  N R 106 
CYS C    C  N N 107 
CYS O    O  N N 108 
CYS CB   C  N N 109 
CYS SG   S  N N 110 
CYS OXT  O  N N 111 
CYS H    H  N N 112 
CYS H2   H  N N 113 
CYS HA   H  N N 114 
CYS HB2  H  N N 115 
CYS HB3  H  N N 116 
CYS HG   H  N N 117 
CYS HXT  H  N N 118 
GLN N    N  N N 119 
GLN CA   C  N S 120 
GLN C    C  N N 121 
GLN O    O  N N 122 
GLN CB   C  N N 123 
GLN CG   C  N N 124 
GLN CD   C  N N 125 
GLN OE1  O  N N 126 
GLN NE2  N  N N 127 
GLN OXT  O  N N 128 
GLN H    H  N N 129 
GLN H2   H  N N 130 
GLN HA   H  N N 131 
GLN HB2  H  N N 132 
GLN HB3  H  N N 133 
GLN HG2  H  N N 134 
GLN HG3  H  N N 135 
GLN HE21 H  N N 136 
GLN HE22 H  N N 137 
GLN HXT  H  N N 138 
GLU N    N  N N 139 
GLU CA   C  N S 140 
GLU C    C  N N 141 
GLU O    O  N N 142 
GLU CB   C  N N 143 
GLU CG   C  N N 144 
GLU CD   C  N N 145 
GLU OE1  O  N N 146 
GLU OE2  O  N N 147 
GLU OXT  O  N N 148 
GLU H    H  N N 149 
GLU H2   H  N N 150 
GLU HA   H  N N 151 
GLU HB2  H  N N 152 
GLU HB3  H  N N 153 
GLU HG2  H  N N 154 
GLU HG3  H  N N 155 
GLU HE2  H  N N 156 
GLU HXT  H  N N 157 
GLY N    N  N N 158 
GLY CA   C  N N 159 
GLY C    C  N N 160 
GLY O    O  N N 161 
GLY OXT  O  N N 162 
GLY H    H  N N 163 
GLY H2   H  N N 164 
GLY HA2  H  N N 165 
GLY HA3  H  N N 166 
GLY HXT  H  N N 167 
HIS N    N  N N 168 
HIS CA   C  N S 169 
HIS C    C  N N 170 
HIS O    O  N N 171 
HIS CB   C  N N 172 
HIS CG   C  Y N 173 
HIS ND1  N  Y N 174 
HIS CD2  C  Y N 175 
HIS CE1  C  Y N 176 
HIS NE2  N  Y N 177 
HIS OXT  O  N N 178 
HIS H    H  N N 179 
HIS H2   H  N N 180 
HIS HA   H  N N 181 
HIS HB2  H  N N 182 
HIS HB3  H  N N 183 
HIS HD1  H  N N 184 
HIS HD2  H  N N 185 
HIS HE1  H  N N 186 
HIS HE2  H  N N 187 
HIS HXT  H  N N 188 
HOH O    O  N N 189 
HOH H1   H  N N 190 
HOH H2   H  N N 191 
ILE N    N  N N 192 
ILE CA   C  N S 193 
ILE C    C  N N 194 
ILE O    O  N N 195 
ILE CB   C  N S 196 
ILE CG1  C  N N 197 
ILE CG2  C  N N 198 
ILE CD1  C  N N 199 
ILE OXT  O  N N 200 
ILE H    H  N N 201 
ILE H2   H  N N 202 
ILE HA   H  N N 203 
ILE HB   H  N N 204 
ILE HG12 H  N N 205 
ILE HG13 H  N N 206 
ILE HG21 H  N N 207 
ILE HG22 H  N N 208 
ILE HG23 H  N N 209 
ILE HD11 H  N N 210 
ILE HD12 H  N N 211 
ILE HD13 H  N N 212 
ILE HXT  H  N N 213 
LEU N    N  N N 214 
LEU CA   C  N S 215 
LEU C    C  N N 216 
LEU O    O  N N 217 
LEU CB   C  N N 218 
LEU CG   C  N N 219 
LEU CD1  C  N N 220 
LEU CD2  C  N N 221 
LEU OXT  O  N N 222 
LEU H    H  N N 223 
LEU H2   H  N N 224 
LEU HA   H  N N 225 
LEU HB2  H  N N 226 
LEU HB3  H  N N 227 
LEU HG   H  N N 228 
LEU HD11 H  N N 229 
LEU HD12 H  N N 230 
LEU HD13 H  N N 231 
LEU HD21 H  N N 232 
LEU HD22 H  N N 233 
LEU HD23 H  N N 234 
LEU HXT  H  N N 235 
LYS N    N  N N 236 
LYS CA   C  N S 237 
LYS C    C  N N 238 
LYS O    O  N N 239 
LYS CB   C  N N 240 
LYS CG   C  N N 241 
LYS CD   C  N N 242 
LYS CE   C  N N 243 
LYS NZ   N  N N 244 
LYS OXT  O  N N 245 
LYS H    H  N N 246 
LYS H2   H  N N 247 
LYS HA   H  N N 248 
LYS HB2  H  N N 249 
LYS HB3  H  N N 250 
LYS HG2  H  N N 251 
LYS HG3  H  N N 252 
LYS HD2  H  N N 253 
LYS HD3  H  N N 254 
LYS HE2  H  N N 255 
LYS HE3  H  N N 256 
LYS HZ1  H  N N 257 
LYS HZ2  H  N N 258 
LYS HZ3  H  N N 259 
LYS HXT  H  N N 260 
MET N    N  N N 261 
MET CA   C  N S 262 
MET C    C  N N 263 
MET O    O  N N 264 
MET CB   C  N N 265 
MET CG   C  N N 266 
MET SD   S  N N 267 
MET CE   C  N N 268 
MET OXT  O  N N 269 
MET H    H  N N 270 
MET H2   H  N N 271 
MET HA   H  N N 272 
MET HB2  H  N N 273 
MET HB3  H  N N 274 
MET HG2  H  N N 275 
MET HG3  H  N N 276 
MET HE1  H  N N 277 
MET HE2  H  N N 278 
MET HE3  H  N N 279 
MET HXT  H  N N 280 
NGA C1   C  N R 281 
NGA C2   C  N R 282 
NGA C3   C  N R 283 
NGA C4   C  N R 284 
NGA C5   C  N R 285 
NGA C6   C  N N 286 
NGA C7   C  N N 287 
NGA C8   C  N N 288 
NGA N2   N  N N 289 
NGA O1   O  N N 290 
NGA O3   O  N N 291 
NGA O4   O  N N 292 
NGA O5   O  N N 293 
NGA O6   O  N N 294 
NGA O7   O  N N 295 
NGA H1   H  N N 296 
NGA H2   H  N N 297 
NGA H3   H  N N 298 
NGA H4   H  N N 299 
NGA H5   H  N N 300 
NGA H61  H  N N 301 
NGA H62  H  N N 302 
NGA H81  H  N N 303 
NGA H82  H  N N 304 
NGA H83  H  N N 305 
NGA HN2  H  N N 306 
NGA HO1  H  N N 307 
NGA HO3  H  N N 308 
NGA HO4  H  N N 309 
NGA HO6  H  N N 310 
PRO N    N  N N 311 
PRO CA   C  N S 312 
PRO C    C  N N 313 
PRO O    O  N N 314 
PRO CB   C  N N 315 
PRO CG   C  N N 316 
PRO CD   C  N N 317 
PRO OXT  O  N N 318 
PRO H    H  N N 319 
PRO HA   H  N N 320 
PRO HB2  H  N N 321 
PRO HB3  H  N N 322 
PRO HG2  H  N N 323 
PRO HG3  H  N N 324 
PRO HD2  H  N N 325 
PRO HD3  H  N N 326 
PRO HXT  H  N N 327 
SER N    N  N N 328 
SER CA   C  N S 329 
SER C    C  N N 330 
SER O    O  N N 331 
SER CB   C  N N 332 
SER OG   O  N N 333 
SER OXT  O  N N 334 
SER H    H  N N 335 
SER H2   H  N N 336 
SER HA   H  N N 337 
SER HB2  H  N N 338 
SER HB3  H  N N 339 
SER HG   H  N N 340 
SER HXT  H  N N 341 
THR N    N  N N 342 
THR CA   C  N S 343 
THR C    C  N N 344 
THR O    O  N N 345 
THR CB   C  N R 346 
THR OG1  O  N N 347 
THR CG2  C  N N 348 
THR OXT  O  N N 349 
THR H    H  N N 350 
THR H2   H  N N 351 
THR HA   H  N N 352 
THR HB   H  N N 353 
THR HG1  H  N N 354 
THR HG21 H  N N 355 
THR HG22 H  N N 356 
THR HG23 H  N N 357 
THR HXT  H  N N 358 
TRP N    N  N N 359 
TRP CA   C  N S 360 
TRP C    C  N N 361 
TRP O    O  N N 362 
TRP CB   C  N N 363 
TRP CG   C  Y N 364 
TRP CD1  C  Y N 365 
TRP CD2  C  Y N 366 
TRP NE1  N  Y N 367 
TRP CE2  C  Y N 368 
TRP CE3  C  Y N 369 
TRP CZ2  C  Y N 370 
TRP CZ3  C  Y N 371 
TRP CH2  C  Y N 372 
TRP OXT  O  N N 373 
TRP H    H  N N 374 
TRP H2   H  N N 375 
TRP HA   H  N N 376 
TRP HB2  H  N N 377 
TRP HB3  H  N N 378 
TRP HD1  H  N N 379 
TRP HE1  H  N N 380 
TRP HE3  H  N N 381 
TRP HZ2  H  N N 382 
TRP HZ3  H  N N 383 
TRP HH2  H  N N 384 
TRP HXT  H  N N 385 
TYR N    N  N N 386 
TYR CA   C  N S 387 
TYR C    C  N N 388 
TYR O    O  N N 389 
TYR CB   C  N N 390 
TYR CG   C  Y N 391 
TYR CD1  C  Y N 392 
TYR CD2  C  Y N 393 
TYR CE1  C  Y N 394 
TYR CE2  C  Y N 395 
TYR CZ   C  Y N 396 
TYR OH   O  N N 397 
TYR OXT  O  N N 398 
TYR H    H  N N 399 
TYR H2   H  N N 400 
TYR HA   H  N N 401 
TYR HB2  H  N N 402 
TYR HB3  H  N N 403 
TYR HD1  H  N N 404 
TYR HD2  H  N N 405 
TYR HE1  H  N N 406 
TYR HE2  H  N N 407 
TYR HH   H  N N 408 
TYR HXT  H  N N 409 
VAL N    N  N N 410 
VAL CA   C  N S 411 
VAL C    C  N N 412 
VAL O    O  N N 413 
VAL CB   C  N N 414 
VAL CG1  C  N N 415 
VAL CG2  C  N N 416 
VAL OXT  O  N N 417 
VAL H    H  N N 418 
VAL H2   H  N N 419 
VAL HA   H  N N 420 
VAL HB   H  N N 421 
VAL HG11 H  N N 422 
VAL HG12 H  N N 423 
VAL HG13 H  N N 424 
VAL HG21 H  N N 425 
VAL HG22 H  N N 426 
VAL HG23 H  N N 427 
VAL HXT  H  N N 428 
# 
loop_
_chem_comp_bond.comp_id 
_chem_comp_bond.atom_id_1 
_chem_comp_bond.atom_id_2 
_chem_comp_bond.value_order 
_chem_comp_bond.pdbx_aromatic_flag 
_chem_comp_bond.pdbx_stereo_config 
_chem_comp_bond.pdbx_ordinal 
A2G O5  C5   sing N N 1   
A2G C1  O5   sing N N 2   
A2G C1  C2   sing N N 3   
A2G C1  H1   sing N N 4   
A2G O1  C1   sing N N 5   
A2G O1  HO1  sing N N 6   
A2G C2  C3   sing N N 7   
A2G C2  H2   sing N N 8   
A2G N2  C2   sing N N 9   
A2G N2  HN2  sing N N 10  
A2G C3  C4   sing N N 11  
A2G C3  O3   sing N N 12  
A2G C3  H3   sing N N 13  
A2G O3  HO3  sing N N 14  
A2G C4  O4   sing N N 15  
A2G C4  H4   sing N N 16  
A2G O4  HO4  sing N N 17  
A2G C5  C4   sing N N 18  
A2G C5  C6   sing N N 19  
A2G C5  H5   sing N N 20  
A2G C6  O6   sing N N 21  
A2G C6  H61  sing N N 22  
A2G C7  N2   sing N N 23  
A2G O7  C7   doub N N 24  
A2G C8  C7   sing N N 25  
A2G C8  H81  sing N N 26  
A2G C8  H82  sing N N 27  
A2G C8  H83  sing N N 28  
A2G C6  H62  sing N N 29  
A2G O6  HO6  sing N N 30  
ALA N   CA   sing N N 31  
ALA N   H    sing N N 32  
ALA N   H2   sing N N 33  
ALA CA  C    sing N N 34  
ALA CA  CB   sing N N 35  
ALA CA  HA   sing N N 36  
ALA C   O    doub N N 37  
ALA C   OXT  sing N N 38  
ALA CB  HB1  sing N N 39  
ALA CB  HB2  sing N N 40  
ALA CB  HB3  sing N N 41  
ALA OXT HXT  sing N N 42  
ARG N   CA   sing N N 43  
ARG N   H    sing N N 44  
ARG N   H2   sing N N 45  
ARG CA  C    sing N N 46  
ARG CA  CB   sing N N 47  
ARG CA  HA   sing N N 48  
ARG C   O    doub N N 49  
ARG C   OXT  sing N N 50  
ARG CB  CG   sing N N 51  
ARG CB  HB2  sing N N 52  
ARG CB  HB3  sing N N 53  
ARG CG  CD   sing N N 54  
ARG CG  HG2  sing N N 55  
ARG CG  HG3  sing N N 56  
ARG CD  NE   sing N N 57  
ARG CD  HD2  sing N N 58  
ARG CD  HD3  sing N N 59  
ARG NE  CZ   sing N N 60  
ARG NE  HE   sing N N 61  
ARG CZ  NH1  sing N N 62  
ARG CZ  NH2  doub N N 63  
ARG NH1 HH11 sing N N 64  
ARG NH1 HH12 sing N N 65  
ARG NH2 HH21 sing N N 66  
ARG NH2 HH22 sing N N 67  
ARG OXT HXT  sing N N 68  
ASN N   CA   sing N N 69  
ASN N   H    sing N N 70  
ASN N   H2   sing N N 71  
ASN CA  C    sing N N 72  
ASN CA  CB   sing N N 73  
ASN CA  HA   sing N N 74  
ASN C   O    doub N N 75  
ASN C   OXT  sing N N 76  
ASN CB  CG   sing N N 77  
ASN CB  HB2  sing N N 78  
ASN CB  HB3  sing N N 79  
ASN CG  OD1  doub N N 80  
ASN CG  ND2  sing N N 81  
ASN ND2 HD21 sing N N 82  
ASN ND2 HD22 sing N N 83  
ASN OXT HXT  sing N N 84  
ASP N   CA   sing N N 85  
ASP N   H    sing N N 86  
ASP N   H2   sing N N 87  
ASP CA  C    sing N N 88  
ASP CA  CB   sing N N 89  
ASP CA  HA   sing N N 90  
ASP C   O    doub N N 91  
ASP C   OXT  sing N N 92  
ASP CB  CG   sing N N 93  
ASP CB  HB2  sing N N 94  
ASP CB  HB3  sing N N 95  
ASP CG  OD1  doub N N 96  
ASP CG  OD2  sing N N 97  
ASP OD2 HD2  sing N N 98  
ASP OXT HXT  sing N N 99  
CYS N   CA   sing N N 100 
CYS N   H    sing N N 101 
CYS N   H2   sing N N 102 
CYS CA  C    sing N N 103 
CYS CA  CB   sing N N 104 
CYS CA  HA   sing N N 105 
CYS C   O    doub N N 106 
CYS C   OXT  sing N N 107 
CYS CB  SG   sing N N 108 
CYS CB  HB2  sing N N 109 
CYS CB  HB3  sing N N 110 
CYS SG  HG   sing N N 111 
CYS OXT HXT  sing N N 112 
GLN N   CA   sing N N 113 
GLN N   H    sing N N 114 
GLN N   H2   sing N N 115 
GLN CA  C    sing N N 116 
GLN CA  CB   sing N N 117 
GLN CA  HA   sing N N 118 
GLN C   O    doub N N 119 
GLN C   OXT  sing N N 120 
GLN CB  CG   sing N N 121 
GLN CB  HB2  sing N N 122 
GLN CB  HB3  sing N N 123 
GLN CG  CD   sing N N 124 
GLN CG  HG2  sing N N 125 
GLN CG  HG3  sing N N 126 
GLN CD  OE1  doub N N 127 
GLN CD  NE2  sing N N 128 
GLN NE2 HE21 sing N N 129 
GLN NE2 HE22 sing N N 130 
GLN OXT HXT  sing N N 131 
GLU N   CA   sing N N 132 
GLU N   H    sing N N 133 
GLU N   H2   sing N N 134 
GLU CA  C    sing N N 135 
GLU CA  CB   sing N N 136 
GLU CA  HA   sing N N 137 
GLU C   O    doub N N 138 
GLU C   OXT  sing N N 139 
GLU CB  CG   sing N N 140 
GLU CB  HB2  sing N N 141 
GLU CB  HB3  sing N N 142 
GLU CG  CD   sing N N 143 
GLU CG  HG2  sing N N 144 
GLU CG  HG3  sing N N 145 
GLU CD  OE1  doub N N 146 
GLU CD  OE2  sing N N 147 
GLU OE2 HE2  sing N N 148 
GLU OXT HXT  sing N N 149 
GLY N   CA   sing N N 150 
GLY N   H    sing N N 151 
GLY N   H2   sing N N 152 
GLY CA  C    sing N N 153 
GLY CA  HA2  sing N N 154 
GLY CA  HA3  sing N N 155 
GLY C   O    doub N N 156 
GLY C   OXT  sing N N 157 
GLY OXT HXT  sing N N 158 
HIS N   CA   sing N N 159 
HIS N   H    sing N N 160 
HIS N   H2   sing N N 161 
HIS CA  C    sing N N 162 
HIS CA  CB   sing N N 163 
HIS CA  HA   sing N N 164 
HIS C   O    doub N N 165 
HIS C   OXT  sing N N 166 
HIS CB  CG   sing N N 167 
HIS CB  HB2  sing N N 168 
HIS CB  HB3  sing N N 169 
HIS CG  ND1  sing Y N 170 
HIS CG  CD2  doub Y N 171 
HIS ND1 CE1  doub Y N 172 
HIS ND1 HD1  sing N N 173 
HIS CD2 NE2  sing Y N 174 
HIS CD2 HD2  sing N N 175 
HIS CE1 NE2  sing Y N 176 
HIS CE1 HE1  sing N N 177 
HIS NE2 HE2  sing N N 178 
HIS OXT HXT  sing N N 179 
HOH O   H1   sing N N 180 
HOH O   H2   sing N N 181 
ILE N   CA   sing N N 182 
ILE N   H    sing N N 183 
ILE N   H2   sing N N 184 
ILE CA  C    sing N N 185 
ILE CA  CB   sing N N 186 
ILE CA  HA   sing N N 187 
ILE C   O    doub N N 188 
ILE C   OXT  sing N N 189 
ILE CB  CG1  sing N N 190 
ILE CB  CG2  sing N N 191 
ILE CB  HB   sing N N 192 
ILE CG1 CD1  sing N N 193 
ILE CG1 HG12 sing N N 194 
ILE CG1 HG13 sing N N 195 
ILE CG2 HG21 sing N N 196 
ILE CG2 HG22 sing N N 197 
ILE CG2 HG23 sing N N 198 
ILE CD1 HD11 sing N N 199 
ILE CD1 HD12 sing N N 200 
ILE CD1 HD13 sing N N 201 
ILE OXT HXT  sing N N 202 
LEU N   CA   sing N N 203 
LEU N   H    sing N N 204 
LEU N   H2   sing N N 205 
LEU CA  C    sing N N 206 
LEU CA  CB   sing N N 207 
LEU CA  HA   sing N N 208 
LEU C   O    doub N N 209 
LEU C   OXT  sing N N 210 
LEU CB  CG   sing N N 211 
LEU CB  HB2  sing N N 212 
LEU CB  HB3  sing N N 213 
LEU CG  CD1  sing N N 214 
LEU CG  CD2  sing N N 215 
LEU CG  HG   sing N N 216 
LEU CD1 HD11 sing N N 217 
LEU CD1 HD12 sing N N 218 
LEU CD1 HD13 sing N N 219 
LEU CD2 HD21 sing N N 220 
LEU CD2 HD22 sing N N 221 
LEU CD2 HD23 sing N N 222 
LEU OXT HXT  sing N N 223 
LYS N   CA   sing N N 224 
LYS N   H    sing N N 225 
LYS N   H2   sing N N 226 
LYS CA  C    sing N N 227 
LYS CA  CB   sing N N 228 
LYS CA  HA   sing N N 229 
LYS C   O    doub N N 230 
LYS C   OXT  sing N N 231 
LYS CB  CG   sing N N 232 
LYS CB  HB2  sing N N 233 
LYS CB  HB3  sing N N 234 
LYS CG  CD   sing N N 235 
LYS CG  HG2  sing N N 236 
LYS CG  HG3  sing N N 237 
LYS CD  CE   sing N N 238 
LYS CD  HD2  sing N N 239 
LYS CD  HD3  sing N N 240 
LYS CE  NZ   sing N N 241 
LYS CE  HE2  sing N N 242 
LYS CE  HE3  sing N N 243 
LYS NZ  HZ1  sing N N 244 
LYS NZ  HZ2  sing N N 245 
LYS NZ  HZ3  sing N N 246 
LYS OXT HXT  sing N N 247 
MET N   CA   sing N N 248 
MET N   H    sing N N 249 
MET N   H2   sing N N 250 
MET CA  C    sing N N 251 
MET CA  CB   sing N N 252 
MET CA  HA   sing N N 253 
MET C   O    doub N N 254 
MET C   OXT  sing N N 255 
MET CB  CG   sing N N 256 
MET CB  HB2  sing N N 257 
MET CB  HB3  sing N N 258 
MET CG  SD   sing N N 259 
MET CG  HG2  sing N N 260 
MET CG  HG3  sing N N 261 
MET SD  CE   sing N N 262 
MET CE  HE1  sing N N 263 
MET CE  HE2  sing N N 264 
MET CE  HE3  sing N N 265 
MET OXT HXT  sing N N 266 
NGA C1  C2   sing N N 267 
NGA C1  O1   sing N N 268 
NGA C1  O5   sing N N 269 
NGA C1  H1   sing N N 270 
NGA C2  C3   sing N N 271 
NGA C2  N2   sing N N 272 
NGA C2  H2   sing N N 273 
NGA C3  C4   sing N N 274 
NGA C3  O3   sing N N 275 
NGA C3  H3   sing N N 276 
NGA C4  C5   sing N N 277 
NGA C4  O4   sing N N 278 
NGA C4  H4   sing N N 279 
NGA C5  C6   sing N N 280 
NGA C5  O5   sing N N 281 
NGA C5  H5   sing N N 282 
NGA C6  O6   sing N N 283 
NGA C6  H61  sing N N 284 
NGA C6  H62  sing N N 285 
NGA C7  C8   sing N N 286 
NGA C7  N2   sing N N 287 
NGA C7  O7   doub N N 288 
NGA C8  H81  sing N N 289 
NGA C8  H82  sing N N 290 
NGA C8  H83  sing N N 291 
NGA N2  HN2  sing N N 292 
NGA O1  HO1  sing N N 293 
NGA O3  HO3  sing N N 294 
NGA O4  HO4  sing N N 295 
NGA O6  HO6  sing N N 296 
PRO N   CA   sing N N 297 
PRO N   CD   sing N N 298 
PRO N   H    sing N N 299 
PRO CA  C    sing N N 300 
PRO CA  CB   sing N N 301 
PRO CA  HA   sing N N 302 
PRO C   O    doub N N 303 
PRO C   OXT  sing N N 304 
PRO CB  CG   sing N N 305 
PRO CB  HB2  sing N N 306 
PRO CB  HB3  sing N N 307 
PRO CG  CD   sing N N 308 
PRO CG  HG2  sing N N 309 
PRO CG  HG3  sing N N 310 
PRO CD  HD2  sing N N 311 
PRO CD  HD3  sing N N 312 
PRO OXT HXT  sing N N 313 
SER N   CA   sing N N 314 
SER N   H    sing N N 315 
SER N   H2   sing N N 316 
SER CA  C    sing N N 317 
SER CA  CB   sing N N 318 
SER CA  HA   sing N N 319 
SER C   O    doub N N 320 
SER C   OXT  sing N N 321 
SER CB  OG   sing N N 322 
SER CB  HB2  sing N N 323 
SER CB  HB3  sing N N 324 
SER OG  HG   sing N N 325 
SER OXT HXT  sing N N 326 
THR N   CA   sing N N 327 
THR N   H    sing N N 328 
THR N   H2   sing N N 329 
THR CA  C    sing N N 330 
THR CA  CB   sing N N 331 
THR CA  HA   sing N N 332 
THR C   O    doub N N 333 
THR C   OXT  sing N N 334 
THR CB  OG1  sing N N 335 
THR CB  CG2  sing N N 336 
THR CB  HB   sing N N 337 
THR OG1 HG1  sing N N 338 
THR CG2 HG21 sing N N 339 
THR CG2 HG22 sing N N 340 
THR CG2 HG23 sing N N 341 
THR OXT HXT  sing N N 342 
TRP N   CA   sing N N 343 
TRP N   H    sing N N 344 
TRP N   H2   sing N N 345 
TRP CA  C    sing N N 346 
TRP CA  CB   sing N N 347 
TRP CA  HA   sing N N 348 
TRP C   O    doub N N 349 
TRP C   OXT  sing N N 350 
TRP CB  CG   sing N N 351 
TRP CB  HB2  sing N N 352 
TRP CB  HB3  sing N N 353 
TRP CG  CD1  doub Y N 354 
TRP CG  CD2  sing Y N 355 
TRP CD1 NE1  sing Y N 356 
TRP CD1 HD1  sing N N 357 
TRP CD2 CE2  doub Y N 358 
TRP CD2 CE3  sing Y N 359 
TRP NE1 CE2  sing Y N 360 
TRP NE1 HE1  sing N N 361 
TRP CE2 CZ2  sing Y N 362 
TRP CE3 CZ3  doub Y N 363 
TRP CE3 HE3  sing N N 364 
TRP CZ2 CH2  doub Y N 365 
TRP CZ2 HZ2  sing N N 366 
TRP CZ3 CH2  sing Y N 367 
TRP CZ3 HZ3  sing N N 368 
TRP CH2 HH2  sing N N 369 
TRP OXT HXT  sing N N 370 
TYR N   CA   sing N N 371 
TYR N   H    sing N N 372 
TYR N   H2   sing N N 373 
TYR CA  C    sing N N 374 
TYR CA  CB   sing N N 375 
TYR CA  HA   sing N N 376 
TYR C   O    doub N N 377 
TYR C   OXT  sing N N 378 
TYR CB  CG   sing N N 379 
TYR CB  HB2  sing N N 380 
TYR CB  HB3  sing N N 381 
TYR CG  CD1  doub Y N 382 
TYR CG  CD2  sing Y N 383 
TYR CD1 CE1  sing Y N 384 
TYR CD1 HD1  sing N N 385 
TYR CD2 CE2  doub Y N 386 
TYR CD2 HD2  sing N N 387 
TYR CE1 CZ   doub Y N 388 
TYR CE1 HE1  sing N N 389 
TYR CE2 CZ   sing Y N 390 
TYR CE2 HE2  sing N N 391 
TYR CZ  OH   sing N N 392 
TYR OH  HH   sing N N 393 
TYR OXT HXT  sing N N 394 
VAL N   CA   sing N N 395 
VAL N   H    sing N N 396 
VAL N   H2   sing N N 397 
VAL CA  C    sing N N 398 
VAL CA  CB   sing N N 399 
VAL CA  HA   sing N N 400 
VAL C   O    doub N N 401 
VAL C   OXT  sing N N 402 
VAL CB  CG1  sing N N 403 
VAL CB  CG2  sing N N 404 
VAL CB  HB   sing N N 405 
VAL CG1 HG11 sing N N 406 
VAL CG1 HG12 sing N N 407 
VAL CG1 HG13 sing N N 408 
VAL CG2 HG21 sing N N 409 
VAL CG2 HG22 sing N N 410 
VAL CG2 HG23 sing N N 411 
VAL OXT HXT  sing N N 412 
# 
loop_
_pdbx_audit_support.funding_organization 
_pdbx_audit_support.country 
_pdbx_audit_support.grant_number 
_pdbx_audit_support.ordinal 
'Knut and Alice Wallenberg Foundation' Sweden ? 1 
'Other government'                     ?      ? 2 
# 
_pdbx_initial_refinement_model.id               1 
_pdbx_initial_refinement_model.entity_id_list   ? 
_pdbx_initial_refinement_model.type             'experimental model' 
_pdbx_initial_refinement_model.source_name      PDB 
_pdbx_initial_refinement_model.accession_code   8R8A 
_pdbx_initial_refinement_model.details          ? 
# 
_atom_sites.entry_id                    8R8C 
_atom_sites.Cartn_transf_matrix[1][1]   ? 
_atom_sites.Cartn_transf_matrix[1][2]   ? 
_atom_sites.Cartn_transf_matrix[1][3]   ? 
_atom_sites.Cartn_transf_matrix[2][1]   ? 
_atom_sites.Cartn_transf_matrix[2][2]   ? 
_atom_sites.Cartn_transf_matrix[2][3]   ? 
_atom_sites.Cartn_transf_matrix[3][1]   ? 
_atom_sites.Cartn_transf_matrix[3][2]   ? 
_atom_sites.Cartn_transf_matrix[3][3]   ? 
_atom_sites.Cartn_transf_vector[1]      ? 
_atom_sites.Cartn_transf_vector[2]      ? 
_atom_sites.Cartn_transf_vector[3]      ? 
_atom_sites.Cartn_transform_axes        ? 
_atom_sites.fract_transf_matrix[1][1]   0.02354209 
_atom_sites.fract_transf_matrix[1][2]   0.00696682 
_atom_sites.fract_transf_matrix[1][3]   -0.01275362 
_atom_sites.fract_transf_matrix[2][1]   -0.00278517 
_atom_sites.fract_transf_matrix[2][2]   -0.02118708 
_atom_sites.fract_transf_matrix[2][3]   -0.01671488 
_atom_sites.fract_transf_matrix[3][1]   -0.00398500 
_atom_sites.fract_transf_matrix[3][2]   0.00645681 
_atom_sites.fract_transf_matrix[3][3]   -0.00752036 
_atom_sites.fract_transf_vector[1]      0.478549 
_atom_sites.fract_transf_vector[2]      0.150177 
_atom_sites.fract_transf_vector[3]      0.643225 
_atom_sites.solution_primary            ? 
_atom_sites.solution_secondary          ? 
_atom_sites.solution_hydrogens          ? 
_atom_sites.special_details             ? 
# 
loop_
_atom_type.symbol 
_atom_type.pdbx_scat_Z 
_atom_type.pdbx_N_electrons 
_atom_type.scat_Cromer_Mann_a1 
_atom_type.scat_Cromer_Mann_b1 
_atom_type.scat_Cromer_Mann_a2 
_atom_type.scat_Cromer_Mann_b2 
_atom_type.scat_Cromer_Mann_a3 
_atom_type.scat_Cromer_Mann_b3 
_atom_type.scat_Cromer_Mann_a4 
_atom_type.scat_Cromer_Mann_b4 
_atom_type.scat_Cromer_Mann_c 
C  6  6  2.3103  20.8439 1.0201  10.2075 1.5888 0.5687  0.8651 51.6512 0.2156   
CD 48 48 19.2218 0.5946  17.6447 6.9089  4.4611 24.7008 1.6029 87.4825 4.5930   
H  1  1  0.4930  10.5109 0.3229  26.1257 0.1402 3.1424  0.0408 57.7997 0.0030   
N  7  7  12.2220 0.0057  3.1346  9.8933  2.0141 28.9975 1.1672 0.5826  -11.5379 
O  8  8  3.0487  13.2771 2.2870  5.7011  1.5464 0.3239  0.8671 32.9089 0.2508   
S  16 16 6.9054  1.4679  5.2035  22.2151 1.4379 0.2536  1.5863 56.1720 1.0498   
# 
loop_
_atom_site.group_PDB 
_atom_site.id 
_atom_site.type_symbol 
_atom_site.label_atom_id 
_atom_site.label_alt_id 
_atom_site.label_comp_id 
_atom_site.label_asym_id 
_atom_site.label_entity_id 
_atom_site.label_seq_id 
_atom_site.pdbx_PDB_ins_code 
_atom_site.Cartn_x 
_atom_site.Cartn_y 
_atom_site.Cartn_z 
_atom_site.occupancy 
_atom_site.B_iso_or_equiv 
_atom_site.pdbx_formal_charge 
_atom_site.auth_seq_id 
_atom_site.auth_comp_id 
_atom_site.auth_asym_id 
_atom_site.auth_atom_id 
_atom_site.pdbx_PDB_model_num 
_atom_site.calc_flag 
ATOM   1    N  N   . ALA A 1 2   ? -12.802 19.302  -6.857  1.000 36.402 0 4   ALA A N   1 ? 
ATOM   2    C  CA  . ALA A 1 2   ? -11.746 19.224  -5.825  1.000 37.893 0 4   ALA A CA  1 ? 
ATOM   3    C  C   . ALA A 1 2   ? -11.550 17.770  -5.365  1.000 39.957 0 4   ALA A C   1 ? 
ATOM   4    O  O   . ALA A 1 2   ? -12.536 17.023  -5.203  1.000 37.723 0 4   ALA A O   1 ? 
ATOM   5    C  CB  . ALA A 1 2   ? -12.115 20.108  -4.664  1.000 36.658 0 4   ALA A CB  1 ? 
ATOM   6    N  N   . MET A 1 3   ? -10.277 17.389  -5.137  1.000 43.602 0 5   MET A N   1 ? 
ATOM   7    C  CA  . MET A 1 3   ? -9.957  16.064  -4.620  1.000 43.657 0 5   MET A CA  1 ? 
ATOM   8    C  C   . MET A 1 3   ? -10.042 16.061  -3.096  1.000 40.455 0 5   MET A C   1 ? 
ATOM   9    O  O   . MET A 1 3   ? -9.569  16.979  -2.412  1.000 40.557 0 5   MET A O   1 ? 
ATOM   10   C  CB  . MET A 1 3   ? -8.582  15.564  -5.079  1.000 44.160 0 5   MET A CB  1 ? 
ATOM   11   C  CG  . MET A 1 3   ? -8.693  14.562  -6.215  1.000 46.158 0 5   MET A CG  1 ? 
ATOM   12   N  N   . VAL A 1 4   ? -10.724 15.024  -2.603  1.000 34.527 0 6   VAL A N   1 ? 
ATOM   13   C  CA  . VAL A 1 4   ? -10.968 14.852  -1.180  1.000 32.200 0 6   VAL A CA  1 ? 
ATOM   14   C  C   . VAL A 1 4   ? -10.361 13.510  -0.788  1.000 26.533 0 6   VAL A C   1 ? 
ATOM   15   O  O   . VAL A 1 4   ? -10.223 12.620  -1.636  1.000 29.634 0 6   VAL A O   1 ? 
ATOM   16   C  CB  . VAL A 1 4   ? -12.454 14.862  -0.788  1.000 36.513 0 6   VAL A CB  1 ? 
ATOM   17   C  CG1 . VAL A 1 4   ? -13.060 16.257  -0.960  1.000 38.769 0 6   VAL A CG1 1 ? 
ATOM   18   C  CG2 . VAL A 1 4   ? -13.250 13.831  -1.569  1.000 37.694 0 6   VAL A CG2 1 ? 
ATOM   19   N  N   . SER A 1 5   ? -10.030 13.395  0.494   1.000 25.850 0 7   SER A N   1 ? 
ATOM   20   C  CA  . SER A 1 5   ? -9.490  12.144  1.019   1.000 29.542 0 7   SER A CA  1 ? 
ATOM   21   C  C   . SER A 1 5   ? -10.610 11.116  1.042   1.000 32.887 0 7   SER A C   1 ? 
ATOM   22   O  O   . SER A 1 5   ? -11.789 11.460  1.196   1.000 32.845 0 7   SER A O   1 ? 
ATOM   23   C  CB  . SER A 1 5   ? -8.913  12.311  2.382   1.000 30.577 0 7   SER A CB  1 ? 
ATOM   24   O  OG  . SER A 1 5   ? -7.838  13.222  2.333   1.000 32.355 0 7   SER A OG  1 ? 
ATOM   25   N  N   . ARG A 1 6   ? -10.241 9.842   0.802   1.000 29.647 0 8   ARG A N   1 ? 
ATOM   26   C  CA  . ARG A 1 6   ? -11.194 8.744   0.876   1.000 26.715 0 8   ARG A CA  1 ? 
ATOM   27   C  C   . ARG A 1 6   ? -10.575 7.638   1.742   1.000 23.992 0 8   ARG A C   1 ? 
ATOM   28   O  O   . ARG A 1 6   ? -9.458  7.204   1.468   1.000 24.192 0 8   ARG A O   1 ? 
ATOM   29   C  CB  . ARG A 1 6   ? -11.509 8.259   -0.547  1.000 34.140 0 8   ARG A CB  1 ? 
ATOM   30   N  N   A SER A 1 7   ? -11.327 7.158   2.739   0.400 26.238 0 9   SER A N   1 ? 
ATOM   31   N  N   B SER A 1 7   ? -11.322 7.163   2.737   0.600 25.991 0 9   SER A N   1 ? 
ATOM   32   C  CA  A SER A 1 7   ? -10.923 6.043   3.594   0.400 28.701 0 9   SER A CA  1 ? 
ATOM   33   C  CA  B SER A 1 7   ? -10.901 6.031   3.562   0.600 28.932 0 9   SER A CA  1 ? 
ATOM   34   C  C   A SER A 1 7   ? -11.497 4.744   3.033   0.400 27.803 0 9   SER A C   1 ? 
ATOM   35   C  C   B SER A 1 7   ? -11.493 4.741   3.013   0.600 28.823 0 9   SER A C   1 ? 
ATOM   36   O  O   A SER A 1 7   ? -12.654 4.694   2.608   0.400 28.322 0 9   SER A O   1 ? 
ATOM   37   O  O   B SER A 1 7   ? -12.653 4.678   2.591   0.600 28.871 0 9   SER A O   1 ? 
ATOM   38   C  CB  A SER A 1 7   ? -11.376 6.301   5.019   0.400 31.357 0 9   SER A CB  1 ? 
ATOM   39   C  CB  B SER A 1 7   ? -11.282 6.230   4.997   0.600 31.358 0 9   SER A CB  1 ? 
ATOM   40   O  OG  A SER A 1 7   ? -10.794 5.425   5.977   0.400 34.385 0 9   SER A OG  1 ? 
ATOM   41   O  OG  B SER A 1 7   ? -10.696 7.412   5.524   0.600 34.646 0 9   SER A OG  1 ? 
ATOM   42   N  N   . THR A 1 8   ? -10.693 3.673   2.993   1.000 21.447 0 10  THR A N   1 ? 
ATOM   43   C  CA  . THR A 1 8   ? -11.092 2.511   2.240   1.000 21.108 0 10  THR A CA  1 ? 
ATOM   44   C  C   . THR A 1 8   ? -10.211 1.361   2.676   1.000 19.794 0 10  THR A C   1 ? 
ATOM   45   O  O   . THR A 1 8   ? -9.137  1.576   3.282   1.000 19.873 0 10  THR A O   1 ? 
ATOM   46   C  CB  . THR A 1 8   ? -10.895 2.756   0.730   1.000 24.335 0 10  THR A CB  1 ? 
ATOM   47   O  OG1 . THR A 1 8   ? -11.425 1.692   -0.042  1.000 31.388 0 10  THR A OG1 1 ? 
ATOM   48   C  CG2 . THR A 1 8   ? -9.455  2.887   0.284   1.000 29.266 0 10  THR A CG2 1 ? 
ATOM   49   N  N   . HIS A 1 9   ? -10.635 0.158   2.337   1.000 17.639 0 11  HIS A N   1 ? 
ATOM   50   C  CA  . HIS A 1 9   ? -9.744  -0.979  2.402   1.000 15.679 0 11  HIS A CA  1 ? 
ATOM   51   C  C   . HIS A 1 9   ? -9.091  -1.070  1.041   1.000 18.407 0 11  HIS A C   1 ? 
ATOM   52   O  O   . HIS A 1 9   ? -9.672  -0.663  0.016   1.000 21.967 0 11  HIS A O   1 ? 
ATOM   53   C  CB  . HIS A 1 9   ? -10.518 -2.278  2.690   1.000 15.396 0 11  HIS A CB  1 ? 
ATOM   54   C  CG  . HIS A 1 9   ? -11.380 -2.155  3.879   1.000 17.958 0 11  HIS A CG  1 ? 
ATOM   55   N  ND1 . HIS A 1 9   ? -10.855 -1.825  5.094   1.000 19.940 0 11  HIS A ND1 1 ? 
ATOM   56   C  CD2 . HIS A 1 9   ? -12.711 -2.104  4.022   1.000 18.818 0 11  HIS A CD2 1 ? 
ATOM   57   C  CE1 . HIS A 1 9   ? -11.819 -1.737  5.991   1.000 20.910 0 11  HIS A CE1 1 ? 
ATOM   58   N  NE2 . HIS A 1 9   ? -12.956 -1.866  5.351   1.000 15.900 0 11  HIS A NE2 1 ? 
ATOM   59   N  N   . LEU A 1 10  ? -7.873  -1.597  0.992   1.000 15.541 0 12  LEU A N   1 ? 
ATOM   60   C  CA  . LEU A 1 10  ? -7.217  -1.875  -0.286  1.000 14.765 0 12  LEU A CA  1 ? 
ATOM   61   C  C   . LEU A 1 10  ? -7.188  -3.367  -0.523  1.000 14.872 0 12  LEU A C   1 ? 
ATOM   62   O  O   . LEU A 1 10  ? -6.501  -4.103  0.169   1.000 16.832 0 12  LEU A O   1 ? 
ATOM   63   C  CB  . LEU A 1 10  ? -5.807  -1.296  -0.330  1.000 16.145 0 12  LEU A CB  1 ? 
ATOM   64   C  CG  . LEU A 1 10  ? -5.776  0.199   -0.576  1.000 16.738 0 12  LEU A CG  1 ? 
ATOM   65   C  CD1 . LEU A 1 10  ? -4.411  0.773   -0.270  1.000 19.163 0 12  LEU A CD1 1 ? 
ATOM   66   C  CD2 . LEU A 1 10  ? -6.153  0.539   -2.021  1.000 18.385 0 12  LEU A CD2 1 ? 
ATOM   67   N  N   . VAL A 1 11  ? -7.974  -3.853  -1.477  1.000 15.808 0 13  VAL A N   1 ? 
ATOM   68   C  CA  . VAL A 1 11  ? -8.278  -5.257  -1.621  1.000 16.485 0 13  VAL A CA  1 ? 
ATOM   69   C  C   . VAL A 1 11  ? -7.508  -5.830  -2.798  1.000 17.645 0 13  VAL A C   1 ? 
ATOM   70   O  O   . VAL A 1 11  ? -7.566  -5.297  -3.892  1.000 19.427 0 13  VAL A O   1 ? 
ATOM   71   C  CB  . VAL A 1 11  ? -9.804  -5.417  -1.829  1.000 17.698 0 13  VAL A CB  1 ? 
ATOM   72   C  CG1 . VAL A 1 11  ? -10.192 -6.859  -2.024  1.000 18.869 0 13  VAL A CG1 1 ? 
ATOM   73   C  CG2 . VAL A 1 11  ? -10.617 -4.815  -0.724  1.000 18.951 0 13  VAL A CG2 1 ? 
ATOM   74   N  N   . GLY A 1 12  ? -6.743  -6.874  -2.534  1.000 18.326 0 14  GLY A N   1 ? 
ATOM   75   C  CA  . GLY A 1 12  ? -5.888  -7.448  -3.540  1.000 19.792 0 14  GLY A CA  1 ? 
ATOM   76   C  C   . GLY A 1 12  ? -6.301  -8.867  -3.890  1.000 19.368 0 14  GLY A C   1 ? 
ATOM   77   O  O   . GLY A 1 12  ? -7.479  -9.248  -3.808  1.000 22.455 0 14  GLY A O   1 ? 
ATOM   78   N  N   . GLN A 1 13  ? -5.283  -9.669  -4.135  1.000 22.773 0 15  GLN A N   1 ? 
ATOM   79   C  CA  . GLN A 1 13  ? -5.489  -11.003 -4.636  1.000 26.185 0 15  GLN A CA  1 ? 
ATOM   80   C  C   . GLN A 1 13  ? -6.375  -11.829 -3.708  1.000 24.428 0 15  GLN A C   1 ? 
ATOM   81   O  O   . GLN A 1 13  ? -6.217  -11.829 -2.504  1.000 23.206 0 15  GLN A O   1 ? 
ATOM   82   C  CB  . GLN A 1 13  ? -4.135  -11.650 -4.768  1.000 27.242 0 15  GLN A CB  1 ? 
ATOM   83   C  CG  . GLN A 1 13  ? -4.273  -13.060 -5.320  1.000 33.610 0 15  GLN A CG  1 ? 
ATOM   84   C  CD  . GLN A 1 13  ? -3.069  -13.430 -6.130  1.000 41.193 0 15  GLN A CD  1 ? 
ATOM   85   O  OE1 . GLN A 1 13  ? -1.943  -13.203 -5.681  1.000 52.978 0 15  GLN A OE1 1 ? 
ATOM   86   N  NE2 . GLN A 1 13  ? -3.298  -13.921 -7.337  1.000 45.210 0 15  GLN A NE2 1 ? 
ATOM   87   N  N   . ASP A 1 14  ? -7.327  -12.522 -4.330  1.000 26.204 0 16  ASP A N   1 ? 
ATOM   88   C  CA  . ASP A 1 14  ? -8.263  -13.410 -3.637  1.000 25.419 0 16  ASP A CA  1 ? 
ATOM   89   C  C   . ASP A 1 14  ? -9.127  -12.713 -2.596  1.000 24.998 0 16  ASP A C   1 ? 
ATOM   90   O  O   . ASP A 1 14  ? -9.646  -13.362 -1.701  1.000 24.855 0 16  ASP A O   1 ? 
ATOM   91   C  CB  . ASP A 1 14  ? -7.531  -14.608 -3.051  1.000 29.997 0 16  ASP A CB  1 ? 
ATOM   92   C  CG  . ASP A 1 14  ? -6.910  -15.532 -4.093  1.000 38.080 0 16  ASP A CG  1 ? 
ATOM   93   O  OD1 . ASP A 1 14  ? -7.323  -15.470 -5.272  1.000 39.024 0 16  ASP A OD1 1 ? 
ATOM   94   O  OD2 . ASP A 1 14  ? -6.014  -16.301 -3.730  1.000 41.143 0 16  ASP A OD2 1 ? 
ATOM   95   N  N   . GLY A 1 15  ? -9.252  -11.398 -2.701  1.000 22.057 0 17  GLY A N   1 ? 
ATOM   96   C  CA  . GLY A 1 15  ? -10.060 -10.637 -1.807  1.000 19.317 0 17  GLY A CA  1 ? 
ATOM   97   C  C   . GLY A 1 15  ? -9.449  -10.375 -0.433  1.000 20.781 0 17  GLY A C   1 ? 
ATOM   98   O  O   . GLY A 1 15  ? -10.179 -9.978  0.458   1.000 22.869 0 17  GLY A O   1 ? 
ATOM   99   N  N   . LEU A 1 16  ? -8.153  -10.584 -0.279  1.000 20.230 0 18  LEU A N   1 ? 
ATOM   100  C  CA  . LEU A 1 16  ? -7.475  -10.217 0.954   1.000 18.026 0 18  LEU A CA  1 ? 
ATOM   101  C  C   . LEU A 1 16  ? -7.123  -8.738  0.913   1.000 17.339 0 18  LEU A C   1 ? 
ATOM   102  O  O   . LEU A 1 16  ? -7.183  -8.103  -0.130  1.000 18.267 0 18  LEU A O   1 ? 
ATOM   103  C  CB  . LEU A 1 16  ? -6.207  -11.047 1.058   1.000 17.322 0 18  LEU A CB  1 ? 
ATOM   104  C  CG  . LEU A 1 16  ? -6.368  -12.562 1.153   1.000 24.544 0 18  LEU A CG  1 ? 
ATOM   105  C  CD1 . LEU A 1 16  ? -4.981  -13.196 1.312   1.000 29.010 0 18  LEU A CD1 1 ? 
ATOM   106  C  CD2 . LEU A 1 16  ? -7.202  -12.826 2.311   1.000 26.034 0 18  LEU A CD2 1 ? 
ATOM   107  N  N   . CYS A 1 17  ? -6.829  -8.186  2.086   1.000 16.005 0 19  CYS A N   1 ? 
ATOM   108  C  CA  . CYS A 1 17  ? -6.671  -6.761  2.281   1.000 14.994 0 19  CYS A CA  1 ? 
ATOM   109  C  C   . CYS A 1 17  ? -5.216  -6.409  2.627   1.000 14.941 0 19  CYS A C   1 ? 
ATOM   110  O  O   . CYS A 1 17  ? -4.532  -7.169  3.332   1.000 15.222 0 19  CYS A O   1 ? 
ATOM   111  C  CB  . CYS A 1 17  ? -7.527  -6.247  3.418   1.000 17.022 0 19  CYS A CB  1 ? 
ATOM   112  S  SG  . CYS A 1 17  ? -9.274  -6.012  2.970   1.000 23.214 0 19  CYS A SG  1 ? 
ATOM   113  N  N   . LEU A 1 18  ? -4.812  -5.235  2.142   1.000 15.497 0 20  LEU A N   1 ? 
ATOM   114  C  CA  . LEU A 1 18  ? -3.501  -4.696  2.548   1.000 14.829 0 20  LEU A CA  1 ? 
ATOM   115  C  C   . LEU A 1 18  ? -3.540  -4.417  4.045   1.000 13.978 0 20  LEU A C   1 ? 
ATOM   116  O  O   . LEU A 1 18  ? -4.421  -3.743  4.523   1.000 12.540 0 20  LEU A O   1 ? 
ATOM   117  C  CB  . LEU A 1 18  ? -3.148  -3.445  1.761   1.000 13.976 0 20  LEU A CB  1 ? 
ATOM   118  C  CG  . LEU A 1 18  ? -1.708  -2.959  1.915   1.000 14.734 0 20  LEU A CG  1 ? 
ATOM   119  C  CD1 . LEU A 1 18  ? -0.777  -3.892  1.327   1.000 14.570 0 20  LEU A CD1 1 ? 
ATOM   120  C  CD2 . LEU A 1 18  ? -1.623  -1.597  1.241   1.000 16.727 0 20  LEU A CD2 1 ? 
ATOM   121  N  N   . ASP A 1 19  ? -2.516  -4.896  4.781   1.000 11.559 0 21  ASP A N   1 ? 
ATOM   122  C  CA  . ASP A 1 19  ? -2.546  -4.990  6.225   1.000 13.466 0 21  ASP A CA  1 ? 
ATOM   123  C  C   . ASP A 1 19  ? -1.163  -4.716  6.813   1.000 13.970 0 21  ASP A C   1 ? 
ATOM   124  O  O   . ASP A 1 19  ? -0.197  -5.252  6.289   1.000 13.881 0 21  ASP A O   1 ? 
ATOM   125  C  CB  . ASP A 1 19  ? -3.042  -6.371  6.571   1.000 13.878 0 21  ASP A CB  1 ? 
ATOM   126  C  CG  . ASP A 1 19  ? -3.050  -6.798  8.015   1.000 15.907 0 21  ASP A CG  1 ? 
ATOM   127  O  OD1 . ASP A 1 19  ? -1.926  -7.043  8.560   1.000 15.245 0 21  ASP A OD1 1 ? 
ATOM   128  O  OD2 . ASP A 1 19  ? -4.171  -7.003  8.578   1.000 16.463 0 21  ASP A OD2 1 ? 
ATOM   129  N  N   . VAL A 1 20  ? -1.047  -3.865  7.821   1.000 10.997 0 22  VAL A N   1 ? 
ATOM   130  C  CA  . VAL A 1 20  ? 0.234   -3.660  8.512   1.000 13.439 0 22  VAL A CA  1 ? 
ATOM   131  C  C   . VAL A 1 20  ? 0.406   -4.788  9.521   1.000 13.824 0 22  VAL A C   1 ? 
ATOM   132  O  O   . VAL A 1 20  ? -0.415  -5.002  10.427  1.000 13.287 0 22  VAL A O   1 ? 
ATOM   133  C  CB  . VAL A 1 20  ? 0.256   -2.303  9.203   1.000 14.545 0 22  VAL A CB  1 ? 
ATOM   134  C  CG1 . VAL A 1 20  ? 1.604   -2.064  9.894   1.000 13.492 0 22  VAL A CG1 1 ? 
ATOM   135  C  CG2 . VAL A 1 20  ? -0.021  -1.138  8.292   1.000 16.099 0 22  VAL A CG2 1 ? 
ATOM   136  N  N   . ILE A 1 21  ? 1.497   -5.540  9.383   1.000 12.629 0 23  ILE A N   1 ? 
ATOM   137  C  CA  . ILE A 1 21  ? 1.654   -6.736  10.169  1.000 12.088 0 23  ILE A CA  1 ? 
ATOM   138  C  C   . ILE A 1 21  ? 1.583   -6.494  11.679  1.000 14.015 0 23  ILE A C   1 ? 
ATOM   139  O  O   . ILE A 1 21  ? 2.320   -5.662  12.241  1.000 14.149 0 23  ILE A O   1 ? 
ATOM   140  C  CB  . ILE A 1 21  ? 2.944   -7.465  9.746   1.000 14.921 0 23  ILE A CB  1 ? 
ATOM   141  C  CG1 . ILE A 1 21  ? 3.054   -8.825  10.437  1.000 19.224 0 23  ILE A CG1 1 ? 
ATOM   142  C  CG2 . ILE A 1 21  ? 4.187   -6.648  9.984   1.000 18.256 0 23  ILE A CG2 1 ? 
ATOM   143  C  CD1 . ILE A 1 21  ? 4.015   -9.772  9.755   1.000 21.109 0 23  ILE A CD1 1 ? 
ATOM   144  N  N   . GLY A 1 22  ? 0.639   -7.220  12.316  1.000 14.428 0 24  GLY A N   1 ? 
ATOM   145  C  CA  . GLY A 1 22  ? 0.505   -7.154  13.768  1.000 14.545 0 24  GLY A CA  1 ? 
ATOM   146  C  C   . GLY A 1 22  ? -0.294  -5.952  14.250  1.000 15.323 0 24  GLY A C   1 ? 
ATOM   147  O  O   . GLY A 1 22  ? -0.550  -5.814  15.460  1.000 16.662 0 24  GLY A O   1 ? 
ATOM   148  N  N   . GLY A 1 23  ? -0.687  -5.069  13.333  1.000 14.777 0 25  GLY A N   1 ? 
ATOM   149  C  CA  . GLY A 1 23  ? -1.433  -3.881  13.707  1.000 15.136 0 25  GLY A CA  1 ? 
ATOM   150  C  C   . GLY A 1 23  ? -0.614  -2.790  14.343  1.000 16.217 0 25  GLY A C   1 ? 
ATOM   151  O  O   . GLY A 1 23  ? -1.200  -1.804  14.834  1.000 20.339 0 25  GLY A O   1 ? 
ATOM   152  N  N   . TYR A 1 24  ? 0.727   -2.943  14.336  1.000 14.940 0 26  TYR A N   1 ? 
ATOM   153  C  CA  . TYR A 1 24  ? 1.567   -1.982  15.008  1.000 14.754 0 26  TYR A CA  1 ? 
ATOM   154  C  C   . TYR A 1 24  ? 1.789   -0.770  14.133  1.000 16.509 0 26  TYR A C   1 ? 
ATOM   155  O  O   . TYR A 1 24  ? 2.040   -0.916  12.949  1.000 18.376 0 26  TYR A O   1 ? 
ATOM   156  C  CB  . TYR A 1 24  ? 2.899   -2.647  15.324  1.000 14.213 0 26  TYR A CB  1 ? 
ATOM   157  C  CG  . TYR A 1 24  ? 2.754   -3.746  16.358  1.000 13.789 0 26  TYR A CG  1 ? 
ATOM   158  C  CD1 . TYR A 1 24  ? 2.457   -3.443  17.691  1.000 15.544 0 26  TYR A CD1 1 ? 
ATOM   159  C  CD2 . TYR A 1 24  ? 2.909   -5.073  16.014  1.000 15.394 0 26  TYR A CD2 1 ? 
ATOM   160  C  CE1 . TYR A 1 24  ? 2.339   -4.424  18.650  1.000 16.311 0 26  TYR A CE1 1 ? 
ATOM   161  C  CE2 . TYR A 1 24  ? 2.804   -6.074  16.965  1.000 15.584 0 26  TYR A CE2 1 ? 
ATOM   162  C  CZ  . TYR A 1 24  ? 2.497   -5.744  18.277  1.000 17.531 0 26  TYR A CZ  1 ? 
ATOM   163  O  OH  . TYR A 1 24  ? 2.458   -6.718  19.231  1.000 18.911 0 26  TYR A OH  1 ? 
ATOM   164  N  N   . SER A 1 25  ? 1.843   0.432   14.735  1.000 16.373 0 27  SER A N   1 ? 
ATOM   165  C  CA  . SER A 1 25  ? 1.994   1.647   13.948  1.000 18.300 0 27  SER A CA  1 ? 
ATOM   166  C  C   . SER A 1 25  ? 3.404   2.225   14.001  1.000 17.631 0 27  SER A C   1 ? 
ATOM   167  O  O   . SER A 1 25  ? 3.624   3.345   13.555  1.000 20.177 0 27  SER A O   1 ? 
ATOM   168  C  CB  . SER A 1 25  ? 0.951   2.658   14.409  1.000 20.168 0 27  SER A CB  1 ? 
ATOM   169  O  OG  . SER A 1 25  ? 1.201   3.035   15.752  1.000 24.464 0 27  SER A OG  1 ? 
ATOM   170  N  N   . ASP A 1 26  ? 4.383   1.439   14.484  1.000 14.735 0 28  ASP A N   1 ? 
ATOM   171  C  CA  . ASP A 1 26  ? 5.747   1.878   14.556  1.000 15.379 0 28  ASP A CA  1 ? 
ATOM   172  C  C   . ASP A 1 26  ? 6.293   2.117   13.156  1.000 15.712 0 28  ASP A C   1 ? 
ATOM   173  O  O   . ASP A 1 26  ? 5.919   1.477   12.141  1.000 15.240 0 28  ASP A O   1 ? 
ATOM   174  C  CB  . ASP A 1 26  ? 6.625   0.879   15.294  1.000 15.933 0 28  ASP A CB  1 ? 
ATOM   175  C  CG  . ASP A 1 26  ? 6.077   0.567   16.685  1.000 19.208 0 28  ASP A CG  1 ? 
ATOM   176  O  OD1 . ASP A 1 26  ? 5.076   -0.170  16.850  1.000 17.729 0 28  ASP A OD1 1 ? 
ATOM   177  O  OD2 . ASP A 1 26  ? 6.590   1.209   17.615  1.000 21.318 0 28  ASP A OD2 1 ? 
ATOM   178  N  N   . ASN A 1 27  ? 7.287   2.985   13.058  1.000 15.725 0 29  ASN A N   1 ? 
ATOM   179  C  CA  . ASN A 1 27  ? 7.927   3.196   11.777  1.000 14.447 0 29  ASN A CA  1 ? 
ATOM   180  C  C   . ASN A 1 27  ? 8.590   1.895   11.319  1.000 13.562 0 29  ASN A C   1 ? 
ATOM   181  O  O   . ASN A 1 27  ? 9.166   1.186   12.125  1.000 13.487 0 29  ASN A O   1 ? 
ATOM   182  C  CB  . ASN A 1 27  ? 9.005   4.255   11.806  1.000 16.232 0 29  ASN A CB  1 ? 
ATOM   183  C  CG  . ASN A 1 27  ? 8.471   5.641   12.085  1.000 17.360 0 29  ASN A CG  1 ? 
ATOM   184  O  OD1 . ASN A 1 27  ? 7.343   5.936   11.726  1.000 18.071 0 29  ASN A OD1 1 ? 
ATOM   185  N  ND2 . ASN A 1 27  ? 9.256   6.487   12.744  1.000 21.051 0 29  ASN A ND2 1 ? 
ATOM   186  N  N   . HIS A 1 28  ? 8.501   1.640   10.004  1.000 12.155 0 30  HIS A N   1 ? 
ATOM   187  C  CA  . HIS A 1 28  ? 9.172   0.545   9.325   1.000 12.714 0 30  HIS A CA  1 ? 
ATOM   188  C  C   . HIS A 1 28  ? 8.554   -0.843  9.569   1.000 13.650 0 30  HIS A C   1 ? 
ATOM   189  O  O   . HIS A 1 28  ? 9.142   -1.853  9.201   1.000 13.711 0 30  HIS A O   1 ? 
ATOM   190  C  CB  . HIS A 1 28  ? 10.685  0.554   9.606   1.000 12.403 0 30  HIS A CB  1 ? 
ATOM   191  C  CG  . HIS A 1 28  ? 11.279  1.907   9.513   1.000 11.932 0 30  HIS A CG  1 ? 
ATOM   192  N  ND1 . HIS A 1 28  ? 11.875  2.546   10.604  1.000 15.612 0 30  HIS A ND1 1 ? 
ATOM   193  C  CD2 . HIS A 1 28  ? 11.373  2.707   8.511   1.000 15.683 0 30  HIS A CD2 1 ? 
ATOM   194  C  CE1 . HIS A 1 28  ? 12.298  3.737   10.193  1.000 15.157 0 30  HIS A CE1 1 ? 
ATOM   195  N  NE2 . HIS A 1 28  ? 11.979  3.867   8.943   1.000 13.832 0 30  HIS A NE2 1 ? 
ATOM   196  N  N   . VAL A 1 29  ? 7.323   -0.895  10.033  1.000 12.020 0 31  VAL A N   1 ? 
ATOM   197  C  CA  . VAL A 1 29  ? 6.588   -2.150  10.047  1.000 12.062 0 31  VAL A CA  1 ? 
ATOM   198  C  C   . VAL A 1 29  ? 6.049   -2.489  8.666   1.000 11.766 0 31  VAL A C   1 ? 
ATOM   199  O  O   . VAL A 1 29  ? 5.458   -1.640  8.005   1.000 12.261 0 31  VAL A O   1 ? 
ATOM   200  C  CB  . VAL A 1 29  ? 5.434   -2.099  11.052  1.000 13.123 0 31  VAL A CB  1 ? 
ATOM   201  C  CG1 . VAL A 1 29  ? 4.699   -3.391  11.041  1.000 14.194 0 31  VAL A CG1 1 ? 
ATOM   202  C  CG2 . VAL A 1 29  ? 5.928   -1.776  12.491  1.000 16.900 0 31  VAL A CG2 1 ? 
ATOM   203  N  N   . PRO A 1 30  ? 6.383   -3.698  8.118   1.000 11.886 0 32  PRO A N   1 ? 
ATOM   204  C  CA  . PRO A 1 30  ? 5.974   -4.017  6.744   1.000 11.998 0 32  PRO A CA  1 ? 
ATOM   205  C  C   . PRO A 1 30  ? 4.466   -4.230  6.567   1.000 11.304 0 32  PRO A C   1 ? 
ATOM   206  O  O   . PRO A 1 30  ? 3.755   -4.513  7.523   1.000 12.536 0 32  PRO A O   1 ? 
ATOM   207  C  CB  . PRO A 1 30  ? 6.680   -5.291  6.460   1.000 13.226 0 32  PRO A CB  1 ? 
ATOM   208  C  CG  . PRO A 1 30  ? 7.807   -5.373  7.467   1.000 14.048 0 32  PRO A CG  1 ? 
ATOM   209  C  CD  . PRO A 1 30  ? 7.307   -4.680  8.703   1.000 12.523 0 32  PRO A CD  1 ? 
ATOM   210  N  N   . THR A 1 31  ? 4.039   -4.167  5.310   1.000 11.082 0 33  THR A N   1 ? 
ATOM   211  C  CA  . THR A 1 31  ? 2.680   -4.505  4.929   1.000 11.469 0 33  THR A CA  1 ? 
ATOM   212  C  C   . THR A 1 31  ? 2.631   -5.896  4.273   1.000 12.904 0 33  THR A C   1 ? 
ATOM   213  O  O   . THR A 1 31  ? 3.591   -6.406  3.719   1.000 13.959 0 33  THR A O   1 ? 
ATOM   214  C  CB  . THR A 1 31  ? 2.060   -3.441  4.003   1.000 13.757 0 33  THR A CB  1 ? 
ATOM   215  O  OG1 . THR A 1 31  ? 2.813   -3.417  2.787   1.000 13.621 0 33  THR A OG1 1 ? 
ATOM   216  C  CG2 . THR A 1 31  ? 1.996   -2.065  4.652   1.000 12.079 0 33  THR A CG2 1 ? 
ATOM   217  N  N   . GLN A 1 32  ? 1.457   -6.507  4.352   1.000 12.209 0 34  GLN A N   1 ? 
ATOM   218  C  CA  . GLN A 1 32  ? 1.191   -7.853  3.884   1.000 13.465 0 34  GLN A CA  1 ? 
ATOM   219  C  C   . GLN A 1 32  ? -0.251  -7.908  3.361   1.000 15.208 0 34  GLN A C   1 ? 
ATOM   220  O  O   . GLN A 1 32  ? -0.957  -6.934  3.478   1.000 14.697 0 34  GLN A O   1 ? 
ATOM   221  C  CB  . GLN A 1 32  ? 1.365   -8.851  5.026   1.000 13.961 0 34  GLN A CB  1 ? 
ATOM   222  C  CG  . GLN A 1 32  ? 0.380   -8.658  6.176   1.000 13.537 0 34  GLN A CG  1 ? 
ATOM   223  C  CD  . GLN A 1 32  ? 0.392   -9.767  7.196   1.000 15.740 0 34  GLN A CD  1 ? 
ATOM   224  O  OE1 . GLN A 1 32  ? 0.963   -10.845 6.973   1.000 17.634 0 34  GLN A OE1 1 ? 
ATOM   225  N  NE2 . GLN A 1 32  ? -0.284  -9.479  8.272   1.000 15.002 0 34  GLN A NE2 1 ? 
ATOM   226  N  N   . LEU A 1 33  ? -0.663  -9.057  2.816   1.000 15.439 0 35  LEU A N   1 ? 
ATOM   227  C  CA  . LEU A 1 33  ? -2.081  -9.356  2.659   1.000 14.590 0 35  LEU A CA  1 ? 
ATOM   228  C  C   . LEU A 1 33  ? -2.585  -10.128 3.873   1.000 14.838 0 35  LEU A C   1 ? 
ATOM   229  O  O   . LEU A 1 33  ? -1.883  -11.039 4.399   1.000 16.960 0 35  LEU A O   1 ? 
ATOM   230  C  CB  . LEU A 1 33  ? -2.316  -10.212 1.402   1.000 14.834 0 35  LEU A CB  1 ? 
ATOM   231  C  CG  . LEU A 1 33  ? -2.278  -9.490  0.046   1.000 16.280 0 35  LEU A CG  1 ? 
ATOM   232  C  CD1 . LEU A 1 33  ? -2.586  -10.533 -1.066  1.000 18.515 0 35  LEU A CD1 1 ? 
ATOM   233  C  CD2 . LEU A 1 33  ? -3.149  -8.305  0.037   1.000 16.695 0 35  LEU A CD2 1 ? 
ATOM   234  N  N   . TRP A 1 34  ? -3.867  -9.887  4.216   1.000 13.706 0 36  TRP A N   1 ? 
ATOM   235  C  CA  . TRP A 1 34  ? -4.465  -10.536 5.350   1.000 14.339 0 36  TRP A CA  1 ? 
ATOM   236  C  C   . TRP A 1 34  ? -5.962  -10.571 5.125   1.000 15.806 0 36  TRP A C   1 ? 
ATOM   237  O  O   . TRP A 1 34  ? -6.537  -9.672  4.515   1.000 17.539 0 36  TRP A O   1 ? 
ATOM   238  C  CB  . TRP A 1 34  ? -4.040  -9.760  6.621   1.000 13.408 0 36  TRP A CB  1 ? 
ATOM   239  C  CG  . TRP A 1 34  ? -4.260  -10.551 7.905   1.000 16.558 0 36  TRP A CG  1 ? 
ATOM   240  C  CD1 . TRP A 1 34  ? -5.325  -10.475 8.757   1.000 17.496 0 36  TRP A CD1 1 ? 
ATOM   241  C  CD2 . TRP A 1 34  ? -3.433  -11.638 8.357   1.000 16.770 0 36  TRP A CD2 1 ? 
ATOM   242  N  NE1 . TRP A 1 34  ? -5.178  -11.398 9.767   1.000 18.638 0 36  TRP A NE1 1 ? 
ATOM   243  C  CE2 . TRP A 1 34  ? -4.040  -12.124 9.548   1.000 17.629 0 36  TRP A CE2 1 ? 
ATOM   244  C  CE3 . TRP A 1 34  ? -2.203  -12.165 7.948   1.000 17.248 0 36  TRP A CE3 1 ? 
ATOM   245  C  CZ2 . TRP A 1 34  ? -3.451  -13.175 10.259  1.000 19.811 0 36  TRP A CZ2 1 ? 
ATOM   246  C  CZ3 . TRP A 1 34  ? -1.635  -13.215 8.639   1.000 18.879 0 36  TRP A CZ3 1 ? 
ATOM   247  C  CH2 . TRP A 1 34  ? -2.246  -13.682 9.802   1.000 21.332 0 36  TRP A CH2 1 ? 
ATOM   248  N  N   . PRO A 1 35  ? -6.662  -11.616 5.632   1.000 15.950 0 37  PRO A N   1 ? 
ATOM   249  C  CA  . PRO A 1 35  ? -8.119  -11.615 5.520   1.000 17.939 0 37  PRO A CA  1 ? 
ATOM   250  C  C   . PRO A 1 35  ? -8.693  -10.316 6.036   1.000 16.811 0 37  PRO A C   1 ? 
ATOM   251  O  O   . PRO A 1 35  ? -8.300  -9.760  7.089   1.000 16.283 0 37  PRO A O   1 ? 
ATOM   252  C  CB  . PRO A 1 35  ? -8.520  -12.798 6.381   1.000 18.011 0 37  PRO A CB  1 ? 
ATOM   253  C  CG  . PRO A 1 35  ? -7.359  -13.733 6.249   1.000 20.349 0 37  PRO A CG  1 ? 
ATOM   254  C  CD  . PRO A 1 35  ? -6.116  -12.819 6.285   1.000 16.864 0 37  PRO A CD  1 ? 
ATOM   255  N  N   . CYS A 1 36  ? -9.698  -9.835  5.294   1.000 19.304 0 38  CYS A N   1 ? 
ATOM   256  C  CA  . CYS A 1 36  ? -10.246 -8.532  5.592   1.000 20.964 0 38  CYS A CA  1 ? 
ATOM   257  C  C   . CYS A 1 36  ? -11.004 -8.584  6.906   1.000 22.012 0 38  CYS A C   1 ? 
ATOM   258  O  O   . CYS A 1 36  ? -11.740 -9.560  7.190   1.000 26.117 0 38  CYS A O   1 ? 
ATOM   259  C  CB  . CYS A 1 36  ? -11.151 -7.990  4.498   1.000 23.465 0 38  CYS A CB  1 ? 
ATOM   260  S  SG  . CYS A 1 36  ? -10.239 -7.835  2.937   1.000 27.842 0 38  CYS A SG  1 ? 
ATOM   261  N  N   . GLY A 1 37  ? -10.842 -7.520  7.670   1.000 21.865 0 39  GLY A N   1 ? 
ATOM   262  C  CA  . GLY A 1 37  ? -11.547 -7.336  8.922   1.000 21.804 0 39  GLY A CA  1 ? 
ATOM   263  C  C   . GLY A 1 37  ? -11.702 -5.857  9.266   1.000 23.841 0 39  GLY A C   1 ? 
ATOM   264  O  O   . GLY A 1 37  ? -11.210 -4.999  8.539   1.000 23.256 0 39  GLY A O   1 ? 
ATOM   265  N  N   . PRO A 1 38  ? -12.312 -5.515  10.412  1.000 24.257 0 40  PRO A N   1 ? 
ATOM   266  C  CA  . PRO A 1 38  ? -12.504 -4.118  10.812  1.000 22.497 0 40  PRO A CA  1 ? 
ATOM   267  C  C   . PRO A 1 38  ? -11.354 -3.379  11.475  1.000 23.388 0 40  PRO A C   1 ? 
ATOM   268  O  O   . PRO A 1 38  ? -11.489 -2.225  11.796  1.000 26.368 0 40  PRO A O   1 ? 
ATOM   269  C  CB  . PRO A 1 38  ? -13.704 -4.280  11.782  1.000 25.031 0 40  PRO A CB  1 ? 
ATOM   270  C  CG  . PRO A 1 38  ? -13.442 -5.576  12.457  1.000 22.895 0 40  PRO A CG  1 ? 
ATOM   271  C  CD  . PRO A 1 38  ? -12.990 -6.468  11.307  1.000 22.278 0 40  PRO A CD  1 ? 
ATOM   272  N  N   . GLN A 1 39  ? -10.213 -4.054  11.635  1.000 22.003 0 41  GLN A N   1 ? 
ATOM   273  C  CA  . GLN A 1 39  ? -9.078  -3.482  12.334  1.000 21.417 0 41  GLN A CA  1 ? 
ATOM   274  C  C   . GLN A 1 39  ? -8.518  -2.262  11.592  1.000 19.898 0 41  GLN A C   1 ? 
ATOM   275  O  O   . GLN A 1 39  ? -8.485  -2.194  10.364  1.000 18.861 0 41  GLN A O   1 ? 
ATOM   276  C  CB  . GLN A 1 39  ? -8.026  -4.567  12.616  1.000 20.588 0 41  GLN A CB  1 ? 
ATOM   277  C  CG  . GLN A 1 39  ? -7.562  -5.354  11.380  1.000 21.633 0 41  GLN A CG  1 ? 
ATOM   278  C  CD  . GLN A 1 39  ? -8.249  -6.682  11.205  1.000 22.244 0 41  GLN A CD  1 ? 
ATOM   279  O  OE1 . GLN A 1 39  ? -9.471  -6.780  11.329  1.000 25.246 0 41  GLN A OE1 1 ? 
ATOM   280  N  NE2 . GLN A 1 39  ? -7.511  -7.739  10.909  1.000 21.470 0 41  GLN A NE2 1 ? 
ATOM   281  N  N   . ASN A 1 40  ? -7.989  -1.346  12.404  1.000 19.302 0 42  ASN A N   1 ? 
ATOM   282  C  CA  . ASN A 1 40  ? -7.550  -0.052  11.927  1.000 22.261 0 42  ASN A CA  1 ? 
ATOM   283  C  C   . ASN A 1 40  ? -6.373  -0.168  10.968  1.000 19.128 0 42  ASN A C   1 ? 
ATOM   284  O  O   . ASN A 1 40  ? -6.202  0.713   10.124  1.000 18.712 0 42  ASN A O   1 ? 
ATOM   285  C  CB  . ASN A 1 40  ? -7.198  0.875   13.075  1.000 24.547 0 42  ASN A CB  1 ? 
ATOM   286  C  CG  . ASN A 1 40  ? -6.066  0.374   13.942  1.000 32.780 0 42  ASN A CG  1 ? 
ATOM   287  O  OD1 . ASN A 1 40  ? -5.727  -0.826  13.936  1.000 38.408 0 42  ASN A OD1 1 ? 
ATOM   288  N  ND2 . ASN A 1 40  ? -5.438  1.271   14.694  1.000 44.135 0 42  ASN A ND2 1 ? 
ATOM   289  N  N   . ASN A 1 41  ? -5.608  -1.261  11.059  1.000 17.037 0 43  ASN A N   1 ? 
ATOM   290  C  CA  . ASN A 1 41  ? -4.423  -1.461  10.231  1.000 15.957 0 43  ASN A CA  1 ? 
ATOM   291  C  C   . ASN A 1 41  ? -4.752  -2.008  8.839   1.000 18.203 0 43  ASN A C   1 ? 
ATOM   292  O  O   . ASN A 1 41  ? -3.845  -2.341  8.106   1.000 15.403 0 43  ASN A O   1 ? 
ATOM   293  C  CB  . ASN A 1 41  ? -3.388  -2.329  10.946  1.000 15.341 0 43  ASN A CB  1 ? 
ATOM   294  C  CG  . ASN A 1 41  ? -3.935  -3.671  11.332  1.000 18.058 0 43  ASN A CG  1 ? 
ATOM   295  O  OD1 . ASN A 1 41  ? -4.988  -3.725  11.993  1.000 20.407 0 43  ASN A OD1 1 ? 
ATOM   296  N  ND2 . ASN A 1 41  ? -3.296  -4.739  10.940  1.000 16.752 0 43  ASN A ND2 1 ? 
ATOM   297  N  N   . GLN A 1 42  ? -6.038  -2.068  8.490   1.000 14.213 0 44  GLN A N   1 ? 
ATOM   298  C  CA  . GLN A 1 42  ? -6.517  -2.336  7.151   1.000 14.275 0 44  GLN A CA  1 ? 
ATOM   299  C  C   . GLN A 1 42  ? -7.376  -1.190  6.635   1.000 15.470 0 44  GLN A C   1 ? 
ATOM   300  O  O   . GLN A 1 42  ? -7.958  -1.352  5.563   1.000 15.717 0 44  GLN A O   1 ? 
ATOM   301  C  CB  . GLN A 1 42  ? -7.343  -3.611  7.148   1.000 14.892 0 44  GLN A CB  1 ? 
ATOM   302  C  CG  . GLN A 1 42  ? -6.573  -4.868  7.458   1.000 16.322 0 44  GLN A CG  1 ? 
ATOM   303  C  CD  . GLN A 1 42  ? -7.386  -6.126  7.288   1.000 17.728 0 44  GLN A CD  1 ? 
ATOM   304  O  OE1 . GLN A 1 42  ? -8.514  -6.058  6.795   1.000 21.097 0 44  GLN A OE1 1 ? 
ATOM   305  N  NE2 . GLN A 1 42  ? -6.778  -7.268  7.497   1.000 17.492 0 44  GLN A NE2 1 ? 
ATOM   306  N  N   . LEU A 1 43  ? -7.374  -0.054  7.309   1.000 16.840 0 45  LEU A N   1 ? 
ATOM   307  C  CA  . LEU A 1 43  ? -8.109  1.141   6.885   1.000 19.836 0 45  LEU A CA  1 ? 
ATOM   308  C  C   . LEU A 1 43  ? -7.104  2.150   6.339   1.000 17.823 0 45  LEU A C   1 ? 
ATOM   309  O  O   . LEU A 1 43  ? -6.219  2.600   7.087   1.000 20.454 0 45  LEU A O   1 ? 
ATOM   310  C  CB  . LEU A 1 43  ? -8.906  1.747   8.049   1.000 23.885 0 45  LEU A CB  1 ? 
ATOM   311  C  CG  . LEU A 1 43  ? -10.153 2.538   7.648   1.000 35.610 0 45  LEU A CG  1 ? 
ATOM   312  C  CD1 . LEU A 1 43  ? -11.008 1.809   6.612   1.000 33.643 0 45  LEU A CD1 1 ? 
ATOM   313  C  CD2 . LEU A 1 43  ? -10.964 2.761   8.930   1.000 42.419 0 45  LEU A CD2 1 ? 
ATOM   314  N  N   . TRP A 1 44  ? -7.191  2.475   5.054   1.000 16.181 0 46  TRP A N   1 ? 
ATOM   315  C  CA  . TRP A 1 44  ? -6.209  3.317   4.400   1.000 16.849 0 46  TRP A CA  1 ? 
ATOM   316  C  C   . TRP A 1 44  ? -6.906  4.568   3.886   1.000 19.766 0 46  TRP A C   1 ? 
ATOM   317  O  O   . TRP A 1 44  ? -8.037  4.473   3.377   1.000 20.575 0 46  TRP A O   1 ? 
ATOM   318  C  CB  . TRP A 1 44  ? -5.635  2.562   3.190   1.000 16.372 0 46  TRP A CB  1 ? 
ATOM   319  C  CG  . TRP A 1 44  ? -4.824  1.358   3.583   1.000 14.639 0 46  TRP A CG  1 ? 
ATOM   320  C  CD1 . TRP A 1 44  ? -5.297  0.076   3.683   1.000 16.315 0 46  TRP A CD1 1 ? 
ATOM   321  C  CD2 . TRP A 1 44  ? -3.437  1.320   3.976   1.000 13.954 0 46  TRP A CD2 1 ? 
ATOM   322  N  NE1 . TRP A 1 44  ? -4.283  -0.755  4.109   1.000 15.467 0 46  TRP A NE1 1 ? 
ATOM   323  C  CE2 . TRP A 1 44  ? -3.132  -0.018  4.278   1.000 15.504 0 46  TRP A CE2 1 ? 
ATOM   324  C  CE3 . TRP A 1 44  ? -2.423  2.289   4.072   1.000 13.930 0 46  TRP A CE3 1 ? 
ATOM   325  C  CZ2 . TRP A 1 44  ? -1.866  -0.407  4.718   1.000 14.459 0 46  TRP A CZ2 1 ? 
ATOM   326  C  CZ3 . TRP A 1 44  ? -1.162  1.886   4.476   1.000 14.224 0 46  TRP A CZ3 1 ? 
ATOM   327  C  CH2 . TRP A 1 44  ? -0.885  0.561   4.787   1.000 15.209 0 46  TRP A CH2 1 ? 
ATOM   328  N  N   . THR A 1 45  ? -6.242  5.707   4.000   1.000 17.351 0 47  THR A N   1 ? 
ATOM   329  C  CA  . THR A 1 45  ? -6.809  6.925   3.451   1.000 18.965 0 47  THR A CA  1 ? 
ATOM   330  C  C   . THR A 1 45  ? -5.972  7.318   2.248   1.000 19.251 0 47  THR A C   1 ? 
ATOM   331  O  O   . THR A 1 45  ? -4.759  7.546   2.352   1.000 18.916 0 47  THR A O   1 ? 
ATOM   332  C  CB  . THR A 1 45  ? -6.802  8.016   4.520   1.000 22.903 0 47  THR A CB  1 ? 
ATOM   333  O  OG1 . THR A 1 45  ? -7.632  7.550   5.591   1.000 26.917 0 47  THR A OG1 1 ? 
ATOM   334  C  CG2 . THR A 1 45  ? -7.321  9.326   3.976   1.000 27.579 0 47  THR A CG2 1 ? 
ATOM   335  N  N   . ILE A 1 46  ? -6.631  7.387   1.110   1.000 16.336 0 48  ILE A N   1 ? 
ATOM   336  C  CA  . ILE A 1 46  ? -6.005  7.902   -0.093  1.000 18.848 0 48  ILE A CA  1 ? 
ATOM   337  C  C   . ILE A 1 46  ? -6.149  9.414   -0.106  1.000 20.670 0 48  ILE A C   1 ? 
ATOM   338  O  O   . ILE A 1 46  ? -7.270  9.919   -0.267  1.000 20.214 0 48  ILE A O   1 ? 
ATOM   339  C  CB  . ILE A 1 46  ? -6.603  7.226   -1.324  1.000 21.916 0 48  ILE A CB  1 ? 
ATOM   340  C  CG1 . ILE A 1 46  ? -6.449  5.710   -1.226  1.000 28.564 0 48  ILE A CG1 1 ? 
ATOM   341  C  CG2 . ILE A 1 46  ? -5.902  7.770   -2.571  1.000 22.106 0 48  ILE A CG2 1 ? 
ATOM   342  C  CD1 . ILE A 1 46  ? -7.186  4.954   -2.312  1.000 30.866 0 48  ILE A CD1 1 ? 
ATOM   343  N  N   . GLN A 1 47  ? -5.036  10.149  0.006   1.000 22.117 0 49  GLN A N   1 ? 
ATOM   344  C  CA  . GLN A 1 47  ? -5.128  11.606  0.024   1.000 24.338 0 49  GLN A CA  1 ? 
ATOM   345  C  C   . GLN A 1 47  ? -4.838  12.248  -1.334  1.000 23.704 0 49  GLN A C   1 ? 
ATOM   346  O  O   . GLN A 1 47  ? -4.120  11.739  -2.176  1.000 25.448 0 49  GLN A O   1 ? 
ATOM   347  C  CB  . GLN A 1 47  ? -4.270  12.094  1.173   1.000 32.359 0 49  GLN A CB  1 ? 
ATOM   348  C  CG  . GLN A 1 47  ? -4.450  11.262  2.427   1.000 35.053 0 49  GLN A CG  1 ? 
ATOM   349  C  CD  . GLN A 1 47  ? -4.141  12.033  3.682   1.000 46.579 0 49  GLN A CD  1 ? 
ATOM   350  O  OE1 . GLN A 1 47  ? -3.529  13.112  3.639   1.000 51.034 0 49  GLN A OE1 1 ? 
ATOM   351  N  NE2 . GLN A 1 47  ? -4.577  11.473  4.801   1.000 51.441 0 49  GLN A NE2 1 ? 
ATOM   352  N  N   . ALA A 1 48  ? -5.346  13.489  -1.520  1.000 29.578 0 50  ALA A N   1 ? 
ATOM   353  C  CA  . ALA A 1 48  ? -5.122  14.297  -2.716  1.000 30.301 0 50  ALA A CA  1 ? 
ATOM   354  C  C   . ALA A 1 48  ? -3.639  14.557  -3.006  1.000 27.040 0 50  ALA A C   1 ? 
ATOM   355  O  O   . ALA A 1 48  ? -3.219  14.541  -4.183  1.000 32.993 0 50  ALA A O   1 ? 
ATOM   356  C  CB  . ALA A 1 48  ? -5.856  15.636  -2.516  1.000 33.373 0 50  ALA A CB  1 ? 
ATOM   357  N  N   . ASP A 1 49  ? -2.848  14.619  -1.920  1.000 26.329 0 51  ASP A N   1 ? 
ATOM   358  C  CA  . ASP A 1 49  ? -1.410  14.869  -1.942  1.000 29.864 0 51  ASP A CA  1 ? 
ATOM   359  C  C   . ASP A 1 49  ? -0.626  13.673  -2.512  1.000 26.777 0 51  ASP A C   1 ? 
ATOM   360  O  O   . ASP A 1 49  ? 0.596   13.719  -2.650  1.000 32.784 0 51  ASP A O   1 ? 
ATOM   361  C  CB  . ASP A 1 49  ? -0.912  15.285  -0.561  1.000 29.830 0 51  ASP A CB  1 ? 
ATOM   362  C  CG  . ASP A 1 49  ? -0.879  14.245  0.558   1.000 33.220 0 51  ASP A CG  1 ? 
ATOM   363  O  OD1 . ASP A 1 49  ? -1.342  13.130  0.320   1.000 25.705 0 51  ASP A OD1 1 ? 
ATOM   364  O  OD2 . ASP A 1 49  ? -0.406  14.555  1.690   1.000 38.085 0 51  ASP A OD2 1 ? 
ATOM   365  N  N   . GLY A 1 50  ? -1.306  12.554  -2.730  1.000 21.697 0 52  GLY A N   1 ? 
ATOM   366  C  CA  . GLY A 1 50  ? -0.655  11.372  -3.252  1.000 21.373 0 52  GLY A CA  1 ? 
ATOM   367  C  C   . GLY A 1 50  ? -0.212  10.386  -2.184  1.000 18.350 0 52  GLY A C   1 ? 
ATOM   368  O  O   . GLY A 1 50  ? 0.203   9.267   -2.545  1.000 18.065 0 52  GLY A O   1 ? 
ATOM   369  N  N   . THR A 1 51  ? -0.369  10.705  -0.896  1.000 18.246 0 53  THR A N   1 ? 
ATOM   370  C  CA  . THR A 1 51  ? -0.050  9.742   0.138   1.000 15.924 0 53  THR A CA  1 ? 
ATOM   371  C  C   . THR A 1 51  ? -1.196  8.762   0.382   1.000 16.763 0 53  THR A C   1 ? 
ATOM   372  O  O   . THR A 1 51  ? -2.367  9.009   0.121   1.000 16.959 0 53  THR A O   1 ? 
ATOM   373  C  CB  . THR A 1 51  ? 0.349   10.388  1.458   1.000 21.124 0 53  THR A CB  1 ? 
ATOM   374  O  OG1 . THR A 1 51  ? -0.769  11.145  1.942   1.000 18.624 0 53  THR A OG1 1 ? 
ATOM   375  C  CG2 . THR A 1 51  ? 1.556   11.293  1.265   1.000 19.614 0 53  THR A CG2 1 ? 
ATOM   376  N  N   . ILE A 1 52  ? -0.814  7.612   0.914   1.000 13.840 0 54  ILE A N   1 ? 
ATOM   377  C  CA  . ILE A 1 52  ? -1.720  6.571   1.344   1.000 13.962 0 54  ILE A CA  1 ? 
ATOM   378  C  C   . ILE A 1 52  ? -1.405  6.278   2.781   1.000 13.749 0 54  ILE A C   1 ? 
ATOM   379  O  O   . ILE A 1 52  ? -0.325  5.811   3.122   1.000 15.592 0 54  ILE A O   1 ? 
ATOM   380  C  CB  . ILE A 1 52  ? -1.626  5.349   0.429   1.000 13.888 0 54  ILE A CB  1 ? 
ATOM   381  C  CG1 . ILE A 1 52  ? -1.953  5.687   -0.986  1.000 15.157 0 54  ILE A CG1 1 ? 
ATOM   382  C  CG2 . ILE A 1 52  ? -2.503  4.227   0.955   1.000 17.205 0 54  ILE A CG2 1 ? 
ATOM   383  C  CD1 . ILE A 1 52  ? -1.890  4.534   -1.963  1.000 18.693 0 54  ILE A CD1 1 ? 
ATOM   384  N  N   . ARG A 1 53  ? -2.368  6.531   3.676   1.000 15.303 0 55  ARG A N   1 ? 
ATOM   385  C  CA  . ARG A 1 53  ? -2.030  6.523   5.093   1.000 16.609 0 55  ARG A CA  1 ? 
ATOM   386  C  C   . ARG A 1 53  ? -2.889  5.575   5.899   1.000 17.017 0 55  ARG A C   1 ? 
ATOM   387  O  O   . ARG A 1 53  ? -4.058  5.312   5.592   1.000 16.633 0 55  ARG A O   1 ? 
ATOM   388  C  CB  . ARG A 1 53  ? -2.224  7.900   5.734   1.000 18.719 0 55  ARG A CB  1 ? 
ATOM   389  C  CG  . ARG A 1 53  ? -1.480  8.969   4.936   1.000 18.646 0 55  ARG A CG  1 ? 
ATOM   390  C  CD  . ARG A 1 53  ? -1.436  10.277  5.704   1.000 19.609 0 55  ARG A CD  1 ? 
ATOM   391  N  NE  . ARG A 1 53  ? -0.840  11.298  4.852   1.000 20.605 0 55  ARG A NE  1 ? 
ATOM   392  C  CZ  . ARG A 1 53  ? -0.257  12.396  5.333   1.000 25.858 0 55  ARG A CZ  1 ? 
ATOM   393  N  NH1 . ARG A 1 53  ? -0.197  12.573  6.640   1.000 29.168 0 55  ARG A NH1 1 ? 
ATOM   394  N  NH2 . ARG A 1 53  ? 0.217   13.304  4.513   1.000 27.970 0 55  ARG A NH2 1 ? 
ATOM   395  N  N   . THR A 1 54  ? -2.307  5.017   6.946   1.000 15.331 0 56  THR A N   1 ? 
ATOM   396  C  CA  . THR A 1 54  ? -2.997  4.229   7.947   1.000 14.912 0 56  THR A CA  1 ? 
ATOM   397  C  C   . THR A 1 54  ? -2.398  4.540   9.311   1.000 18.286 0 56  THR A C   1 ? 
ATOM   398  O  O   . THR A 1 54  ? -1.201  4.693   9.416   1.000 16.588 0 56  THR A O   1 ? 
ATOM   399  C  CB  . THR A 1 54  ? -2.926  2.715   7.722   1.000 17.427 0 56  THR A CB  1 ? 
ATOM   400  O  OG1 . THR A 1 54  ? -3.841  2.067   8.610   1.000 19.912 0 56  THR A OG1 1 ? 
ATOM   401  C  CG2 . THR A 1 54  ? -1.522  2.183   7.897   1.000 20.954 0 56  THR A CG2 1 ? 
ATOM   402  N  N   . MET A 1 55  ? -3.259  4.668   10.336  1.000 18.994 0 57  MET A N   1 ? 
ATOM   403  C  CA  . MET A 1 55  ? -2.788  4.822   11.695  1.000 18.982 0 57  MET A CA  1 ? 
ATOM   404  C  C   . MET A 1 55  ? -1.849  6.030   11.795  1.000 17.406 0 57  MET A C   1 ? 
ATOM   405  O  O   . MET A 1 55  ? -0.917  6.042   12.620  1.000 24.024 0 57  MET A O   1 ? 
ATOM   406  C  CB  . MET A 1 55  ? -2.157  3.515   12.190  1.000 23.321 0 57  MET A CB  1 ? 
ATOM   407  C  CG  . MET A 1 55  ? -3.042  2.276   12.094  1.000 21.648 0 57  MET A CG  1 ? 
ATOM   408  S  SD  . MET A 1 55  ? -2.295  0.806   12.833  1.000 21.117 0 57  MET A SD  1 ? 
ATOM   409  C  CE  . MET A 1 55  ? -1.003  0.458   11.597  1.000 19.314 0 57  MET A CE  1 ? 
ATOM   410  N  N   . GLY A 1 56  ? -2.103  7.041   10.984  1.000 20.958 0 58  GLY A N   1 ? 
ATOM   411  C  CA  . GLY A 1 56  ? -1.316  8.267   10.994  1.000 21.228 0 58  GLY A CA  1 ? 
ATOM   412  C  C   . GLY A 1 56  ? 0.039   8.188   10.278  1.000 24.431 0 58  GLY A C   1 ? 
ATOM   413  O  O   . GLY A 1 56  ? 0.810   9.142   10.346  1.000 26.366 0 58  GLY A O   1 ? 
ATOM   414  N  N   . LYS A 1 57  ? 0.361   7.032   9.680   1.000 18.759 0 59  LYS A N   1 ? 
ATOM   415  C  CA  . LYS A 1 57  ? 1.644   6.802   9.035   1.000 17.600 0 59  LYS A CA  1 ? 
ATOM   416  C  C   . LYS A 1 57  ? 1.392   6.598   7.540   1.000 16.373 0 59  LYS A C   1 ? 
ATOM   417  O  O   . LYS A 1 57  ? 0.264   6.407   7.109   1.000 20.778 0 59  LYS A O   1 ? 
ATOM   418  C  CB  . LYS A 1 57  ? 2.322   5.559   9.633   1.000 17.107 0 59  LYS A CB  1 ? 
ATOM   419  C  CG  . LYS A 1 57  ? 2.647   5.640   11.122  1.000 19.803 0 59  LYS A CG  1 ? 
ATOM   420  C  CD  . LYS A 1 57  ? 3.791   6.602   11.386  1.000 21.374 0 59  LYS A CD  1 ? 
ATOM   421  C  CE  . LYS A 1 57  ? 4.090   6.733   12.833  1.000 22.534 0 59  LYS A CE  1 ? 
ATOM   422  N  NZ  . LYS A 1 57  ? 5.050   5.734   13.299  1.000 25.547 0 59  LYS A NZ  1 ? 
ATOM   423  N  N   . CYS A 1 58  ? 2.475   6.689   6.739   1.000 15.291 0 60  CYS A N   1 ? 
ATOM   424  C  CA  . CYS A 1 58  ? 2.399   6.699   5.286   1.000 15.994 0 60  CYS A CA  1 ? 
ATOM   425  C  C   . CYS A 1 58  ? 2.946   5.373   4.749   1.000 13.280 0 60  CYS A C   1 ? 
ATOM   426  O  O   . CYS A 1 58  ? 3.989   4.913   5.225   1.000 14.499 0 60  CYS A O   1 ? 
ATOM   427  C  CB  . CYS A 1 58  ? 3.254   7.796   4.664   1.000 17.676 0 60  CYS A CB  1 ? 
ATOM   428  S  SG  . CYS A 1 58  ? 2.383   9.399   4.574   1.000 24.462 0 60  CYS A SG  1 ? 
ATOM   429  N  N   . LEU A 1 59  ? 2.287   4.812   3.739   1.000 12.126 0 61  LEU A N   1 ? 
ATOM   430  C  CA  . LEU A 1 59  ? 2.825   3.682   2.981   1.000 11.152 0 61  LEU A CA  1 ? 
ATOM   431  C  C   . LEU A 1 59  ? 4.001   4.153   2.125   1.000 13.299 0 61  LEU A C   1 ? 
ATOM   432  O  O   . LEU A 1 59  ? 3.928   5.130   1.356   1.000 11.982 0 61  LEU A O   1 ? 
ATOM   433  C  CB  . LEU A 1 59  ? 1.715   3.153   2.071   1.000 12.485 0 61  LEU A CB  1 ? 
ATOM   434  C  CG  . LEU A 1 59  ? 2.093   1.965   1.178   1.000 13.397 0 61  LEU A CG  1 ? 
ATOM   435  C  CD1 . LEU A 1 59  ? 2.188   0.754   2.032   1.000 15.568 0 61  LEU A CD1 1 ? 
ATOM   436  C  CD2 . LEU A 1 59  ? 1.060   1.786   0.068   1.000 14.237 0 61  LEU A CD2 1 ? 
ATOM   437  N  N   . VAL A 1 60  ? 5.133   3.435   2.238   1.000 11.483 0 62  VAL A N   1 ? 
ATOM   438  C  CA  . VAL A 1 60  ? 6.306   3.761   1.486   1.000 11.976 0 62  VAL A CA  1 ? 
ATOM   439  C  C   . VAL A 1 60  ? 6.981   2.430   1.130   1.000 13.066 0 62  VAL A C   1 ? 
ATOM   440  O  O   . VAL A 1 60  ? 6.901   1.465   1.884   1.000 13.046 0 62  VAL A O   1 ? 
ATOM   441  C  CB  . VAL A 1 60  ? 7.329   4.633   2.253   1.000 13.780 0 62  VAL A CB  1 ? 
ATOM   442  C  CG1 . VAL A 1 60  ? 6.750   6.006   2.611   1.000 15.758 0 62  VAL A CG1 1 ? 
ATOM   443  C  CG2 . VAL A 1 60  ? 7.802   3.920   3.499   1.000 14.484 0 62  VAL A CG2 1 ? 
ATOM   444  N  N   . PRO A 1 61  ? 7.746   2.377   0.025   1.000 12.827 0 63  PRO A N   1 ? 
ATOM   445  C  CA  . PRO A 1 61  ? 8.679   1.286   -0.229  1.000 12.845 0 63  PRO A CA  1 ? 
ATOM   446  C  C   . PRO A 1 61  ? 9.966   1.593   0.519   1.000 14.392 0 63  PRO A C   1 ? 
ATOM   447  O  O   . PRO A 1 61  ? 10.344  2.739   0.704   1.000 15.419 0 63  PRO A O   1 ? 
ATOM   448  C  CB  . PRO A 1 61  ? 8.913   1.307   -1.752  1.000 14.650 0 63  PRO A CB  1 ? 
ATOM   449  C  CG  . PRO A 1 61  ? 8.397   2.631   -2.186  1.000 16.375 0 63  PRO A CG  1 ? 
ATOM   450  C  CD  . PRO A 1 61  ? 7.835   3.399   -1.015  1.000 13.621 0 63  PRO A CD  1 ? 
ATOM   451  N  N   . ASN A 1 62  ? 10.678  0.525   0.878   1.000 12.832 0 64  ASN A N   1 ? 
ATOM   452  C  CA  . ASN A 1 62  ? 11.988  0.684   1.441   1.000 13.393 0 64  ASN A CA  1 ? 
ATOM   453  C  C   . ASN A 1 62  ? 13.005  0.637   0.322   1.000 16.200 0 64  ASN A C   1 ? 
ATOM   454  O  O   . ASN A 1 62  ? 13.669  -0.374  0.111   1.000 21.242 0 64  ASN A O   1 ? 
ATOM   455  C  CB  . ASN A 1 62  ? 12.327  -0.387  2.446   1.000 14.145 0 64  ASN A CB  1 ? 
ATOM   456  C  CG  . ASN A 1 62  ? 13.554  -0.030  3.221   1.000 15.499 0 64  ASN A CG  1 ? 
ATOM   457  O  OD1 . ASN A 1 62  ? 13.660  1.102   3.700   1.000 22.085 0 64  ASN A OD1 1 ? 
ATOM   458  N  ND2 . ASN A 1 62  ? 14.368  -0.996  3.552   1.000 18.041 0 64  ASN A ND2 1 ? 
ATOM   459  N  N   . GLY A 1 63  ? 13.028  1.682   -0.466  1.000 18.163 0 65  GLY A N   1 ? 
ATOM   460  C  CA  . GLY A 1 63  ? 13.883  1.708   -1.624  1.000 20.548 0 65  GLY A CA  1 ? 
ATOM   461  C  C   . GLY A 1 63  ? 13.029  1.964   -2.845  1.000 18.363 0 65  GLY A C   1 ? 
ATOM   462  O  O   . GLY A 1 63  ? 11.823  2.229   -2.760  1.000 21.943 0 65  GLY A O   1 ? 
ATOM   463  N  N   . HIS A 1 64  ? 13.685  2.035   -4.002  1.000 19.448 0 66  HIS A N   1 ? 
ATOM   464  C  CA  . HIS A 1 64  ? 12.974  2.345   -5.239  1.000 18.985 0 66  HIS A CA  1 ? 
ATOM   465  C  C   . HIS A 1 64  ? 13.281  1.377   -6.371  1.000 17.671 0 66  HIS A C   1 ? 
ATOM   466  O  O   . HIS A 1 64  ? 13.080  1.689   -7.549  1.000 21.104 0 66  HIS A O   1 ? 
ATOM   467  C  CB  . HIS A 1 64  ? 13.342  3.755   -5.685  1.000 17.090 0 66  HIS A CB  1 ? 
ATOM   468  C  CG  . HIS A 1 64  ? 14.776  4.022   -5.660  1.000 20.185 0 66  HIS A CG  1 ? 
ATOM   469  N  ND1 . HIS A 1 64  ? 15.396  4.625   -4.590  1.000 25.423 0 66  HIS A ND1 1 ? 
ATOM   470  C  CD2 . HIS A 1 64  ? 15.707  3.739   -6.570  1.000 22.004 0 66  HIS A CD2 1 ? 
ATOM   471  C  CE1 . HIS A 1 64  ? 16.686  4.715   -4.883  1.000 27.255 0 66  HIS A CE1 1 ? 
ATOM   472  N  NE2 . HIS A 1 64  ? 16.879  4.151   -6.069  1.000 19.063 0 66  HIS A NE2 1 ? 
ATOM   473  N  N   . ASP A 1 65  ? 13.728  0.187   -5.990  1.000 20.940 0 67  ASP A N   1 ? 
ATOM   474  C  CA  . ASP A 1 65  ? 14.064  -0.838  -6.958  1.000 19.351 0 67  ASP A CA  1 ? 
ATOM   475  C  C   . ASP A 1 65  ? 13.065  -1.963  -6.975  1.000 18.572 0 67  ASP A C   1 ? 
ATOM   476  O  O   . ASP A 1 65  ? 12.361  -2.177  -5.995  1.000 18.606 0 67  ASP A O   1 ? 
ATOM   477  C  CB  . ASP A 1 65  ? 15.434  -1.431  -6.692  1.000 22.714 0 67  ASP A CB  1 ? 
ATOM   478  C  CG  . ASP A 1 65  ? 16.576  -0.437  -6.622  1.000 28.820 0 67  ASP A CG  1 ? 
ATOM   479  O  OD1 . ASP A 1 65  ? 16.595  0.493   -7.427  1.000 28.193 0 67  ASP A OD1 1 ? 
ATOM   480  O  OD2 . ASP A 1 65  ? 17.465  -0.674  -5.786  1.000 40.352 0 67  ASP A OD2 1 ? 
ATOM   481  N  N   . PRO A 1 66  ? 12.938  -2.678  -8.093  1.000 16.405 0 68  PRO A N   1 ? 
ATOM   482  C  CA  . PRO A 1 66  ? 12.116  -3.867  -8.165  1.000 16.503 0 68  PRO A CA  1 ? 
ATOM   483  C  C   . PRO A 1 66  ? 12.478  -4.823  -7.034  1.000 15.750 0 68  PRO A C   1 ? 
ATOM   484  O  O   . PRO A 1 66  ? 13.668  -5.047  -6.748  1.000 19.345 0 68  PRO A O   1 ? 
ATOM   485  C  CB  . PRO A 1 66  ? 12.420  -4.484  -9.548  1.000 18.359 0 68  PRO A CB  1 ? 
ATOM   486  C  CG  . PRO A 1 66  ? 13.003  -3.308  -10.341 1.000 19.546 0 68  PRO A CG  1 ? 
ATOM   487  C  CD  . PRO A 1 66  ? 13.669  -2.398  -9.367  1.000 19.737 0 68  PRO A CD  1 ? 
ATOM   488  N  N   . GLY A 1 67  ? 11.422  -5.270  -6.336  1.000 16.223 0 69  GLY A N   1 ? 
ATOM   489  C  CA  . GLY A 1 67  ? 11.566  -6.147  -5.227  1.000 15.271 0 69  GLY A CA  1 ? 
ATOM   490  C  C   . GLY A 1 67  ? 11.679  -5.490  -3.857  1.000 14.887 0 69  GLY A C   1 ? 
ATOM   491  O  O   . GLY A 1 67  ? 11.775  -6.209  -2.867  1.000 17.046 0 69  GLY A O   1 ? 
ATOM   492  N  N   . SER A 1 68  ? 11.695  -4.144  -3.776  1.000 12.867 0 70  SER A N   1 ? 
ATOM   493  C  CA  . SER A 1 68  ? 11.697  -3.432  -2.509  1.000 13.211 0 70  SER A CA  1 ? 
ATOM   494  C  C   . SER A 1 68  ? 10.372  -3.720  -1.786  1.000 12.471 0 70  SER A C   1 ? 
ATOM   495  O  O   . SER A 1 68  ? 9.315   -3.646  -2.392  1.000 14.451 0 70  SER A O   1 ? 
ATOM   496  C  CB  . SER A 1 68  ? 11.853  -1.971  -2.674  1.000 14.554 0 70  SER A CB  1 ? 
ATOM   497  O  OG  . SER A 1 68  ? 13.083  -1.617  -3.316  1.000 16.372 0 70  SER A OG  1 ? 
ATOM   498  N  N   . TYR A 1 69  ? 10.452  -4.059  -0.496  1.000 11.983 0 71  TYR A N   1 ? 
ATOM   499  C  CA  . TYR A 1 69  ? 9.237   -4.280  0.258   1.000 11.957 0 71  TYR A CA  1 ? 
ATOM   500  C  C   . TYR A 1 69  ? 8.614   -2.952  0.694   1.000 11.784 0 71  TYR A C   1 ? 
ATOM   501  O  O   . TYR A 1 69  ? 9.231   -1.908  0.640   1.000 13.631 0 71  TYR A O   1 ? 
ATOM   502  C  CB  . TYR A 1 69  ? 9.487   -5.106  1.512   1.000 11.987 0 71  TYR A CB  1 ? 
ATOM   503  C  CG  . TYR A 1 69  ? 10.307  -4.483  2.618   1.000 12.975 0 71  TYR A CG  1 ? 
ATOM   504  C  CD1 . TYR A 1 69  ? 11.704  -4.534  2.611   1.000 13.558 0 71  TYR A CD1 1 ? 
ATOM   505  C  CD2 . TYR A 1 69  ? 9.684   -3.920  3.711   1.000 12.265 0 71  TYR A CD2 1 ? 
ATOM   506  C  CE1 . TYR A 1 69  ? 12.410  -3.951  3.655   1.000 13.554 0 71  TYR A CE1 1 ? 
ATOM   507  C  CE2 . TYR A 1 69  ? 10.377  -3.303  4.733   1.000 12.752 0 71  TYR A CE2 1 ? 
ATOM   508  C  CZ  . TYR A 1 69  ? 11.763  -3.349  4.718   1.000 14.009 0 71  TYR A CZ  1 ? 
ATOM   509  O  OH  . TYR A 1 69  ? 12.459  -2.760  5.730   1.000 14.689 0 71  TYR A OH  1 ? 
ATOM   510  N  N   . THR A 1 70  ? 7.329   -2.973  1.005   1.000 11.359 0 72  THR A N   1 ? 
ATOM   511  C  CA  . THR A 1 70  ? 6.617   -1.791  1.479   1.000 11.886 0 72  THR A CA  1 ? 
ATOM   512  C  C   . THR A 1 70  ? 6.291   -1.902  2.970   1.000 11.396 0 72  THR A C   1 ? 
ATOM   513  O  O   . THR A 1 70  ? 6.234   -2.988  3.542   1.000 12.399 0 72  THR A O   1 ? 
ATOM   514  C  CB  . THR A 1 70  ? 5.360   -1.523  0.650   1.000 13.284 0 72  THR A CB  1 ? 
ATOM   515  O  OG1 . THR A 1 70  ? 4.380   -2.547  0.784   1.000 12.666 0 72  THR A OG1 1 ? 
ATOM   516  C  CG2 . THR A 1 70  ? 5.712   -1.388  -0.826  1.000 12.973 0 72  THR A CG2 1 ? 
ATOM   517  N  N   . MET A 1 71  ? 6.072   -0.723  3.550   1.000 10.732 0 73  MET A N   1 ? 
ATOM   518  C  CA  . MET A 1 71  ? 6.040   -0.567  4.995   1.000 11.500 0 73  MET A CA  1 ? 
ATOM   519  C  C   . MET A 1 71  ? 5.298   0.739   5.291   1.000 11.889 0 73  MET A C   1 ? 
ATOM   520  O  O   . MET A 1 71  ? 4.992   1.464   4.351   1.000 12.743 0 73  MET A O   1 ? 
ATOM   521  C  CB  . MET A 1 71  ? 7.455   -0.567  5.586   1.000 12.210 0 73  MET A CB  1 ? 
ATOM   522  C  CG  . MET A 1 71  ? 8.307   0.539   5.064   1.000 12.687 0 73  MET A CG  1 ? 
ATOM   523  S  SD  . MET A 1 71  ? 10.014  0.402   5.682   1.000 13.728 0 73  MET A SD  1 ? 
ATOM   524  C  CE  . MET A 1 71  ? 10.658  1.902   4.926   1.000 16.793 0 73  MET A CE  1 ? 
ATOM   525  N  N   . ILE A 1 72  ? 5.090   0.979   6.596   1.000 12.717 0 74  ILE A N   1 ? 
ATOM   526  C  CA  . ILE A 1 72  ? 4.675   2.337   6.956   1.000 11.379 0 74  ILE A CA  1 ? 
ATOM   527  C  C   . ILE A 1 72  ? 5.806   3.125   7.578   1.000 12.380 0 74  ILE A C   1 ? 
ATOM   528  O  O   . ILE A 1 72  ? 6.817   2.591   8.076   1.000 15.171 0 74  ILE A O   1 ? 
ATOM   529  C  CB  . ILE A 1 72  ? 3.487   2.267   7.886   1.000 13.491 0 74  ILE A CB  1 ? 
ATOM   530  C  CG1 . ILE A 1 72  ? 3.790   1.458   9.149   1.000 14.991 0 74  ILE A CG1 1 ? 
ATOM   531  C  CG2 . ILE A 1 72  ? 2.255   1.790   7.138   1.000 14.173 0 74  ILE A CG2 1 ? 
ATOM   532  C  CD1 . ILE A 1 72  ? 2.792   1.600   10.283  1.000 18.122 0 74  ILE A CD1 1 ? 
ATOM   533  N  N   . ASP A 1 73  ? 5.726   4.456   7.413   1.000 12.331 0 75  ASP A N   1 ? 
ATOM   534  C  CA  . ASP A 1 73  ? 6.748   5.309   7.990   1.000 13.135 0 75  ASP A CA  1 ? 
ATOM   535  C  C   . ASP A 1 73  ? 6.126   6.676   8.245   1.000 17.849 0 75  ASP A C   1 ? 
ATOM   536  O  O   . ASP A 1 73  ? 5.041   6.993   7.803   1.000 16.214 0 75  ASP A O   1 ? 
ATOM   537  C  CB  . ASP A 1 73  ? 7.970   5.417   7.100   1.000 15.116 0 75  ASP A CB  1 ? 
ATOM   538  C  CG  . ASP A 1 73  ? 9.277   5.775   7.819   1.000 17.094 0 75  ASP A CG  1 ? 
ATOM   539  O  OD1 . ASP A 1 73  ? 9.236   6.016   9.056   1.000 16.215 0 75  ASP A OD1 1 ? 
ATOM   540  O  OD2 . ASP A 1 73  ? 10.358  5.636   7.143   1.000 15.817 0 75  ASP A OD2 1 ? 
ATOM   541  N  N   . ASP A 1 74  ? 6.839   7.501   9.010   1.000 17.472 0 76  ASP A N   1 ? 
ATOM   542  C  CA  . ASP A 1 74  ? 6.407   8.864   9.344   1.000 19.373 0 76  ASP A CA  1 ? 
ATOM   543  C  C   . ASP A 1 74  ? 6.338   9.687   8.070   1.000 17.808 0 76  ASP A C   1 ? 
ATOM   544  O  O   . ASP A 1 74  ? 7.280   9.766   7.320   1.000 20.732 0 76  ASP A O   1 ? 
ATOM   545  C  CB  . ASP A 1 74  ? 7.446   9.447   10.288  1.000 23.500 0 76  ASP A CB  1 ? 
ATOM   546  C  CG  . ASP A 1 74  ? 7.117   10.822  10.880  1.000 31.647 0 76  ASP A CG  1 ? 
ATOM   547  O  OD1 . ASP A 1 74  ? 6.526   11.622  10.158  1.000 32.541 0 76  ASP A OD1 1 ? 
ATOM   548  O  OD2 . ASP A 1 74  ? 7.492   11.061  12.059  1.000 33.357 0 76  ASP A OD2 1 ? 
ATOM   549  N  N   . CYS A 1 75  ? 5.184   10.296  7.851   1.000 19.857 0 77  CYS A N   1 ? 
ATOM   550  C  CA  . CYS A 1 75  ? 4.869   10.972  6.612   1.000 25.112 0 77  CYS A CA  1 ? 
ATOM   551  C  C   . CYS A 1 75  ? 5.664   12.250  6.474   1.000 26.538 0 77  CYS A C   1 ? 
ATOM   552  O  O   . CYS A 1 75  ? 6.283   12.536  5.467   1.000 26.088 0 77  CYS A O   1 ? 
ATOM   553  C  CB  . CYS A 1 75  ? 3.410   11.386  6.638   1.000 25.853 0 77  CYS A CB  1 ? 
ATOM   554  S  SG  . CYS A 1 75  ? 2.282   9.986   6.544   1.000 30.283 0 77  CYS A SG  1 ? 
ATOM   555  N  N   . ASN A 1 76  ? 5.568   13.067  7.506   1.000 31.843 0 78  ASN A N   1 ? 
ATOM   556  C  CA  . ASN A 1 76  ? 6.076   14.414  7.377   1.000 34.128 0 78  ASN A CA  1 ? 
ATOM   557  C  C   . ASN A 1 76  ? 7.570   14.331  7.115   1.000 34.004 0 78  ASN A C   1 ? 
ATOM   558  O  O   . ASN A 1 76  ? 8.101   15.126  6.337   1.000 34.092 0 78  ASN A O   1 ? 
ATOM   559  C  CB  . ASN A 1 76  ? 5.749   15.237  8.612   1.000 31.410 0 78  ASN A CB  1 ? 
ATOM   560  C  CG  . ASN A 1 76  ? 6.123   16.666  8.331   1.000 35.539 0 78  ASN A CG  1 ? 
ATOM   561  O  OD1 . ASN A 1 76  ? 5.446   17.329  7.520   1.000 36.543 0 78  ASN A OD1 1 ? 
ATOM   562  N  ND2 . ASN A 1 76  ? 7.191   17.131  8.971   1.000 36.050 0 78  ASN A ND2 1 ? 
ATOM   563  N  N   . LYS A 1 77  ? 8.230   13.336  7.710   1.000 29.164 0 79  LYS A N   1 ? 
ATOM   564  C  CA  . LYS A 1 77  ? 9.651   13.142  7.467   1.000 33.599 0 79  LYS A CA  1 ? 
ATOM   565  C  C   . LYS A 1 77  ? 10.022  12.564  6.090   1.000 36.368 0 79  LYS A C   1 ? 
ATOM   566  O  O   . LYS A 1 77  ? 11.136  12.832  5.627   1.000 39.282 0 79  LYS A O   1 ? 
ATOM   567  C  CB  . LYS A 1 77  ? 10.187  12.076  8.414   1.000 38.716 0 79  LYS A CB  1 ? 
ATOM   568  C  CG  . LYS A 1 77  ? 10.239  12.469  9.891   1.000 40.996 0 79  LYS A CG  1 ? 
ATOM   569  C  CD  . LYS A 1 77  ? 11.114  11.487  10.674  1.000 42.986 0 79  LYS A CD  1 ? 
ATOM   570  C  CE  . LYS A 1 77  ? 10.993  10.007  10.365  1.000 46.075 0 79  LYS A CE  1 ? 
ATOM   571  N  NZ  . LYS A 1 77  ? 11.472  9.513   9.063   1.000 36.997 0 79  LYS A NZ  1 ? 
ATOM   572  N  N   . ALA A 1 78  ? 9.177   11.695  5.490   1.000 30.469 0 80  ALA A N   1 ? 
ATOM   573  C  CA  . ALA A 1 78  ? 9.449   11.059  4.200   1.000 25.660 0 80  ALA A CA  1 ? 
ATOM   574  C  C   . ALA A 1 78  ? 9.482   12.089  3.076   1.000 23.658 0 80  ALA A C   1 ? 
ATOM   575  O  O   . ALA A 1 78  ? 8.737   13.051  3.059   1.000 25.288 0 80  ALA A O   1 ? 
ATOM   576  C  CB  . ALA A 1 78  ? 8.427   9.973   3.879   1.000 26.195 0 80  ALA A CB  1 ? 
ATOM   577  N  N   . ASP A 1 79  ? 10.322  11.859  2.087   1.000 20.165 0 81  ASP A N   1 ? 
ATOM   578  C  CA  . ASP A 1 79  ? 10.402  12.744  0.927   1.000 22.819 0 81  ASP A CA  1 ? 
ATOM   579  C  C   . ASP A 1 79  ? 9.271   12.390  -0.032  1.000 20.814 0 81  ASP A C   1 ? 
ATOM   580  O  O   . ASP A 1 79  ? 8.772   11.245  0.004   1.000 19.138 0 81  ASP A O   1 ? 
ATOM   581  C  CB  . ASP A 1 79  ? 11.745  12.610  0.240   1.000 26.865 0 81  ASP A CB  1 ? 
ATOM   582  C  CG  . ASP A 1 79  ? 12.933  13.163  1.010   1.000 33.979 0 81  ASP A CG  1 ? 
ATOM   583  O  OD1 . ASP A 1 79  ? 12.709  13.869  2.030   1.000 34.075 0 81  ASP A OD1 1 ? 
ATOM   584  O  OD2 . ASP A 1 79  ? 14.066  12.897  0.571   1.000 47.246 0 81  ASP A OD2 1 ? 
ATOM   585  N  N   . PRO A 1 80  ? 8.825   13.305  -0.911  1.000 18.638 0 82  PRO A N   1 ? 
ATOM   586  C  CA  . PRO A 1 80  ? 7.760   13.021  -1.880  1.000 18.417 0 82  PRO A CA  1 ? 
ATOM   587  C  C   . PRO A 1 80  ? 8.035   11.734  -2.648  1.000 20.101 0 82  PRO A C   1 ? 
ATOM   588  O  O   . PRO A 1 80  ? 7.102   10.969  -2.911  1.000 19.821 0 82  PRO A O   1 ? 
ATOM   589  C  CB  . PRO A 1 80  ? 7.770   14.195  -2.797  1.000 19.358 0 82  PRO A CB  1 ? 
ATOM   590  C  CG  . PRO A 1 80  ? 8.171   15.304  -1.881  1.000 20.809 0 82  PRO A CG  1 ? 
ATOM   591  C  CD  . PRO A 1 80  ? 9.282   14.711  -1.061  1.000 20.911 0 82  PRO A CD  1 ? 
ATOM   592  N  N   A ASN A 1 81  ? 9.289   11.496  -3.017  0.500 19.178 0 83  ASN A N   1 ? 
ATOM   593  N  N   B ASN A 1 81  ? 9.296   11.493  -3.031  0.500 19.454 0 83  ASN A N   1 ? 
ATOM   594  C  CA  A ASN A 1 81  ? 9.567   10.309  -3.811  0.500 19.223 0 83  ASN A CA  1 ? 
ATOM   595  C  CA  B ASN A 1 81  ? 9.575   10.294  -3.815  0.500 19.784 0 83  ASN A CA  1 ? 
ATOM   596  C  C   A ASN A 1 81  ? 9.175   9.037   -3.048  0.500 19.758 0 83  ASN A C   1 ? 
ATOM   597  C  C   B ASN A 1 81  ? 9.160   9.035   -3.046  0.500 19.984 0 83  ASN A C   1 ? 
ATOM   598  O  O   A ASN A 1 81  ? 8.691   8.070   -3.633  0.500 20.702 0 83  ASN A O   1 ? 
ATOM   599  O  O   B ASN A 1 81  ? 8.674   8.066   -3.625  0.500 20.711 0 83  ASN A O   1 ? 
ATOM   600  C  CB  A ASN A 1 81  ? 11.000  10.351  -4.304  0.500 19.350 0 83  ASN A CB  1 ? 
ATOM   601  C  CB  B ASN A 1 81  ? 11.026  10.168  -4.261  0.500 20.472 0 83  ASN A CB  1 ? 
ATOM   602  C  CG  A ASN A 1 81  ? 11.115  11.334  -5.453  0.500 19.344 0 83  ASN A CG  1 ? 
ATOM   603  C  CG  B ASN A 1 81  ? 12.021  10.200  -3.131  0.500 21.864 0 83  ASN A CG  1 ? 
ATOM   604  O  OD1 A ASN A 1 81  ? 10.097  11.710  -6.072  0.500 20.418 0 83  ASN A OD1 1 ? 
ATOM   605  O  OD1 B ASN A 1 81  ? 12.427  11.273  -2.688  0.500 27.963 0 83  ASN A OD1 1 ? 
ATOM   606  N  ND2 A ASN A 1 81  ? 12.338  11.623  -5.850  0.500 25.092 0 83  ASN A ND2 1 ? 
ATOM   607  N  ND2 B ASN A 1 81  ? 12.463  9.037   -2.686  0.500 26.316 0 83  ASN A ND2 1 ? 
ATOM   608  N  N   . ASP A 1 82  ? 9.336   9.018   -1.731  1.000 17.318 0 84  ASP A N   1 ? 
ATOM   609  C  CA  . ASP A 1 82  ? 9.058   7.825   -0.966  1.000 18.349 0 84  ASP A CA  1 ? 
ATOM   610  C  C   . ASP A 1 82  ? 7.550   7.592   -0.866  1.000 18.725 0 84  ASP A C   1 ? 
ATOM   611  O  O   . ASP A 1 82  ? 7.059   6.465   -0.966  1.000 21.377 0 84  ASP A O   1 ? 
ATOM   612  C  CB  . ASP A 1 82  ? 9.654   7.943   0.433   1.000 20.606 0 84  ASP A CB  1 ? 
ATOM   613  C  CG  . ASP A 1 82  ? 11.163  8.103   0.520   1.000 31.408 0 84  ASP A CG  1 ? 
ATOM   614  O  OD1 . ASP A 1 82  ? 11.835  7.386   -0.227  1.000 33.449 0 84  ASP A OD1 1 ? 
ATOM   615  O  OD2 . ASP A 1 82  ? 11.627  8.927   1.379   1.000 39.032 0 84  ASP A OD2 1 ? 
ATOM   616  N  N   . LYS A 1 83  ? 6.751   8.652   -0.726  1.000 14.776 0 85  LYS A N   1 ? 
ATOM   617  C  CA  . LYS A 1 83  ? 5.423   8.509   -0.179  1.000 14.253 0 85  LYS A CA  1 ? 
ATOM   618  C  C   . LYS A 1 83  ? 4.301   8.743   -1.209  1.000 13.125 0 85  LYS A C   1 ? 
ATOM   619  O  O   . LYS A 1 83  ? 3.115   8.690   -0.829  1.000 14.187 0 85  LYS A O   1 ? 
ATOM   620  C  CB  . LYS A 1 83  ? 5.255   9.411   1.041   1.000 16.141 0 85  LYS A CB  1 ? 
ATOM   621  C  CG  . LYS A 1 83  ? 5.425   10.844  0.787   1.000 17.590 0 85  LYS A CG  1 ? 
ATOM   622  C  CD  . LYS A 1 83  ? 5.286   11.677  2.048   1.000 20.095 0 85  LYS A CD  1 ? 
ATOM   623  C  CE  . LYS A 1 83  ? 5.838   13.022  1.679   1.000 20.618 0 85  LYS A CE  1 ? 
ATOM   624  N  NZ  . LYS A 1 83  ? 5.843   13.841  2.903   1.000 23.589 0 85  LYS A NZ  1 ? 
ATOM   625  N  N   . THR A 1 84  ? 4.650   9.104   -2.444  1.000 13.372 0 86  THR A N   1 ? 
ATOM   626  C  CA  . THR A 1 84  ? 3.623   9.431   -3.437  1.000 13.247 0 86  THR A CA  1 ? 
ATOM   627  C  C   . THR A 1 84  ? 3.248   8.225   -4.314  1.000 13.708 0 86  THR A C   1 ? 
ATOM   628  O  O   . THR A 1 84  ? 4.126   7.594   -4.982  1.000 14.947 0 86  THR A O   1 ? 
ATOM   629  C  CB  . THR A 1 84  ? 4.129   10.564  -4.326  1.000 14.441 0 86  THR A CB  1 ? 
ATOM   630  O  OG1 . THR A 1 84  ? 4.524   11.635  -3.453  1.000 16.629 0 86  THR A OG1 1 ? 
ATOM   631  C  CG2 . THR A 1 84  ? 3.063   11.073  -5.267  1.000 15.650 0 86  THR A CG2 1 ? 
ATOM   632  N  N   . TRP A 1 85  ? 1.949   7.937   -4.270  1.000 12.165 0 87  TRP A N   1 ? 
ATOM   633  C  CA  . TRP A 1 85  ? 1.360   6.848   -5.017  1.000 10.567 0 87  TRP A CA  1 ? 
ATOM   634  C  C   . TRP A 1 85  ? 0.215   7.340   -5.885  1.000 11.857 0 87  TRP A C   1 ? 
ATOM   635  O  O   . TRP A 1 85  ? -0.304  8.439   -5.706  1.000 13.735 0 87  TRP A O   1 ? 
ATOM   636  C  CB  . TRP A 1 85  ? 0.757   5.848   -4.024  1.000 11.889 0 87  TRP A CB  1 ? 
ATOM   637  C  CG  . TRP A 1 85  ? 1.761   5.203   -3.119  1.000 12.626 0 87  TRP A CG  1 ? 
ATOM   638  C  CD1 . TRP A 1 85  ? 2.168   5.692   -1.913  1.000 12.448 0 87  TRP A CD1 1 ? 
ATOM   639  C  CD2 . TRP A 1 85  ? 2.476   3.964   -3.316  1.000 11.509 0 87  TRP A CD2 1 ? 
ATOM   640  N  NE1 . TRP A 1 85  ? 3.102   4.871   -1.354  1.000 13.048 0 87  TRP A NE1 1 ? 
ATOM   641  C  CE2 . TRP A 1 85  ? 3.280   3.781   -2.167  1.000 13.852 0 87  TRP A CE2 1 ? 
ATOM   642  C  CE3 . TRP A 1 85  ? 2.480   2.970   -4.302  1.000 13.109 0 87  TRP A CE3 1 ? 
ATOM   643  C  CZ2 . TRP A 1 85  ? 4.098   2.652   -1.973  1.000 12.738 0 87  TRP A CZ2 1 ? 
ATOM   644  C  CZ3 . TRP A 1 85  ? 3.275   1.860   -4.113  1.000 13.532 0 87  TRP A CZ3 1 ? 
ATOM   645  C  CH2 . TRP A 1 85  ? 4.066   1.717   -2.978  1.000 13.349 0 87  TRP A CH2 1 ? 
ATOM   646  N  N   . LYS A 1 86  ? -0.166  6.550   -6.847  1.000 11.490 0 88  LYS A N   1 ? 
ATOM   647  C  CA  . LYS A 1 86  ? -1.313  6.840   -7.637  1.000 13.574 0 88  LYS A CA  1 ? 
ATOM   648  C  C   . LYS A 1 86  ? -2.068  5.536   -7.903  1.000 12.601 0 88  LYS A C   1 ? 
ATOM   649  O  O   . LYS A 1 86  ? -1.538  4.576   -8.449  1.000 14.093 0 88  LYS A O   1 ? 
ATOM   650  C  CB  . LYS A 1 86  ? -0.990  7.498   -8.978  1.000 15.087 0 88  LYS A CB  1 ? 
ATOM   651  C  CG  . LYS A 1 86  ? -2.258  7.885   -9.734  1.000 17.025 0 88  LYS A CG  1 ? 
ATOM   652  C  CD  . LYS A 1 86  ? -2.002  8.856   -10.844 1.000 18.746 0 88  LYS A CD  1 ? 
ATOM   653  C  CE  . LYS A 1 86  ? -3.238  9.243   -11.559 1.000 18.903 0 88  LYS A CE  1 ? 
ATOM   654  N  NZ  . LYS A 1 86  ? -2.996  10.372  -12.485 1.000 23.477 0 88  LYS A NZ  1 ? 
ATOM   655  N  N   . LEU A 1 87  ? -3.355  5.534   -7.545  1.000 15.231 0 89  LEU A N   1 ? 
ATOM   656  C  CA  . LEU A 1 87  ? -4.220  4.403   -7.756  1.000 16.783 0 89  LEU A CA  1 ? 
ATOM   657  C  C   . LEU A 1 87  ? -4.995  4.653   -9.041  1.000 15.991 0 89  LEU A C   1 ? 
ATOM   658  O  O   . LEU A 1 87  ? -5.796  5.560   -9.066  1.000 18.557 0 89  LEU A O   1 ? 
ATOM   659  C  CB  . LEU A 1 87  ? -5.164  4.136   -6.586  1.000 17.264 0 89  LEU A CB  1 ? 
ATOM   660  C  CG  . LEU A 1 87  ? -6.119  2.947   -6.771  1.000 17.398 0 89  LEU A CG  1 ? 
ATOM   661  C  CD1 . LEU A 1 87  ? -5.334  1.648   -6.910  1.000 18.995 0 89  LEU A CD1 1 ? 
ATOM   662  C  CD2 . LEU A 1 87  ? -7.095  2.893   -5.588  1.000 19.362 0 89  LEU A CD2 1 ? 
ATOM   663  N  N   . TYR A 1 88  ? -4.844  3.763   -10.001 1.000 15.899 0 90  TYR A N   1 ? 
ATOM   664  C  CA  . TYR A 1 88  ? -5.563  3.895   -11.266 1.000 17.197 0 90  TYR A CA  1 ? 
ATOM   665  C  C   . TYR A 1 88  ? -6.862  3.116   -11.222 1.000 20.150 0 90  TYR A C   1 ? 
ATOM   666  O  O   . TYR A 1 88  ? -7.048  2.189   -10.462 1.000 22.261 0 90  TYR A O   1 ? 
ATOM   667  C  CB  . TYR A 1 88  ? -4.648  3.402   -12.396 1.000 19.147 0 90  TYR A CB  1 ? 
ATOM   668  C  CG  . TYR A 1 88  ? -3.521  4.358   -12.718 1.000 18.350 0 90  TYR A CG  1 ? 
ATOM   669  C  CD1 . TYR A 1 88  ? -3.710  5.467   -13.543 1.000 19.252 0 90  TYR A CD1 1 ? 
ATOM   670  C  CD2 . TYR A 1 88  ? -2.278  4.239   -12.109 1.000 18.798 0 90  TYR A CD2 1 ? 
ATOM   671  C  CE1 . TYR A 1 88  ? -2.692  6.362   -13.788 1.000 19.592 0 90  TYR A CE1 1 ? 
ATOM   672  C  CE2 . TYR A 1 88  ? -1.237  5.110   -12.366 1.000 18.509 0 90  TYR A CE2 1 ? 
ATOM   673  C  CZ  . TYR A 1 88  ? -1.436  6.190   -13.208 1.000 20.068 0 90  TYR A CZ  1 ? 
ATOM   674  O  OH  . TYR A 1 88  ? -0.426  7.054   -13.455 1.000 24.501 0 90  TYR A OH  1 ? 
ATOM   675  N  N   . PRO A 1 89  ? -7.839  3.525   -12.064 1.000 24.906 0 91  PRO A N   1 ? 
ATOM   676  C  CA  . PRO A 1 89  ? -9.169  2.907   -11.996 1.000 32.994 0 91  PRO A CA  1 ? 
ATOM   677  C  C   . PRO A 1 89  ? -9.180  1.406   -12.248 1.000 26.162 0 91  PRO A C   1 ? 
ATOM   678  O  O   . PRO A 1 89  ? -10.031 0.703   -11.736 1.000 28.823 0 91  PRO A O   1 ? 
ATOM   679  C  CB  . PRO A 1 89  ? -9.957  3.655   -13.094 1.000 33.829 0 91  PRO A CB  1 ? 
ATOM   680  C  CG  . PRO A 1 89  ? -9.179  4.926   -13.334 1.000 36.311 0 91  PRO A CG  1 ? 
ATOM   681  C  CD  . PRO A 1 89  ? -7.712  4.596   -13.063 1.000 33.000 0 91  PRO A CD  1 ? 
ATOM   682  N  N   . ASP A 1 90  ? -8.220  0.907   -13.043 1.000 24.219 0 92  ASP A N   1 ? 
ATOM   683  C  CA  . ASP A 1 90  ? -8.186  -0.497  -13.377 1.000 24.259 0 92  ASP A CA  1 ? 
ATOM   684  C  C   . ASP A 1 90  ? -7.551  -1.331  -12.273 1.000 25.779 0 92  ASP A C   1 ? 
ATOM   685  O  O   . ASP A 1 90  ? -7.474  -2.556  -12.405 1.000 29.108 0 92  ASP A O   1 ? 
ATOM   686  C  CB  . ASP A 1 90  ? -7.433  -0.666  -14.665 1.000 29.511 0 92  ASP A CB  1 ? 
ATOM   687  C  CG  . ASP A 1 90  ? -5.930  -0.746  -14.513 1.000 38.682 0 92  ASP A CG  1 ? 
ATOM   688  O  OD1 . ASP A 1 90  ? -5.357  -0.046  -13.615 1.000 36.015 0 92  ASP A OD1 1 ? 
ATOM   689  O  OD2 . ASP A 1 90  ? -5.382  -1.426  -15.383 1.000 35.703 0 92  ASP A OD2 1 ? 
ATOM   690  N  N   . GLY A 1 91  ? -7.045  -0.654  -11.239 1.000 21.632 0 93  GLY A N   1 ? 
ATOM   691  C  CA  . GLY A 1 91  ? -6.457  -1.363  -10.109 1.000 21.629 0 93  GLY A CA  1 ? 
ATOM   692  C  C   . GLY A 1 91  ? -4.952  -1.255  -9.938  1.000 18.835 0 93  GLY A C   1 ? 
ATOM   693  O  O   . GLY A 1 91  ? -4.461  -1.634  -8.882  1.000 19.528 0 93  GLY A O   1 ? 
ATOM   694  N  N   . THR A 1 92  ? -4.243  -0.679  -10.909 1.000 17.221 0 94  THR A N   1 ? 
ATOM   695  C  CA  . THR A 1 92  ? -2.813  -0.515  -10.753 1.000 15.641 0 94  THR A CA  1 ? 
ATOM   696  C  C   . THR A 1 92  ? -2.538  0.532   -9.688  1.000 17.257 0 94  THR A C   1 ? 
ATOM   697  O  O   . THR A 1 92  ? -3.079  1.663   -9.724  1.000 16.389 0 94  THR A O   1 ? 
ATOM   698  C  CB  . THR A 1 92  ? -2.184  -0.070  -12.064 1.000 16.004 0 94  THR A CB  1 ? 
ATOM   699  O  OG1 . THR A 1 92  ? -2.514  -1.090  -13.046 1.000 18.186 0 94  THR A OG1 1 ? 
ATOM   700  C  CG2 . THR A 1 92  ? -0.684  0.092   -12.005 1.000 16.631 0 94  THR A CG2 1 ? 
ATOM   701  N  N   . LEU A 1 93  ? -1.623  0.191   -8.782  1.000 12.899 0 95  LEU A N   1 ? 
ATOM   702  C  CA  . LEU A 1 93  ? -1.265  1.099   -7.720  1.000 13.077 0 95  LEU A CA  1 ? 
ATOM   703  C  C   . LEU A 1 93  ? 0.208   1.456   -7.878  1.000 13.461 0 95  LEU A C   1 ? 
ATOM   704  O  O   . LEU A 1 93  ? 1.095   0.644   -7.543  1.000 12.857 0 95  LEU A O   1 ? 
ATOM   705  C  CB  . LEU A 1 93  ? -1.574  0.497   -6.354  1.000 13.890 0 95  LEU A CB  1 ? 
ATOM   706  C  CG  . LEU A 1 93  ? -1.199  1.359   -5.135  1.000 16.820 0 95  LEU A CG  1 ? 
ATOM   707  C  CD1 . LEU A 1 93  ? -1.547  2.780   -5.251  1.000 19.475 0 95  LEU A CD1 1 ? 
ATOM   708  C  CD2 . LEU A 1 93  ? -1.872  0.765   -3.894  1.000 18.672 0 95  LEU A CD2 1 ? 
ATOM   709  N  N   . THR A 1 94  ? 0.496   2.609   -8.502  1.000 12.989 0 96  THR A N   1 ? 
ATOM   710  C  CA  . THR A 1 94  ? 1.839   2.915   -8.924  1.000 13.270 0 96  THR A CA  1 ? 
ATOM   711  C  C   . THR A 1 94  ? 2.549   3.723   -7.858  1.000 13.020 0 96  THR A C   1 ? 
ATOM   712  O  O   . THR A 1 94  ? 1.987   4.696   -7.355  1.000 13.681 0 96  THR A O   1 ? 
ATOM   713  C  CB  . THR A 1 94  ? 1.754   3.747   -10.215 1.000 15.664 0 96  THR A CB  1 ? 
ATOM   714  O  OG1 . THR A 1 94  ? 1.206   2.945   -11.272 1.000 16.472 0 96  THR A OG1 1 ? 
ATOM   715  C  CG2 . THR A 1 94  ? 3.111   4.301   -10.632 1.000 18.307 0 96  THR A CG2 1 ? 
ATOM   716  N  N   . HIS A 1 95  ? 3.831   3.407   -7.669  1.000 11.646 0 97  HIS A N   1 ? 
ATOM   717  C  CA  . HIS A 1 95  ? 4.750   4.215   -6.906  1.000 12.360 0 97  HIS A CA  1 ? 
ATOM   718  C  C   . HIS A 1 95  ? 5.276   5.265   -7.883  1.000 12.964 0 97  HIS A C   1 ? 
ATOM   719  O  O   . HIS A 1 95  ? 5.950   4.939   -8.849  1.000 13.402 0 97  HIS A O   1 ? 
ATOM   720  C  CB  . HIS A 1 95  ? 5.882   3.381   -6.316  1.000 13.636 0 97  HIS A CB  1 ? 
ATOM   721  C  CG  . HIS A 1 95  ? 6.858   4.216   -5.619  1.000 15.609 0 97  HIS A CG  1 ? 
ATOM   722  N  ND1 . HIS A 1 95  ? 8.175   4.309   -6.037  1.000 17.955 0 97  HIS A ND1 1 ? 
ATOM   723  C  CD2 . HIS A 1 95  ? 6.753   4.915   -4.445  1.000 16.775 0 97  HIS A CD2 1 ? 
ATOM   724  C  CE1 . HIS A 1 95  ? 8.811   5.073   -5.154  1.000 17.443 0 97  HIS A CE1 1 ? 
ATOM   725  N  NE2 . HIS A 1 95  ? 7.984   5.472   -4.203  1.000 17.360 0 97  HIS A NE2 1 ? 
ATOM   726  N  N   . VAL A 1 96  ? 4.868   6.513   -7.694  1.000 12.527 0 98  VAL A N   1 ? 
ATOM   727  C  CA  . VAL A 1 96  ? 5.018   7.494   -8.772  1.000 13.618 0 98  VAL A CA  1 ? 
ATOM   728  C  C   . VAL A 1 96  ? 6.464   7.719   -9.232  1.000 14.958 0 98  VAL A C   1 ? 
ATOM   729  O  O   . VAL A 1 96  ? 6.696   7.784   -10.441 1.000 18.437 0 98  VAL A O   1 ? 
ATOM   730  C  CB  . VAL A 1 96  ? 4.290   8.802   -8.375  1.000 15.522 0 98  VAL A CB  1 ? 
ATOM   731  C  CG1 . VAL A 1 96  ? 4.634   9.920   -9.368  1.000 16.440 0 98  VAL A CG1 1 ? 
ATOM   732  C  CG2 . VAL A 1 96  ? 2.790   8.600   -8.225  1.000 17.982 0 98  VAL A CG2 1 ? 
ATOM   733  N  N   . ARG A 1 97  ? 7.399   7.864   -8.310  1.000 13.267 0 99  ARG A N   1 ? 
ATOM   734  C  CA  . ARG A 1 97  ? 8.787   8.194   -8.704  1.000 15.845 0 99  ARG A CA  1 ? 
ATOM   735  C  C   . ARG A 1 97  ? 9.432   7.076   -9.530  1.000 18.081 0 99  ARG A C   1 ? 
ATOM   736  O  O   . ARG A 1 97  ? 10.082  7.345   -10.525 1.000 18.972 0 99  ARG A O   1 ? 
ATOM   737  C  CB  . ARG A 1 97  ? 9.560   8.429   -7.417  1.000 17.311 0 99  ARG A CB  1 ? 
ATOM   738  C  CG  . ARG A 1 97  ? 11.069  8.464   -7.580  1.000 22.165 0 99  ARG A CG  1 ? 
ATOM   739  C  CD  . ARG A 1 97  ? 11.462  9.648   -8.389  1.000 26.440 0 99  ARG A CD  1 ? 
ATOM   740  N  NE  . ARG A 1 97  ? 12.906  9.560   -8.655  1.000 35.211 0 99  ARG A NE  1 ? 
ATOM   741  C  CZ  . ARG A 1 97  ? 13.566  10.459  -9.381  1.000 42.612 0 99  ARG A CZ  1 ? 
ATOM   742  N  NH1 . ARG A 1 97  ? 12.971  11.574  -9.759  1.000 41.321 0 99  ARG A NH1 1 ? 
ATOM   743  N  NH2 . ARG A 1 97  ? 14.843  10.263  -9.672  1.000 45.780 0 99  ARG A NH2 1 ? 
ATOM   744  N  N   . SER A 1 98  ? 9.184   5.800   -9.177  1.000 15.536 0 100 SER A N   1 ? 
ATOM   745  C  CA  . SER A 1 98  ? 9.838   4.653   -9.781  1.000 15.713 0 100 SER A CA  1 ? 
ATOM   746  C  C   . SER A 1 98  ? 9.057   4.099   -10.967 1.000 16.382 0 100 SER A C   1 ? 
ATOM   747  O  O   . SER A 1 98  ? 9.627   3.290   -11.711 1.000 18.159 0 100 SER A O   1 ? 
ATOM   748  C  CB  . SER A 1 98  ? 10.072  3.579   -8.773  1.000 14.715 0 100 SER A CB  1 ? 
ATOM   749  O  OG  . SER A 1 98  ? 8.876   2.992   -8.297  1.000 15.392 0 100 SER A OG  1 ? 
ATOM   750  N  N   . SER A 1 99  ? 7.731   4.333   -11.003 1.000 14.045 0 101 SER A N   1 ? 
ATOM   751  C  CA  . SER A 1 99  ? 6.781   3.693   -11.918 1.000 15.120 0 101 SER A CA  1 ? 
ATOM   752  C  C   . SER A 1 99  ? 6.520   2.220   -11.608 1.000 15.180 0 101 SER A C   1 ? 
ATOM   753  O  O   . SER A 1 99  ? 5.748   1.609   -12.361 1.000 18.016 0 101 SER A O   1 ? 
ATOM   754  C  CB  . SER A 1 99  ? 7.161   3.878   -13.360 1.000 21.604 0 101 SER A CB  1 ? 
ATOM   755  O  OG  . SER A 1 99  ? 7.022   5.253   -13.648 1.000 26.823 0 101 SER A OG  1 ? 
ATOM   756  N  N   . LEU A 1 100 ? 7.111   1.690   -10.543 1.000 14.390 0 102 LEU A N   1 ? 
ATOM   757  C  CA  . LEU A 1 100 ? 6.903   0.309   -10.124 1.000 13.120 0 102 LEU A CA  1 ? 
ATOM   758  C  C   . LEU A 1 100 ? 5.539   0.278   -9.472  1.000 13.994 0 102 LEU A C   1 ? 
ATOM   759  O  O   . LEU A 1 100 ? 5.001   1.326   -9.129  1.000 13.856 0 102 LEU A O   1 ? 
ATOM   760  C  CB  . LEU A 1 100 ? 8.034   -0.133  -9.200  1.000 13.543 0 102 LEU A CB  1 ? 
ATOM   761  C  CG  . LEU A 1 100 ? 9.456   -0.123  -9.786  1.000 14.797 0 102 LEU A CG  1 ? 
ATOM   762  C  CD1 . LEU A 1 100 ? 10.457  -0.350  -8.721  1.000 16.278 0 102 LEU A CD1 1 ? 
ATOM   763  C  CD2 . LEU A 1 100 ? 9.563   -1.145  -10.938 1.000 17.567 0 102 LEU A CD2 1 ? 
ATOM   764  N  N   . VAL A 1 101 ? 4.959   -0.901  -9.296  1.000 11.085 0 103 VAL A N   1 ? 
ATOM   765  C  CA  . VAL A 1 101 ? 3.610   -0.998  -8.779  1.000 12.130 0 103 VAL A CA  1 ? 
ATOM   766  C  C   . VAL A 1 101 ? 3.566   -1.974  -7.601  1.000 11.902 0 103 VAL A C   1 ? 
ATOM   767  O  O   . VAL A 1 101 ? 4.347   -2.935  -7.525  1.000 12.730 0 103 VAL A O   1 ? 
ATOM   768  C  CB  . VAL A 1 101 ? 2.671   -1.476  -9.912  1.000 12.477 0 103 VAL A CB  1 ? 
ATOM   769  C  CG1 . VAL A 1 101 ? 2.776   -0.598  -11.166 1.000 12.010 0 103 VAL A CG1 1 ? 
ATOM   770  C  CG2 . VAL A 1 101 ? 2.893   -2.927  -10.343 1.000 13.641 0 103 VAL A CG2 1 ? 
ATOM   771  N  N   . LEU A 1 102 ? 2.588   -1.743  -6.741  1.000 11.508 0 104 LEU A N   1 ? 
ATOM   772  C  CA  . LEU A 1 102 ? 2.379   -2.564  -5.536  1.000 12.007 0 104 LEU A CA  1 ? 
ATOM   773  C  C   . LEU A 1 102 ? 1.935   -3.945  -5.978  1.000 12.359 0 104 LEU A C   1 ? 
ATOM   774  O  O   . LEU A 1 102 ? 1.023   -4.123  -6.795  1.000 12.417 0 104 LEU A O   1 ? 
ATOM   775  C  CB  . LEU A 1 102 ? 1.339   -1.908  -4.616  1.000 12.395 0 104 LEU A CB  1 ? 
ATOM   776  C  CG  . LEU A 1 102 ? 1.232   -2.559  -3.233  1.000 13.753 0 104 LEU A CG  1 ? 
ATOM   777  C  CD1 . LEU A 1 102 ? 2.526   -2.323  -2.516  1.000 15.054 0 104 LEU A CD1 1 ? 
ATOM   778  C  CD2 . LEU A 1 102 ? 0.015   -2.009  -2.481  1.000 15.315 0 104 LEU A CD2 1 ? 
ATOM   779  N  N   . THR A 1 103 ? 2.651   -4.925  -5.444  1.000 11.483 0 105 THR A N   1 ? 
ATOM   780  C  CA  . THR A 1 103 ? 2.557   -6.306  -5.876  1.000 12.039 0 105 THR A CA  1 ? 
ATOM   781  C  C   . THR A 1 103 ? 2.486   -7.203  -4.643  1.000 12.460 0 105 THR A C   1 ? 
ATOM   782  O  O   . THR A 1 103 ? 3.390   -7.153  -3.817  1.000 14.791 0 105 THR A O   1 ? 
ATOM   783  C  CB  . THR A 1 103 ? 3.782   -6.648  -6.694  1.000 13.908 0 105 THR A CB  1 ? 
ATOM   784  O  OG1 . THR A 1 103 ? 3.924   -5.731  -7.781  1.000 13.635 0 105 THR A OG1 1 ? 
ATOM   785  C  CG2 . THR A 1 103 ? 3.596   -8.025  -7.301  1.000 14.662 0 105 THR A CG2 1 ? 
ATOM   786  N  N   . SER A 1 104 ? 1.474   -8.049  -4.590  1.000 13.553 0 106 SER A N   1 ? 
ATOM   787  C  CA  . SER A 1 104 ? 1.412   -9.064  -3.530  1.000 14.003 0 106 SER A CA  1 ? 
ATOM   788  C  C   . SER A 1 104 ? 2.338   -10.238 -3.905  1.000 15.416 0 106 SER A C   1 ? 
ATOM   789  O  O   . SER A 1 104 ? 2.781   -10.406 -5.013  1.000 19.939 0 106 SER A O   1 ? 
ATOM   790  C  CB  . SER A 1 104 ? 0.013   -9.404  -3.202  1.000 16.703 0 106 SER A CB  1 ? 
ATOM   791  O  OG  . SER A 1 104 ? -0.692  -9.940  -4.326  1.000 18.016 0 106 SER A OG  1 ? 
ATOM   792  N  N   . GLN A 1 105 ? 2.691   -11.049 -2.891  1.000 19.791 0 107 GLN A N   1 ? 
ATOM   793  C  CA  . GLN A 1 105 ? 3.713   -12.110 -2.937  1.000 19.573 0 107 GLN A CA  1 ? 
ATOM   794  C  C   . GLN A 1 105 ? 3.164   -13.374 -2.276  1.000 22.199 0 107 GLN A C   1 ? 
ATOM   795  O  O   . GLN A 1 105 ? 3.898   -14.199 -1.682  1.000 26.126 0 107 GLN A O   1 ? 
ATOM   796  C  CB  . GLN A 1 105 ? 5.000   -11.599 -2.305  1.000 22.436 0 107 GLN A CB  1 ? 
ATOM   797  C  CG  . GLN A 1 105 ? 5.592   -10.354 -2.966  1.000 23.972 0 107 GLN A CG  1 ? 
ATOM   798  C  CD  . GLN A 1 105 ? 6.058   -10.552 -4.390  1.000 29.676 0 107 GLN A CD  1 ? 
ATOM   799  O  OE1 . GLN A 1 105 ? 6.205   -9.583  -5.143  1.000 28.137 0 107 GLN A OE1 1 ? 
ATOM   800  N  NE2 . GLN A 1 105 ? 6.283   -11.789 -4.795  1.000 27.941 0 107 GLN A NE2 1 ? 
ATOM   801  N  N   . GLY A 1 106 ? 1.851   -13.500 -2.339  1.000 22.681 0 108 GLY A N   1 ? 
ATOM   802  C  CA  . GLY A 1 106 ? 1.223   -14.651 -1.742  1.000 27.140 0 108 GLY A CA  1 ? 
ATOM   803  C  C   . GLY A 1 106 ? 0.042   -14.238 -0.889  1.000 27.820 0 108 GLY A C   1 ? 
ATOM   804  O  O   . GLY A 1 106 ? -0.084  -13.073 -0.465  1.000 26.535 0 108 GLY A O   1 ? 
ATOM   805  N  N   . THR A 1 107 ? -0.819  -15.226 -0.639  1.000 25.636 0 109 THR A N   1 ? 
ATOM   806  C  CA  . THR A 1 107 ? -1.985  -15.027 0.209   1.000 26.733 0 109 THR A CA  1 ? 
ATOM   807  C  C   . THR A 1 107 ? -1.820  -15.704 1.559   1.000 25.823 0 109 THR A C   1 ? 
ATOM   808  O  O   . THR A 1 107 ? -2.678  -15.553 2.405   1.000 29.757 0 109 THR A O   1 ? 
ATOM   809  C  CB  . THR A 1 107 ? -3.240  -15.579 -0.482  1.000 32.507 0 109 THR A CB  1 ? 
ATOM   810  O  OG1 . THR A 1 107 ? -3.018  -16.953 -0.803  1.000 34.112 0 109 THR A OG1 1 ? 
ATOM   811  C  CG2 . THR A 1 107 ? -3.572  -14.785 -1.735  1.000 36.842 0 109 THR A CG2 1 ? 
ATOM   812  N  N   . GLY A 1 108 ? -0.737  -16.451 1.744   1.000 25.348 0 110 GLY A N   1 ? 
ATOM   813  C  CA  . GLY A 1 108 ? -0.501  -17.069 3.042   1.000 24.443 0 110 GLY A CA  1 ? 
ATOM   814  C  C   . GLY A 1 108 ? 0.029   -16.025 4.027   1.000 25.666 0 110 GLY A C   1 ? 
ATOM   815  O  O   . GLY A 1 108 ? 0.315   -14.894 3.656   1.000 26.274 0 110 GLY A O   1 ? 
ATOM   816  N  N   . ALA A 1 109 ? 0.161   -16.411 5.292   1.000 22.664 0 111 ALA A N   1 ? 
ATOM   817  C  CA  . ALA A 1 109 ? 0.565   -15.436 6.308   1.000 19.309 0 111 ALA A CA  1 ? 
ATOM   818  C  C   . ALA A 1 109 ? 1.946   -14.849 6.028   1.000 17.483 0 111 ALA A C   1 ? 
ATOM   819  O  O   . ALA A 1 109 ? 2.907   -15.480 5.673   1.000 18.941 0 111 ALA A O   1 ? 
ATOM   820  C  CB  . ALA A 1 109 ? 0.500   -16.093 7.691   1.000 20.959 0 111 ALA A CB  1 ? 
ATOM   821  N  N   . TYR A 1 110 ? 2.006   -13.539 6.277   1.000 18.771 0 112 TYR A N   1 ? 
ATOM   822  C  CA  . TYR A 1 110 ? 3.226   -12.802 6.379   1.000 18.427 0 112 TYR A CA  1 ? 
ATOM   823  C  C   . TYR A 1 110 ? 3.848   -12.700 4.992   1.000 18.066 0 112 TYR A C   1 ? 
ATOM   824  O  O   . TYR A 1 110 ? 5.058   -12.662 4.919   1.000 21.320 0 112 TYR A O   1 ? 
ATOM   825  C  CB  . TYR A 1 110 ? 4.143   -13.290 7.489   1.000 18.867 0 112 TYR A CB  1 ? 
ATOM   826  C  CG  . TYR A 1 110 ? 3.451   -13.714 8.757   1.000 16.416 0 112 TYR A CG  1 ? 
ATOM   827  C  CD1 . TYR A 1 110 ? 2.457   -12.944 9.352   1.000 17.164 0 112 TYR A CD1 1 ? 
ATOM   828  C  CD2 . TYR A 1 110 ? 3.744   -14.927 9.349   1.000 15.883 0 112 TYR A CD2 1 ? 
ATOM   829  C  CE1 . TYR A 1 110 ? 1.824   -13.370 10.514  1.000 17.735 0 112 TYR A CE1 1 ? 
ATOM   830  C  CE2 . TYR A 1 110 ? 3.136   -15.343 10.508  1.000 15.091 0 112 TYR A CE2 1 ? 
ATOM   831  C  CZ  . TYR A 1 110 ? 2.178   -14.565 11.084  1.000 15.990 0 112 TYR A CZ  1 ? 
ATOM   832  O  OH  . TYR A 1 110 ? 1.660   -15.090 12.240  1.000 18.614 0 112 TYR A OH  1 ? 
ATOM   833  N  N   . ALA A 1 111 ? 2.987   -12.670 3.954   1.000 18.201 0 113 ALA A N   1 ? 
ATOM   834  C  CA  . ALA A 1 111 ? 3.475   -12.445 2.597   1.000 18.175 0 113 ALA A CA  1 ? 
ATOM   835  C  C   . ALA A 1 111 ? 3.580   -10.922 2.367   1.000 14.720 0 113 ALA A C   1 ? 
ATOM   836  O  O   . ALA A 1 111 ? 2.589   -10.266 2.077   1.000 15.863 0 113 ALA A O   1 ? 
ATOM   837  C  CB  . ALA A 1 111 ? 2.525   -13.120 1.647   1.000 21.247 0 113 ALA A CB  1 ? 
ATOM   838  N  N   A ILE A 1 112 ? 4.800   -10.440 2.485   0.600 16.498 0 114 ILE A N   1 ? 
ATOM   839  N  N   B ILE A 1 112 ? 4.797   -10.430 2.505   0.400 16.066 0 114 ILE A N   1 ? 
ATOM   840  C  CA  A ILE A 1 112 ? 5.082   -9.015  2.482   0.600 13.898 0 114 ILE A CA  1 ? 
ATOM   841  C  CA  B ILE A 1 112 ? 5.050   -9.004  2.476   0.400 13.874 0 114 ILE A CA  1 ? 
ATOM   842  C  C   A ILE A 1 112 ? 4.956   -8.513  1.045   0.600 13.905 0 114 ILE A C   1 ? 
ATOM   843  C  C   B ILE A 1 112 ? 4.942   -8.517  1.037   0.400 13.842 0 114 ILE A C   1 ? 
ATOM   844  O  O   A ILE A 1 112 ? 5.441   -9.152  0.111   0.600 16.146 0 114 ILE A O   1 ? 
ATOM   845  O  O   B ILE A 1 112 ? 5.422   -9.158  0.102   0.400 15.737 0 114 ILE A O   1 ? 
ATOM   846  C  CB  A ILE A 1 112 ? 6.505   -8.787  3.035   0.600 15.198 0 114 ILE A CB  1 ? 
ATOM   847  C  CB  B ILE A 1 112 ? 6.436   -8.713  3.068   0.400 14.441 0 114 ILE A CB  1 ? 
ATOM   848  C  CG1 A ILE A 1 112 ? 6.601   -9.304  4.512   0.600 16.137 0 114 ILE A CG1 1 ? 
ATOM   849  C  CG1 B ILE A 1 112 ? 6.446   -9.129  4.554   0.400 14.136 0 114 ILE A CG1 1 ? 
ATOM   850  C  CG2 A ILE A 1 112 ? 6.941   -7.343  2.877   0.600 16.076 0 114 ILE A CG2 1 ? 
ATOM   851  C  CG2 B ILE A 1 112 ? 6.842   -7.261  2.849   0.400 15.451 0 114 ILE A CG2 1 ? 
ATOM   852  C  CD1 A ILE A 1 112 ? 5.442   -8.879  5.367   0.600 16.207 0 114 ILE A CD1 1 ? 
ATOM   853  C  CD1 B ILE A 1 112 ? 7.823   -9.047  5.155   0.400 12.723 0 114 ILE A CD1 1 ? 
ATOM   854  N  N   . THR A 1 113 ? 4.266   -7.386  0.883   1.000 12.484 0 115 THR A N   1 ? 
ATOM   855  C  CA  . THR A 1 113 ? 4.072   -6.793  -0.421  1.000 12.123 0 115 THR A CA  1 ? 
ATOM   856  C  C   . THR A 1 113 ? 5.310   -6.008  -0.836  1.000 11.395 0 115 THR A C   1 ? 
ATOM   857  O  O   . THR A 1 113 ? 6.107   -5.593  -0.006  1.000 12.405 0 115 THR A O   1 ? 
ATOM   858  C  CB  . THR A 1 113 ? 2.834   -5.892  -0.416  1.000 12.879 0 115 THR A CB  1 ? 
ATOM   859  O  OG1 . THR A 1 113 ? 2.944   -4.798  0.496   1.000 12.545 0 115 THR A OG1 1 ? 
ATOM   860  C  CG2 . THR A 1 113 ? 1.574   -6.682  -0.130  1.000 14.389 0 115 THR A CG2 1 ? 
ATOM   861  N  N   . THR A 1 114 ? 5.484   -5.867  -2.141  1.000 10.904 0 116 THR A N   1 ? 
ATOM   862  C  CA  . THR A 1 114 ? 6.656   -5.242  -2.715  1.000 11.828 0 116 THR A CA  1 ? 
ATOM   863  C  C   . THR A 1 114 ? 6.238   -4.315  -3.831  1.000 12.379 0 116 THR A C   1 ? 
ATOM   864  O  O   . THR A 1 114 ? 5.086   -4.291  -4.238  1.000 12.243 0 116 THR A O   1 ? 
ATOM   865  C  CB  . THR A 1 114 ? 7.643   -6.294  -3.238  1.000 14.235 0 116 THR A CB  1 ? 
ATOM   866  O  OG1 . THR A 1 114 ? 7.017   -6.996  -4.322  1.000 16.701 0 116 THR A OG1 1 ? 
ATOM   867  C  CG2 . THR A 1 114 ? 8.110   -7.259  -2.170  1.000 14.064 0 116 THR A CG2 1 ? 
ATOM   868  N  N   . ILE A 1 115 ? 7.173   -3.519  -4.338  1.000 12.713 0 117 ILE A N   1 ? 
ATOM   869  C  CA  . ILE A 1 115 ? 6.996   -2.841  -5.619  1.000 12.006 0 117 ILE A CA  1 ? 
ATOM   870  C  C   . ILE A 1 115 ? 7.788   -3.592  -6.688  1.000 14.236 0 117 ILE A C   1 ? 
ATOM   871  O  O   . ILE A 1 115 ? 8.915   -4.003  -6.418  1.000 14.724 0 117 ILE A O   1 ? 
ATOM   872  C  CB  . ILE A 1 115 ? 7.371   -1.350  -5.558  1.000 13.456 0 117 ILE A CB  1 ? 
ATOM   873  C  CG1 . ILE A 1 115 ? 8.776   -1.095  -5.026  1.000 14.264 0 117 ILE A CG1 1 ? 
ATOM   874  C  CG2 . ILE A 1 115 ? 6.282   -0.611  -4.785  1.000 12.800 0 117 ILE A CG2 1 ? 
ATOM   875  C  CD1 . ILE A 1 115 ? 9.278   0.346   -5.194  1.000 16.707 0 117 ILE A CD1 1 ? 
ATOM   876  N  N   . GLU A 1 116 ? 7.143   -3.784  -7.832  1.000 13.598 0 118 GLU A N   1 ? 
ATOM   877  C  CA  . GLU A 1 116 ? 7.746   -4.567  -8.916  1.000 14.672 0 118 GLU A CA  1 ? 
ATOM   878  C  C   . GLU A 1 116 ? 7.420   -3.912  -10.245 1.000 14.614 0 118 GLU A C   1 ? 
ATOM   879  O  O   . GLU A 1 116 ? 6.489   -3.098  -10.378 1.000 13.755 0 118 GLU A O   1 ? 
ATOM   880  C  CB  . GLU A 1 116 ? 7.123   -5.951  -8.923  1.000 16.858 0 118 GLU A CB  1 ? 
ATOM   881  C  CG  . GLU A 1 116 ? 7.294   -6.765  -7.640  1.000 17.036 0 118 GLU A CG  1 ? 
ATOM   882  C  CD  . GLU A 1 116 ? 8.688   -7.256  -7.305  1.000 17.603 0 118 GLU A CD  1 ? 
ATOM   883  O  OE1 . GLU A 1 116 ? 8.867   -7.711  -6.127  1.000 22.295 0 118 GLU A OE1 1 ? 
ATOM   884  O  OE2 . GLU A 1 116 ? 9.590   -7.268  -8.213  1.000 22.681 0 118 GLU A OE2 1 ? 
ATOM   885  N  N   . THR A 1 117 ? 8.141   -4.418  -11.267 1.000 15.879 0 119 THR A N   1 ? 
ATOM   886  C  CA  . THR A 1 117 ? 7.796   -4.043  -12.617 1.000 18.174 0 119 THR A CA  1 ? 
ATOM   887  C  C   . THR A 1 117 ? 6.366   -4.478  -12.910 1.000 16.317 0 119 THR A C   1 ? 
ATOM   888  O  O   . THR A 1 117 ? 5.941   -5.613  -12.633 1.000 16.281 0 119 THR A O   1 ? 
ATOM   889  C  CB  . THR A 1 117 ? 8.791   -4.711  -13.574 1.000 19.712 0 119 THR A CB  1 ? 
ATOM   890  O  OG1 . THR A 1 117 ? 10.060  -4.171  -13.233 1.000 21.278 0 119 THR A OG1 1 ? 
ATOM   891  C  CG2 . THR A 1 117 ? 8.402   -4.421  -15.004 1.000 23.046 0 119 THR A CG2 1 ? 
ATOM   892  N  N   . ASN A 1 118 ? 5.606   -3.605  -13.538 1.000 17.856 0 120 ASN A N   1 ? 
ATOM   893  C  CA  . ASN A 1 118 ? 4.257   -3.911  -13.914 1.000 17.142 0 120 ASN A CA  1 ? 
ATOM   894  C  C   . ASN A 1 118 ? 4.177   -4.989  -14.998 1.000 17.683 0 120 ASN A C   1 ? 
ATOM   895  O  O   . ASN A 1 118 ? 4.806   -4.817  -16.051 1.000 18.095 0 120 ASN A O   1 ? 
ATOM   896  C  CB  . ASN A 1 118 ? 3.566   -2.716  -14.517 1.000 21.177 0 120 ASN A CB  1 ? 
ATOM   897  C  CG  . ASN A 1 118 ? 2.071   -2.820  -14.517 1.000 20.790 0 120 ASN A CG  1 ? 
ATOM   898  O  OD1 . ASN A 1 118 ? 1.432   -3.818  -14.130 1.000 20.441 0 120 ASN A OD1 1 ? 
ATOM   899  N  ND2 . ASN A 1 118 ? 1.508   -1.669  -14.805 1.000 22.215 0 120 ASN A ND2 1 ? 
ATOM   900  N  N   . THR A 1 119 ? 3.480   -6.083  -14.680 1.000 15.882 0 121 THR A N   1 ? 
ATOM   901  C  CA  . THR A 1 119 ? 3.211   -7.174  -15.638 1.000 18.816 0 121 THR A CA  1 ? 
ATOM   902  C  C   . THR A 1 119 ? 1.712   -7.402  -15.804 1.000 18.967 0 121 THR A C   1 ? 
ATOM   903  O  O   . THR A 1 119 ? 1.273   -8.418  -16.401 1.000 21.982 0 121 THR A O   1 ? 
ATOM   904  C  CB  . THR A 1 119 ? 3.955   -8.445  -15.210 1.000 22.684 0 121 THR A CB  1 ? 
ATOM   905  O  OG1 . THR A 1 119 ? 3.395   -8.970  -14.007 1.000 27.064 0 121 THR A OG1 1 ? 
ATOM   906  C  CG2 . THR A 1 119 ? 5.451   -8.310  -15.049 1.000 22.865 0 121 THR A CG2 1 ? 
ATOM   907  N  N   . SER A 1 120 ? 0.888   -6.476  -15.288 1.000 19.123 0 122 SER A N   1 ? 
ATOM   908  C  CA  . SER A 1 120 ? -0.542  -6.621  -15.246 1.000 21.403 0 122 SER A CA  1 ? 
ATOM   909  C  C   . SER A 1 120 ? -0.887  -7.995  -14.677 1.000 23.184 0 122 SER A C   1 ? 
ATOM   910  O  O   . SER A 1 120 ? -1.796  -8.633  -15.179 1.000 26.563 0 122 SER A O   1 ? 
ATOM   911  C  CB  . SER A 1 120 ? -1.117  -6.413  -16.648 1.000 22.429 0 122 SER A CB  1 ? 
ATOM   912  O  OG  . SER A 1 120 ? -0.980  -5.027  -16.914 1.000 28.403 0 122 SER A OG  1 ? 
ATOM   913  N  N   . ALA A 1 121 ? -0.144  -8.421  -13.631 1.000 21.314 0 123 ALA A N   1 ? 
ATOM   914  C  CA  . ALA A 1 121 ? -0.417  -9.665  -12.918 1.000 23.435 0 123 ALA A CA  1 ? 
ATOM   915  C  C   . ALA A 1 121 ? -1.633  -9.526  -11.997 1.000 20.976 0 123 ALA A C   1 ? 
ATOM   916  O  O   . ALA A 1 121 ? -2.037  -8.446  -11.566 1.000 17.215 0 123 ALA A O   1 ? 
ATOM   917  C  CB  . ALA A 1 121 ? 0.787   -10.092 -12.170 1.000 24.355 0 123 ALA A CB  1 ? 
ATOM   918  N  N   . PRO A 1 122 ? -2.300  -10.647 -11.650 1.000 23.687 0 124 PRO A N   1 ? 
ATOM   919  C  CA  . PRO A 1 122 ? -3.401  -10.583 -10.685 1.000 24.195 0 124 PRO A CA  1 ? 
ATOM   920  C  C   . PRO A 1 122 ? -2.959  -10.159 -9.282  1.000 23.123 0 124 PRO A C   1 ? 
ATOM   921  O  O   . PRO A 1 122 ? -3.816  -9.766  -8.510  1.000 24.717 0 124 PRO A O   1 ? 
ATOM   922  C  CB  . PRO A 1 122 ? -4.016  -12.001 -10.694 1.000 25.536 0 124 PRO A CB  1 ? 
ATOM   923  C  CG  . PRO A 1 122 ? -2.927  -12.852 -11.293 1.000 28.760 0 124 PRO A CG  1 ? 
ATOM   924  C  CD  . PRO A 1 122 ? -2.073  -11.984 -12.220 1.000 25.970 0 124 PRO A CD  1 ? 
ATOM   925  N  N   . THR A 1 123 ? -1.656  -10.180 -9.026  1.000 17.674 0 125 THR A N   1 ? 
ATOM   926  C  CA  . THR A 1 123 ? -1.034  -9.722  -7.794  1.000 17.024 0 125 THR A CA  1 ? 
ATOM   927  C  C   . THR A 1 123 ? -0.884  -8.198  -7.784  1.000 16.719 0 125 THR A C   1 ? 
ATOM   928  O  O   . THR A 1 123 ? -0.386  -7.668  -6.787  1.000 15.075 0 125 THR A O   1 ? 
ATOM   929  C  CB  . THR A 1 123 ? 0.348   -10.358 -7.675  1.000 18.087 0 125 THR A CB  1 ? 
ATOM   930  O  OG1 . THR A 1 123 ? 1.060   -10.064 -8.874  1.000 18.670 0 125 THR A OG1 1 ? 
ATOM   931  C  CG2 . THR A 1 123 ? 0.307   -11.884 -7.585  1.000 20.962 0 125 THR A CG2 1 ? 
ATOM   932  N  N   . GLN A 1 124 ? -1.213  -7.525  -8.903  1.000 14.257 0 126 GLN A N   1 ? 
ATOM   933  C  CA  . GLN A 1 124 ? -0.945  -6.099  -9.067  1.000 14.037 0 126 GLN A CA  1 ? 
ATOM   934  C  C   . GLN A 1 124 ? -2.187  -5.265  -9.280  1.000 16.164 0 126 GLN A C   1 ? 
ATOM   935  O  O   . GLN A 1 124 ? -2.118  -4.115  -9.763  1.000 17.680 0 126 GLN A O   1 ? 
ATOM   936  C  CB  . GLN A 1 124 ? 0.074   -5.888  -10.187 1.000 13.493 0 126 GLN A CB  1 ? 
ATOM   937  C  CG  . GLN A 1 124 ? 1.370   -6.583  -9.956  1.000 13.342 0 126 GLN A CG  1 ? 
ATOM   938  C  CD  . GLN A 1 124 ? 2.395   -6.476  -11.064 1.000 15.283 0 126 GLN A CD  1 ? 
ATOM   939  O  OE1 . GLN A 1 124 ? 2.020   -6.547  -12.240 1.000 17.595 0 126 GLN A OE1 1 ? 
ATOM   940  N  NE2 . GLN A 1 124 ? 3.649   -6.339  -10.738 1.000 15.338 0 126 GLN A NE2 1 ? 
ATOM   941  N  N   . SER A 1 125 ? -3.332  -5.796  -8.893  1.000 16.271 0 127 SER A N   1 ? 
ATOM   942  C  CA  . SER A 1 125 ? -4.610  -5.117  -9.053  1.000 16.515 0 127 SER A CA  1 ? 
ATOM   943  C  C   . SER A 1 125 ? -5.192  -4.885  -7.679  1.000 17.229 0 127 SER A C   1 ? 
ATOM   944  O  O   . SER A 1 125 ? -5.419  -5.853  -6.945  1.000 19.464 0 127 SER A O   1 ? 
ATOM   945  C  CB  . SER A 1 125 ? -5.536  -5.937  -9.971  1.000 19.960 0 127 SER A CB  1 ? 
ATOM   946  O  OG  . SER A 1 125 ? -6.755  -5.226  -10.125 1.000 28.913 0 127 SER A OG  1 ? 
ATOM   947  N  N   . TRP A 1 126 ? -5.516  -3.631  -7.339  1.000 16.151 0 128 TRP A N   1 ? 
ATOM   948  C  CA  . TRP A 1 126 ? -5.949  -3.228  -6.017  1.000 15.350 0 128 TRP A CA  1 ? 
ATOM   949  C  C   . TRP A 1 126 ? -7.252  -2.454  -6.117  1.000 18.832 0 128 TRP A C   1 ? 
ATOM   950  O  O   . TRP A 1 126 ? -7.340  -1.491  -6.867  1.000 23.412 0 128 TRP A O   1 ? 
ATOM   951  C  CB  . TRP A 1 126 ? -4.911  -2.376  -5.287  1.000 16.984 0 128 TRP A CB  1 ? 
ATOM   952  C  CG  . TRP A 1 126 ? -3.617  -3.102  -5.143  1.000 14.897 0 128 TRP A CG  1 ? 
ATOM   953  C  CD1 . TRP A 1 126 ? -2.575  -3.144  -6.024  1.000 15.791 0 128 TRP A CD1 1 ? 
ATOM   954  C  CD2 . TRP A 1 126 ? -3.272  -3.978  -4.065  1.000 15.170 0 128 TRP A CD2 1 ? 
ATOM   955  N  NE1 . TRP A 1 126 ? -1.639  -4.003  -5.577  1.000 14.827 0 128 TRP A NE1 1 ? 
ATOM   956  C  CE2 . TRP A 1 126 ? -2.001  -4.495  -4.353  1.000 13.994 0 128 TRP A CE2 1 ? 
ATOM   957  C  CE3 . TRP A 1 126 ? -3.867  -4.331  -2.870  1.000 15.711 0 128 TRP A CE3 1 ? 
ATOM   958  C  CZ2 . TRP A 1 126 ? -1.349  -5.363  -3.501  1.000 13.265 0 128 TRP A CZ2 1 ? 
ATOM   959  C  CZ3 . TRP A 1 126 ? -3.226  -5.179  -2.007  1.000 15.518 0 128 TRP A CZ3 1 ? 
ATOM   960  C  CH2 . TRP A 1 126 ? -1.980  -5.699  -2.319  1.000 15.013 0 128 TRP A CH2 1 ? 
ATOM   961  N  N   . GLY A 1 127 ? -8.246  -2.995  -5.434  1.000 19.306 0 129 GLY A N   1 ? 
ATOM   962  C  CA  . GLY A 1 127 ? -9.605  -2.455  -5.462  1.000 23.898 0 129 GLY A CA  1 ? 
ATOM   963  C  C   . GLY A 1 127 ? -9.917  -1.724  -4.166  1.000 25.795 0 129 GLY A C   1 ? 
ATOM   964  O  O   . GLY A 1 127 ? -9.302  -1.953  -3.144  1.000 21.616 0 129 GLY A O   1 ? 
ATOM   965  N  N   . THR A 1 128 ? -10.879 -0.827  -4.205  1.000 25.508 0 130 THR A N   1 ? 
ATOM   966  C  CA  . THR A 1 128 ? -11.253 -0.108  -2.996  1.000 26.489 0 130 THR A CA  1 ? 
ATOM   967  C  C   . THR A 1 128 ? -12.555 -0.734  -2.550  1.000 22.878 0 130 THR A C   1 ? 
ATOM   968  O  O   . THR A 1 128 ? -13.335 -1.201  -3.359  1.000 27.390 0 130 THR A O   1 ? 
ATOM   969  C  CB  . THR A 1 128 ? -11.402 1.403   -3.184  1.000 29.423 0 130 THR A CB  1 ? 
ATOM   970  O  OG1 . THR A 1 128 ? -12.284 1.529   -4.315  1.000 27.768 0 130 THR A OG1 1 ? 
ATOM   971  C  CG2 . THR A 1 128 ? -10.055 2.079   -3.383  1.000 31.660 0 130 THR A CG2 1 ? 
ATOM   972  N  N   . ALA A 1 129 ? -12.754 -0.796  -1.241  1.000 22.845 0 131 ALA A N   1 ? 
ATOM   973  C  CA  . ALA A 1 129 ? -14.005 -1.273  -0.680  1.000 23.853 0 131 ALA A CA  1 ? 
ATOM   974  C  C   . ALA A 1 129 ? -14.262 -0.560  0.629   1.000 23.586 0 131 ALA A C   1 ? 
ATOM   975  O  O   . ALA A 1 129 ? -13.350 -0.182  1.365   1.000 21.484 0 131 ALA A O   1 ? 
ATOM   976  C  CB  . ALA A 1 129 ? -13.977 -2.760  -0.438  1.000 27.940 0 131 ALA A CB  1 ? 
ATOM   977  N  N   . ASP A 1 130 ? -15.562 -0.432  0.954   1.000 23.537 0 132 ASP A N   1 ? 
ATOM   978  C  CA  . ASP A 1 130 ? -15.903 0.143   2.240   1.000 25.436 0 132 ASP A CA  1 ? 
ATOM   979  C  C   . ASP A 1 130 ? -15.771 -0.948  3.324   1.000 25.709 0 132 ASP A C   1 ? 
ATOM   980  O  O   . ASP A 1 130 ? -15.889 -2.146  2.968   1.000 28.986 0 132 ASP A O   1 ? 
ATOM   981  C  CB  . ASP A 1 130 ? -17.316 0.707   2.203   1.000 30.624 0 132 ASP A CB  1 ? 
ATOM   982  C  CG  . ASP A 1 130 ? -17.469 2.038   1.485   1.000 35.418 0 132 ASP A CG  1 ? 
ATOM   983  O  OD1 . ASP A 1 130 ? -16.446 2.718   1.258   1.000 45.019 0 132 ASP A OD1 1 ? 
ATOM   984  O  OD2 . ASP A 1 130 ? -18.610 2.382   1.121   1.000 45.144 0 132 ASP A OD2 1 ? 
ATOM   985  O  OXT . ASP A 1 130 ? -15.507 -0.561  4.468   1.000 22.840 0 132 ASP A OXT 1 ? 
HETATM 986  CD CD  . CD  B 2 .   ? -14.926 -1.742  6.098   1.000 28.037 0 201 CD  A CD  1 ? 
HETATM 987  CD CD  . CD  C 2 .   ? 12.323  5.632   7.874   1.000 25.564 0 202 CD  A CD  1 ? 
HETATM 988  CD CD  . CD  D 2 .   ? 10.916  13.691  -6.348  1.000 27.479 0 203 CD  A CD  1 ? 
HETATM 989  C  C1  . NGA E 3 .   ? -3.170  -9.160  14.047  0.500 25.032 0 204 NGA A C1  1 ? 
HETATM 990  C  C2  . NGA E 3 .   ? -3.829  -8.044  13.232  0.500 24.553 0 204 NGA A C2  1 ? 
HETATM 991  C  C3  . NGA E 3 .   ? -4.061  -8.508  11.791  0.500 20.400 0 204 NGA A C3  1 ? 
HETATM 992  C  C4  . NGA E 3 .   ? -2.785  -9.057  11.167  0.500 18.939 0 204 NGA A C4  1 ? 
HETATM 993  C  C5  . NGA E 3 .   ? -2.269  -10.173 12.072  0.500 19.961 0 204 NGA A C5  1 ? 
HETATM 994  C  C6  . NGA E 3 .   ? -0.966  -10.794 11.609  0.500 19.970 0 204 NGA A C6  1 ? 
HETATM 995  C  C7  . NGA E 3 .   ? -5.146  -6.397  14.519  0.500 30.666 0 204 NGA A C7  1 ? 
HETATM 996  C  C8  . NGA E 3 .   ? -6.433  -6.154  15.252  0.500 32.508 0 204 NGA A C8  1 ? 
HETATM 997  N  N2  . NGA E 3 .   ? -5.041  -7.567  13.869  0.500 25.340 0 204 NGA A N2  1 ? 
HETATM 998  O  O1  . NGA E 3 .   ? -2.798  -8.718  15.317  0.500 26.873 0 204 NGA A O1  1 ? 
HETATM 999  O  O3  . NGA E 3 .   ? -4.593  -7.419  11.040  0.500 18.708 0 204 NGA A O3  1 ? 
HETATM 1000 O  O4  . NGA E 3 .   ? -1.812  -8.020  11.035  0.500 15.955 0 204 NGA A O4  1 ? 
HETATM 1001 O  O5  . NGA E 3 .   ? -2.003  -9.603  13.374  0.500 23.127 0 204 NGA A O5  1 ? 
HETATM 1002 O  O6  . NGA E 3 .   ? -0.590  -11.871 12.512  0.500 23.855 0 204 NGA A O6  1 ? 
HETATM 1003 O  O7  . NGA E 3 .   ? -4.244  -5.565  14.551  0.500 35.103 0 204 NGA A O7  1 ? 
HETATM 1004 O  O5  . A2G F 4 .   ? -1.942  -9.524  13.375  0.500 20.267 0 205 A2G A O5  1 ? 
HETATM 1005 C  C1  . A2G F 4 .   ? -3.087  -9.054  14.061  0.500 21.523 0 205 A2G A C1  1 ? 
HETATM 1006 O  O1  . A2G F 4 .   ? -3.918  -10.141 14.317  0.500 21.210 0 205 A2G A O1  1 ? 
HETATM 1007 C  C2  . A2G F 4 .   ? -3.808  -7.996  13.226  0.500 21.333 0 205 A2G A C2  1 ? 
HETATM 1008 N  N2  . A2G F 4 .   ? -5.013  -7.550  13.896  0.500 20.620 0 205 A2G A N2  1 ? 
HETATM 1009 C  C3  . A2G F 4 .   ? -4.065  -8.509  11.807  0.500 18.921 0 205 A2G A C3  1 ? 
HETATM 1010 O  O3  . A2G F 4 .   ? -4.599  -7.433  11.038  0.500 18.234 0 205 A2G A O3  1 ? 
HETATM 1011 C  C4  . A2G F 4 .   ? -2.795  -9.075  11.185  0.500 18.145 0 205 A2G A C4  1 ? 
HETATM 1012 O  O4  . A2G F 4 .   ? -1.821  -8.043  11.033  0.500 16.454 0 205 A2G A O4  1 ? 
HETATM 1013 C  C5  . A2G F 4 .   ? -2.269  -10.160 12.118  0.500 18.829 0 205 A2G A C5  1 ? 
HETATM 1014 C  C6  . A2G F 4 .   ? -0.998  -10.829 11.635  0.500 19.087 0 205 A2G A C6  1 ? 
HETATM 1015 O  O6  . A2G F 4 .   ? -0.614  -11.879 12.570  0.500 22.297 0 205 A2G A O6  1 ? 
HETATM 1016 C  C7  . A2G F 4 .   ? -5.096  -6.440  14.647  0.500 23.485 0 205 A2G A C7  1 ? 
HETATM 1017 O  O7  . A2G F 4 .   ? -4.144  -5.687  14.855  0.500 24.587 0 205 A2G A O7  1 ? 
HETATM 1018 C  C8  . A2G F 4 .   ? -6.427  -6.176  15.288  0.500 24.332 0 205 A2G A C8  1 ? 
HETATM 1019 O  O   . HOH G 5 .   ? 8.800   12.901  -6.249  0.500 18.846 0 301 HOH A O   1 ? 
HETATM 1020 O  O   . HOH G 5 .   ? -3.253  9.551   -2.205  0.500 23.097 0 302 HOH A O   1 ? 
HETATM 1021 O  O   . HOH G 5 .   ? -13.929 15.110  -5.201  1.000 37.059 0 303 HOH A O   1 ? 
HETATM 1022 O  O   . HOH G 5 .   ? -0.502  -12.718 -3.862  1.000 29.373 0 304 HOH A O   1 ? 
HETATM 1023 O  O   . HOH G 5 .   ? 14.044  7.913   -0.973  1.000 44.777 0 305 HOH A O   1 ? 
HETATM 1024 O  O   . HOH G 5 .   ? 0.176   -12.143 3.625   1.000 25.202 0 306 HOH A O   1 ? 
HETATM 1025 O  O   . HOH G 5 .   ? 9.503   16.945  8.102   1.000 45.566 0 307 HOH A O   1 ? 
HETATM 1026 O  O   . HOH G 5 .   ? -6.882  14.764  0.642   1.000 37.938 0 308 HOH A O   1 ? 
HETATM 1027 O  O   A HOH G 5 .   ? -4.910  -3.178  14.878  0.500 37.177 0 309 HOH A O   1 ? 
HETATM 1028 O  O   B HOH G 5 .   ? -3.783  -1.502  15.291  0.500 21.729 0 309 HOH A O   1 ? 
HETATM 1029 O  O   . HOH G 5 .   ? -3.851  -7.910  -6.829  1.000 28.843 0 310 HOH A O   1 ? 
HETATM 1030 O  O   . HOH G 5 .   ? 11.885  -8.343  -8.101  1.000 30.703 0 311 HOH A O   1 ? 
HETATM 1031 O  O   . HOH G 5 .   ? 10.826  -1.954  -14.203 1.000 41.012 0 312 HOH A O   1 ? 
HETATM 1032 O  O   . HOH G 5 .   ? 0.048   -11.439 14.991  1.000 23.380 0 313 HOH A O   1 ? 
HETATM 1033 O  O   . HOH G 5 .   ? 3.016   13.224  -2.013  1.000 37.139 0 314 HOH A O   1 ? 
HETATM 1034 O  O   . HOH G 5 .   ? -10.965 20.144  -8.479  1.000 41.400 0 315 HOH A O   1 ? 
HETATM 1035 O  O   . HOH G 5 .   ? 18.472  2.281   -7.694  1.000 24.390 0 316 HOH A O   1 ? 
HETATM 1036 O  O   . HOH G 5 .   ? 13.753  2.957   -9.725  1.000 32.899 0 317 HOH A O   1 ? 
HETATM 1037 O  O   . HOH G 5 .   ? -10.090 -8.539  13.153  1.000 35.924 0 318 HOH A O   1 ? 
HETATM 1038 O  O   . HOH G 5 .   ? 2.091   15.310  1.903   1.000 33.308 0 319 HOH A O   1 ? 
HETATM 1039 O  O   . HOH G 5 .   ? -12.979 -11.494 5.932   1.000 39.378 0 320 HOH A O   1 ? 
HETATM 1040 O  O   . HOH G 5 .   ? -9.724  -15.117 0.241   1.000 36.043 0 321 HOH A O   1 ? 
HETATM 1041 O  O   . HOH G 5 .   ? 4.036   -16.731 -1.016  1.000 35.856 0 322 HOH A O   1 ? 
HETATM 1042 O  O   . HOH G 5 .   ? 3.129   10.314  9.986   1.000 23.939 0 323 HOH A O   1 ? 
HETATM 1043 O  O   . HOH G 5 .   ? 0.654   7.442   14.194  1.000 42.594 0 324 HOH A O   1 ? 
HETATM 1044 O  O   . HOH G 5 .   ? 11.289  -2.939  8.131   1.000 14.442 0 325 HOH A O   1 ? 
HETATM 1045 O  O   . HOH G 5 .   ? 3.826   -12.101 -6.749  1.000 34.061 0 326 HOH A O   1 ? 
HETATM 1046 O  O   . HOH G 5 .   ? 9.786   8.981   7.010   1.000 37.513 0 327 HOH A O   1 ? 
HETATM 1047 O  O   . HOH G 5 .   ? 12.071  2.321   -12.008 1.000 30.206 0 328 HOH A O   1 ? 
HETATM 1048 O  O   . HOH G 5 .   ? 3.233   0.318   18.696  1.000 28.836 0 329 HOH A O   1 ? 
HETATM 1049 O  O   . HOH G 5 .   ? -20.795 0.987   1.716   1.000 36.573 0 330 HOH A O   1 ? 
HETATM 1050 O  O   . HOH G 5 .   ? 3.501   14.172  4.131   1.000 37.697 0 331 HOH A O   1 ? 
HETATM 1051 O  O   . HOH G 5 .   ? -0.587  10.796  -6.923  1.000 18.960 0 332 HOH A O   1 ? 
HETATM 1052 O  O   . HOH G 5 .   ? -7.655  18.715  -1.712  1.000 46.329 0 333 HOH A O   1 ? 
HETATM 1053 O  O   . HOH G 5 .   ? -2.795  -8.292  -4.513  1.000 20.764 0 334 HOH A O   1 ? 
HETATM 1054 O  O   . HOH G 5 .   ? -14.304 2.408   -0.323  1.000 34.686 0 335 HOH A O   1 ? 
HETATM 1055 O  O   . HOH G 5 .   ? 7.429   -10.954 -0.002  1.000 23.021 0 336 HOH A O   1 ? 
HETATM 1056 O  O   . HOH G 5 .   ? 6.067   -14.293 -0.098  1.000 51.304 0 337 HOH A O   1 ? 
HETATM 1057 O  O   . HOH G 5 .   ? -10.535 -2.172  8.621   1.000 23.099 0 338 HOH A O   1 ? 
HETATM 1058 O  O   . HOH G 5 .   ? 9.213   1.810   17.720  1.000 24.314 0 339 HOH A O   1 ? 
HETATM 1059 O  O   . HOH G 5 .   ? -0.752  8.630   -15.618 1.000 33.401 0 340 HOH A O   1 ? 
HETATM 1060 O  O   . HOH G 5 .   ? 8.369   9.058   13.638  1.000 34.973 0 341 HOH A O   1 ? 
HETATM 1061 O  O   . HOH G 5 .   ? -0.374  -2.416  -8.601  1.000 14.146 0 342 HOH A O   1 ? 
HETATM 1062 O  O   . HOH G 5 .   ? 11.242  4.766   2.249   1.000 35.755 0 343 HOH A O   1 ? 
HETATM 1063 O  O   . HOH G 5 .   ? 6.747   8.333   -5.506  1.000 16.136 0 344 HOH A O   1 ? 
HETATM 1064 O  O   . HOH G 5 .   ? 9.918   -6.741  -10.850 1.000 19.769 0 345 HOH A O   1 ? 
HETATM 1065 O  O   . HOH G 5 .   ? 6.278   -6.119  -17.916 1.000 17.980 0 346 HOH A O   1 ? 
HETATM 1066 O  O   . HOH G 5 .   ? 3.021   -16.810 3.311   1.000 36.232 0 347 HOH A O   1 ? 
HETATM 1067 O  O   A HOH G 5 .   ? -1.136  -14.529 12.885  0.500 22.789 0 348 HOH A O   1 ? 
HETATM 1068 O  O   B HOH G 5 .   ? -2.388  -14.070 13.625  0.500 20.942 0 348 HOH A O   1 ? 
HETATM 1069 O  O   . HOH G 5 .   ? 2.115   7.312   1.292   1.000 13.985 0 349 HOH A O   1 ? 
HETATM 1070 O  O   . HOH G 5 .   ? 1.428   -10.588 -0.362  1.000 21.168 0 350 HOH A O   1 ? 
HETATM 1071 O  O   . HOH G 5 .   ? 5.206   5.713   16.016  1.000 41.335 0 351 HOH A O   1 ? 
HETATM 1072 O  O   . HOH G 5 .   ? 11.827  6.765   9.431   1.000 20.999 0 352 HOH A O   1 ? 
HETATM 1073 O  O   . HOH G 5 .   ? 16.079  -4.977  -8.013  1.000 34.142 0 353 HOH A O   1 ? 
HETATM 1074 O  O   . HOH G 5 .   ? 3.283   2.358   -13.258 1.000 20.213 0 354 HOH A O   1 ? 
HETATM 1075 O  O   . HOH G 5 .   ? -8.741  -6.166  -6.199  1.000 30.342 0 355 HOH A O   1 ? 
HETATM 1076 O  O   . HOH G 5 .   ? 3.530   -11.073 -9.459  1.000 25.202 0 356 HOH A O   1 ? 
HETATM 1077 O  O   . HOH G 5 .   ? -1.216  -4.276  17.620  1.000 26.225 0 357 HOH A O   1 ? 
HETATM 1078 O  O   . HOH G 5 .   ? -10.578 -11.252 2.843   1.000 25.593 0 358 HOH A O   1 ? 
HETATM 1079 O  O   . HOH G 5 .   ? -0.583  -7.877  17.253  1.000 19.779 0 359 HOH A O   1 ? 
HETATM 1080 O  O   . HOH G 5 .   ? 6.850   -14.717 5.155   1.000 24.525 0 360 HOH A O   1 ? 
HETATM 1081 O  O   . HOH G 5 .   ? 4.862   7.164   -12.377 1.000 26.115 0 361 HOH A O   1 ? 
HETATM 1082 O  O   . HOH G 5 .   ? -6.175  7.826   -10.554 1.000 36.386 0 362 HOH A O   1 ? 
HETATM 1083 O  O   . HOH G 5 .   ? 7.526   -7.808  -12.185 1.000 24.316 0 363 HOH A O   1 ? 
HETATM 1084 O  O   . HOH G 5 .   ? -8.659  0.419   -8.337  1.000 37.216 0 364 HOH A O   1 ? 
HETATM 1085 O  O   . HOH G 5 .   ? -7.827  -1.911  15.346  1.000 30.376 0 365 HOH A O   1 ? 
HETATM 1086 O  O   . HOH G 5 .   ? -3.473  -3.396  -15.134 1.000 30.447 0 366 HOH A O   1 ? 
HETATM 1087 O  O   . HOH G 5 .   ? -8.685  -10.241 9.780   1.000 25.375 0 367 HOH A O   1 ? 
HETATM 1088 O  O   . HOH G 5 .   ? 10.368  6.456   4.506   1.000 27.547 0 368 HOH A O   1 ? 
HETATM 1089 O  O   . HOH G 5 .   ? -7.059  -9.454  14.098  1.000 32.710 0 369 HOH A O   1 ? 
HETATM 1090 O  O   . HOH G 5 .   ? 6.794   -10.290 -7.762  1.000 36.348 0 370 HOH A O   1 ? 
HETATM 1091 O  O   . HOH G 5 .   ? -1.039  11.383  9.018   1.000 37.959 0 371 HOH A O   1 ? 
HETATM 1092 O  O   . HOH G 5 .   ? 6.382   0.975   20.386  1.000 24.343 0 372 HOH A O   1 ? 
HETATM 1093 O  O   . HOH G 5 .   ? 1.706   7.385   -11.678 1.000 28.061 0 373 HOH A O   1 ? 
HETATM 1094 O  O   . HOH G 5 .   ? 1.866   -16.952 0.855   1.000 34.993 0 374 HOH A O   1 ? 
HETATM 1095 O  O   . HOH G 5 .   ? 6.450   -2.752  -16.985 1.000 24.760 0 375 HOH A O   1 ? 
HETATM 1096 O  O   . HOH G 5 .   ? -8.424  5.795   -8.105  1.000 36.268 0 376 HOH A O   1 ? 
HETATM 1097 O  O   . HOH G 5 .   ? -10.833 -4.991  5.621   1.000 32.056 0 377 HOH A O   1 ? 
HETATM 1098 O  O   . HOH G 5 .   ? -1.004  -3.552  -12.738 1.000 25.551 0 378 HOH A O   1 ? 
HETATM 1099 O  O   . HOH G 5 .   ? 4.162   -17.684 6.901   1.000 34.731 0 379 HOH A O   1 ? 
HETATM 1100 O  O   . HOH G 5 .   ? -6.961  -2.846  3.390   1.000 15.587 0 380 HOH A O   1 ? 
HETATM 1101 O  O   . HOH G 5 .   ? 13.571  -3.194  0.158   1.000 21.424 0 381 HOH A O   1 ? 
HETATM 1102 O  O   . HOH G 5 .   ? -6.608  -10.204 -8.650  1.000 34.447 0 382 HOH A O   1 ? 
HETATM 1103 O  O   . HOH G 5 .   ? 1.272   14.652  7.880   1.000 38.021 0 383 HOH A O   1 ? 
HETATM 1104 O  O   . HOH G 5 .   ? 12.838  -8.783  -3.393  1.000 29.226 0 384 HOH A O   1 ? 
HETATM 1105 O  O   . HOH G 5 .   ? 5.007   -9.476  -11.713 1.000 47.847 0 385 HOH A O   1 ? 
HETATM 1106 O  O   . HOH G 5 .   ? 14.633  5.263   -1.909  1.000 34.750 0 386 HOH A O   1 ? 
HETATM 1107 O  O   . HOH G 5 .   ? -14.782 1.991   -3.001  1.000 41.237 0 387 HOH A O   1 ? 
HETATM 1108 O  O   . HOH G 5 .   ? -1.480  -10.124 -17.605 1.000 39.502 0 388 HOH A O   1 ? 
HETATM 1109 O  O   . HOH G 5 .   ? -4.318  -9.671  -14.301 1.000 41.337 0 389 HOH A O   1 ? 
HETATM 1110 O  O   . HOH G 5 .   ? -2.871  -6.001  -12.810 1.000 27.901 0 390 HOH A O   1 ? 
HETATM 1111 O  O   . HOH G 5 .   ? 15.196  -5.053  -4.313  1.000 31.660 0 391 HOH A O   1 ? 
HETATM 1112 O  O   . HOH G 5 .   ? -7.900  -12.122 -7.123  1.000 34.410 0 392 HOH A O   1 ? 
HETATM 1113 O  O   . HOH G 5 .   ? 4.343   -6.265  21.362  1.000 19.727 0 393 HOH A O   1 ? 
HETATM 1114 O  O   . HOH G 5 .   ? -9.834  -8.412  -5.245  1.000 33.433 0 394 HOH A O   1 ? 
HETATM 1115 O  O   . HOH G 5 .   ? 6.983   16.177  1.647   1.000 35.123 0 395 HOH A O   1 ? 
HETATM 1116 O  O   . HOH G 5 .   ? -14.029 8.223   2.886   1.000 38.654 0 396 HOH A O   1 ? 
HETATM 1117 O  O   . HOH G 5 .   ? 0.151   -2.572  -18.004 1.000 27.308 0 397 HOH A O   1 ? 
HETATM 1118 O  O   . HOH G 5 .   ? -14.424 -0.039  7.124   1.000 25.599 0 398 HOH A O   1 ? 
HETATM 1119 O  O   . HOH G 5 .   ? 15.139  -3.442  -2.325  1.000 31.198 0 399 HOH A O   1 ? 
HETATM 1120 O  O   . HOH G 5 .   ? -0.945  -19.013 6.033   1.000 46.309 0 400 HOH A O   1 ? 
HETATM 1121 O  O   . HOH G 5 .   ? -1.999  5.686   15.313  1.000 45.630 0 401 HOH A O   1 ? 
HETATM 1122 O  O   . HOH G 5 .   ? 3.519   0.417   -15.209 1.000 28.642 0 402 HOH A O   1 ? 
HETATM 1123 O  O   . HOH G 5 .   ? 8.281   -13.550 -3.583  1.000 35.431 0 403 HOH A O   1 ? 
HETATM 1124 O  O   . HOH G 5 .   ? 19.332  2.849   -5.147  1.000 23.321 0 404 HOH A O   1 ? 
HETATM 1125 O  O   . HOH G 5 .   ? -6.094  3.641   10.185  1.000 26.007 0 405 HOH A O   1 ? 
HETATM 1126 O  O   . HOH G 5 .   ? -6.278  -11.575 12.480  1.000 42.241 0 406 HOH A O   1 ? 
HETATM 1127 O  O   . HOH G 5 .   ? 0.905   0.391   17.520  1.000 28.393 0 407 HOH A O   1 ? 
HETATM 1128 O  O   . HOH G 5 .   ? -11.245 10.105  4.462   1.000 37.384 0 408 HOH A O   1 ? 
HETATM 1129 O  O   . HOH G 5 .   ? 16.609  -0.144  0.169   1.000 31.770 0 409 HOH A O   1 ? 
HETATM 1130 O  O   . HOH G 5 .   ? -17.556 -1.260  -1.060  1.000 39.993 0 410 HOH A O   1 ? 
HETATM 1131 O  O   . HOH G 5 .   ? 6.618   -0.847  -13.839 1.000 27.961 0 411 HOH A O   1 ? 
HETATM 1132 O  O   . HOH G 5 .   ? 2.147   5.810   16.112  1.000 41.358 0 412 HOH A O   1 ? 
HETATM 1133 O  O   . HOH G 5 .   ? -4.292  7.592   9.071   1.000 28.599 0 413 HOH A O   1 ? 
HETATM 1134 O  O   A HOH G 5 .   ? -12.074 -0.215  -6.854  0.500 25.211 0 414 HOH A O   1 ? 
HETATM 1135 O  O   B HOH G 5 .   ? -12.556 -2.043  -7.739  0.500 30.512 0 414 HOH A O   1 ? 
HETATM 1136 O  O   . HOH G 5 .   ? -4.653  7.944   -6.359  1.000 23.158 0 415 HOH A O   1 ? 
HETATM 1137 O  O   . HOH G 5 .   ? -1.976  12.508  -10.637 1.000 22.707 0 416 HOH A O   1 ? 
HETATM 1138 O  O   . HOH G 5 .   ? -6.501  2.263   -15.159 1.000 38.484 0 417 HOH A O   1 ? 
HETATM 1139 O  O   . HOH G 5 .   ? -2.783  -13.882 4.904   1.000 29.517 0 418 HOH A O   1 ? 
HETATM 1140 O  O   . HOH G 5 .   ? -2.715  8.268   -3.908  0.500 26.147 0 419 HOH A O   1 ? 
HETATM 1141 O  O   . HOH G 5 .   ? 12.749  7.469   6.766   1.000 19.919 0 420 HOH A O   1 ? 
HETATM 1142 O  O   . HOH G 5 .   ? -6.367  5.759   7.728   1.000 30.686 0 421 HOH A O   1 ? 
HETATM 1143 O  O   . HOH G 5 .   ? -2.081  -11.351 16.707  1.000 33.683 0 422 HOH A O   1 ? 
HETATM 1144 O  O   . HOH G 5 .   ? -0.159  -17.910 -2.012  1.000 35.021 0 423 HOH A O   1 ? 
HETATM 1145 O  O   . HOH G 5 .   ? 5.392   4.058   17.641  1.000 34.607 0 424 HOH A O   1 ? 
HETATM 1146 O  O   . HOH G 5 .   ? -0.191  10.278  -13.799 1.000 37.653 0 425 HOH A O   1 ? 
HETATM 1147 O  O   . HOH G 5 .   ? 12.047  -6.439  -12.517 1.000 40.518 0 426 HOH A O   1 ? 
HETATM 1148 O  O   . HOH G 5 .   ? 14.339  5.836   8.550   1.000 17.863 0 427 HOH A O   1 ? 
HETATM 1149 O  O   . HOH G 5 .   ? -4.632  -3.832  -12.504 1.000 40.225 0 428 HOH A O   1 ? 
HETATM 1150 O  O   . HOH G 5 .   ? 14.095  7.062   -7.197  1.000 32.683 0 429 HOH A O   1 ? 
HETATM 1151 O  O   . HOH G 5 .   ? -7.997  19.392  -5.934  1.000 41.461 0 430 HOH A O   1 ? 
HETATM 1152 O  O   . HOH G 5 .   ? 3.128   13.075  9.504   1.000 38.006 0 431 HOH A O   1 ? 
HETATM 1153 O  O   . HOH G 5 .   ? -13.296 1.693   4.669   1.000 41.016 0 432 HOH A O   1 ? 
HETATM 1154 O  O   . HOH G 5 .   ? 11.047  5.297   -2.907  1.000 39.324 0 433 HOH A O   1 ? 
HETATM 1155 O  O   . HOH G 5 .   ? -2.882  12.188  -6.289  1.000 30.537 0 434 HOH A O   1 ? 
HETATM 1156 O  O   . HOH G 5 .   ? -5.957  -14.452 -9.026  1.000 40.832 0 435 HOH A O   1 ? 
HETATM 1157 O  O   . HOH G 5 .   ? 11.240  14.011  -3.856  1.000 15.253 0 436 HOH A O   1 ? 
HETATM 1158 O  O   . HOH G 5 .   ? 16.800  -0.880  -10.323 1.000 42.595 0 437 HOH A O   1 ? 
HETATM 1159 O  O   . HOH G 5 .   ? -12.873 -0.571  9.362   1.000 35.783 0 438 HOH A O   1 ? 
HETATM 1160 O  O   . HOH G 5 .   ? -9.334  -4.782  -8.184  1.000 39.070 0 439 HOH A O   1 ? 
HETATM 1161 O  O   . HOH G 5 .   ? -0.686  -5.980  19.894  1.000 32.486 0 440 HOH A O   1 ? 
HETATM 1162 O  O   . HOH G 5 .   ? 3.760   4.851   -14.264 1.000 28.047 0 441 HOH A O   1 ? 
HETATM 1163 O  O   . HOH G 5 .   ? -10.011 -1.870  -9.279  1.000 34.496 0 442 HOH A O   1 ? 
HETATM 1164 O  O   . HOH G 5 .   ? 19.120  -2.183  -8.551  1.000 37.711 0 443 HOH A O   1 ? 
HETATM 1165 O  O   . HOH G 5 .   ? 1.036   -4.957  22.010  1.000 30.282 0 444 HOH A O   1 ? 
HETATM 1166 O  O   . HOH G 5 .   ? -8.053  -13.541 9.787   1.000 40.109 0 445 HOH A O   1 ? 
HETATM 1167 O  O   . HOH G 5 .   ? -5.610  7.377   11.654  1.000 40.051 0 446 HOH A O   1 ? 
HETATM 1168 O  O   A HOH G 5 .   ? 17.087  3.704   -1.490  0.500 21.132 0 447 HOH A O   1 ? 
HETATM 1169 O  O   B HOH G 5 .   ? 16.511  1.581   -3.709  0.500 23.160 0 447 HOH A O   1 ? 
HETATM 1170 O  O   . HOH G 5 .   ? -1.283  -16.940 10.981  1.000 37.807 0 448 HOH A O   1 ? 
HETATM 1171 O  O   . HOH G 5 .   ? 1.143   -19.659 1.315   1.000 39.860 0 449 HOH A O   1 ? 
HETATM 1172 O  O   . HOH G 5 .   ? -0.698  -1.738  18.557  1.000 33.951 0 450 HOH A O   1 ? 
HETATM 1173 O  O   . HOH G 5 .   ? 13.152  5.591   -9.118  1.000 33.190 0 451 HOH A O   1 ? 
HETATM 1174 O  O   . HOH G 5 .   ? 3.572   14.774  -0.040  1.000 35.051 0 452 HOH A O   1 ? 
HETATM 1175 O  O   . HOH G 5 .   ? -7.355  7.335   -5.975  1.000 34.994 0 453 HOH A O   1 ? 
HETATM 1176 O  O   . HOH G 5 .   ? 1.365   9.983   -11.601 1.000 21.231 0 454 HOH A O   1 ? 
HETATM 1177 O  O   . HOH G 5 .   ? 3.553   2.986   19.502  1.000 42.189 0 455 HOH A O   1 ? 
HETATM 1178 O  O   . HOH G 5 .   ? 6.717   -15.282 2.368   0.500 43.997 0 456 HOH A O   1 ? 
HETATM 1179 O  O   . HOH G 5 .   ? -6.292  -15.220 9.105   1.000 34.654 0 457 HOH A O   1 ? 
HETATM 1180 O  O   . HOH G 5 .   ? 13.190  6.874   11.734  1.000 29.956 0 458 HOH A O   1 ? 
HETATM 1181 O  O   . HOH G 5 .   ? 15.390  4.965   10.969  1.000 31.698 0 459 HOH A O   1 ? 
HETATM 1182 O  O   . HOH G 5 .   ? -5.613  9.696   -8.700  1.000 36.479 0 460 HOH A O   1 ? 
HETATM 1183 O  O   . HOH G 5 .   ? -3.538  10.328  8.694   1.000 36.690 0 461 HOH A O   1 ? 
HETATM 1184 O  O   . HOH G 5 .   ? -4.047  12.238  -8.851  1.000 30.391 0 462 HOH A O   1 ? 
HETATM 1185 O  O   . HOH G 5 .   ? 13.733  -9.203  -6.029  1.000 36.930 0 463 HOH A O   1 ? 
HETATM 1186 O  O   . HOH G 5 .   ? 11.893  7.266   15.994  1.000 34.720 0 464 HOH A O   1 ? 
HETATM 1187 O  O   A HOH G 5 .   ? -6.262  18.868  -4.532  0.500 34.830 0 465 HOH A O   1 ? 
HETATM 1188 O  O   B HOH G 5 .   ? -4.268  18.804  -4.172  0.500 27.544 0 465 HOH A O   1 ? 
HETATM 1189 O  O   . HOH G 5 .   ? -2.020  14.610  -12.418 1.000 29.234 0 466 HOH A O   1 ? 
HETATM 1190 O  O   . HOH G 5 .   ? 17.174  2.241   0.958   1.000 35.336 0 467 HOH A O   1 ? 
HETATM 1191 O  O   . HOH G 5 .   ? -6.842  8.248   -13.046 1.000 39.461 0 468 HOH A O   1 ? 
HETATM 1192 O  O   . HOH G 5 .   ? -11.023 17.167  -10.316 1.000 30.680 0 469 HOH A O   1 ? 
HETATM 1193 O  O   . HOH G 5 .   ? -3.961  -15.411 6.999   1.000 30.105 0 470 HOH A O   1 ? 
HETATM 1194 O  O   . HOH G 5 .   ? -10.107 -13.965 3.037   1.000 38.506 0 471 HOH A O   1 ? 
# 
